data_5EJK
#
_entry.id   5EJK
#
_cell.length_a   124.936
_cell.length_b   157.854
_cell.length_c   126.583
_cell.angle_alpha   90.00
_cell.angle_beta   110.94
_cell.angle_gamma   90.00
#
_symmetry.space_group_name_H-M   'P 1 21 1'
#
loop_
_entity.id
_entity.type
_entity.pdbx_description
1 polymer 'Gag-Pro-Pol polyprotein'
2 polymer 'RSV Integrase'
3 polymer "DNA (5'-D(*AP*AP*TP*GP*TP*TP*GP*TP*CP*TP*TP*AP*TP*GP*CP*AP*AP*TP*AP*CP*TP*C)-3')"
4 polymer "DNA (5'-D(*CP*TP*TP*CP*TP*CP*TP*C)-3')"
5 polymer "DNA (5'-D(*AP*GP*TP*GP*TP*CP*TP*T)-3')"
6 non-polymer 'ZINC ION'
7 non-polymer 'TUNGSTEN ION'
#
loop_
_entity_poly.entity_id
_entity_poly.type
_entity_poly.pdbx_seq_one_letter_code
_entity_poly.pdbx_strand_id
1 'polypeptide(L)'
;PLREAKDLHTALHIGPRALSKASNIS(MSE)QQAREVVQTCPHCNSAPALEAGVNPRGLGPLQIWQTDFTLEPR(MSE)A
PRSWLAVTVDTASSAIVVTQHGRVTSVAVQHHWATAIAV(MSE)GRPKAIKTDNGSCFTSKSTREW(MSE)ARWGIAHTT
GIPGNSQGQA(MSE)VERANR(MSE)(MSE)KDKIRVLAEGDGF(MSE)KRIPTSKQGE(MSE)(MSE)AKA(MSE)YAL
NHFERGENTKTPIQKHWRPTVLTEGPPVKIRIETGEWEKGWNVLVWGRGYAAVKNRDTDKVIWVPSRKVKPDIT
;
A,B,C,D,E,F,G,H
2 'polydeoxyribonucleotide'
;(DG)(DA)(DG)(DT)(DA)(DT)(DT)(DG)(DC)(DA)(DT)(DA)(DA)(DG)(DA)(DC)(DA)(DA)(DC)(DA)
(DG)(DT)(DG)(DC)(DA)(DC)(DG)(DA)(DA)(DA)(DG)(DA)(DA)(DG)(DA)(DA)(DG)(DA)(DC)(DA)
(DC)(DT)
;
I,L
3 'polydeoxyribonucleotide'
;(DA)(DA)(DT)(DG)(DT)(DT)(DG)(DT)(DC)(DT)(DT)(DA)(DT)(DG)(DC)(DA)(DA)(DT)(DA)(DC)
(DT)(DC)
;
J,M
4 'polydeoxyribonucleotide' (DC)(DT)(DT)(DC)(DT)(DT)(DT)(DC) K,N
5 'polydeoxyribonucleotide' (DA)(DG)(DT)(DG)(DT)(DC)(DT)(DT) k,n
#
loop_
_chem_comp.id
_chem_comp.type
_chem_comp.name
_chem_comp.formula
DA DNA linking 2'-DEOXYADENOSINE-5'-MONOPHOSPHATE 'C10 H14 N5 O6 P'
DC DNA linking 2'-DEOXYCYTIDINE-5'-MONOPHOSPHATE 'C9 H14 N3 O7 P'
DG DNA linking 2'-DEOXYGUANOSINE-5'-MONOPHOSPHATE 'C10 H14 N5 O7 P'
DT DNA linking THYMIDINE-5'-MONOPHOSPHATE 'C10 H15 N2 O8 P'
W non-polymer 'TUNGSTEN ION' 'W 6'
ZN non-polymer 'ZINC ION' 'Zn 2'
#
# COMPACT_ATOMS: atom_id res chain seq x y z
N PRO A 1 38.58 15.25 -12.88
CA PRO A 1 37.49 14.73 -13.68
C PRO A 1 36.10 15.14 -13.20
N LEU A 2 36.01 16.29 -12.53
CA LEU A 2 34.72 16.77 -12.03
C LEU A 2 33.79 17.17 -13.17
N ARG A 3 34.33 17.85 -14.18
CA ARG A 3 33.51 18.26 -15.31
C ARG A 3 33.16 17.07 -16.19
N GLU A 4 34.10 16.14 -16.40
CA GLU A 4 33.78 14.97 -17.20
C GLU A 4 32.61 14.20 -16.57
N ALA A 5 32.66 14.01 -15.25
CA ALA A 5 31.59 13.29 -14.57
C ALA A 5 30.28 14.08 -14.65
N LYS A 6 30.35 15.40 -14.49
CA LYS A 6 29.15 16.21 -14.58
C LYS A 6 28.53 16.10 -15.96
N ASP A 7 29.35 16.10 -17.02
CA ASP A 7 28.84 15.99 -18.37
C ASP A 7 28.18 14.63 -18.56
N LEU A 8 28.83 13.57 -18.07
CA LEU A 8 28.25 12.23 -18.18
C LEU A 8 26.87 12.20 -17.54
N HIS A 9 26.73 12.77 -16.33
CA HIS A 9 25.41 12.75 -15.71
C HIS A 9 24.43 13.64 -16.46
N THR A 10 24.90 14.78 -16.99
CA THR A 10 24.02 15.65 -17.74
C THR A 10 23.34 14.90 -18.87
N ALA A 11 24.12 14.14 -19.65
CA ALA A 11 23.52 13.41 -20.76
C ALA A 11 22.79 12.14 -20.33
N LEU A 12 23.46 11.23 -19.60
CA LEU A 12 22.84 9.97 -19.22
C LEU A 12 22.27 9.90 -17.81
N HIS A 13 22.59 10.85 -16.93
CA HIS A 13 22.10 10.85 -15.55
C HIS A 13 22.50 9.55 -14.85
N ILE A 14 23.76 9.19 -15.02
CA ILE A 14 24.34 7.99 -14.44
C ILE A 14 24.41 8.15 -12.92
N GLY A 15 24.13 7.07 -12.18
CA GLY A 15 24.17 7.14 -10.74
C GLY A 15 25.55 7.45 -10.19
N PRO A 16 25.62 7.79 -8.90
CA PRO A 16 26.93 8.16 -8.34
C PRO A 16 27.98 7.05 -8.28
N ARG A 17 27.59 5.80 -8.00
CA ARG A 17 28.57 4.73 -7.93
C ARG A 17 29.29 4.54 -9.26
N ALA A 18 28.53 4.56 -10.36
CA ALA A 18 29.08 4.40 -11.70
C ALA A 18 29.99 5.56 -12.08
N LEU A 19 29.59 6.79 -11.78
CA LEU A 19 30.45 7.92 -12.15
C LEU A 19 31.70 7.94 -11.29
N SER A 20 31.58 7.57 -10.02
CA SER A 20 32.73 7.53 -9.14
C SER A 20 33.76 6.53 -9.64
N LYS A 21 33.30 5.36 -10.07
CA LYS A 21 34.21 4.34 -10.56
C LYS A 21 34.77 4.69 -11.94
N ALA A 22 33.88 5.11 -12.85
CA ALA A 22 34.27 5.44 -14.22
C ALA A 22 35.26 6.60 -14.29
N SER A 23 35.04 7.66 -13.53
CA SER A 23 35.92 8.82 -13.61
C SER A 23 36.88 8.95 -12.43
N ASN A 24 36.99 7.91 -11.59
CA ASN A 24 37.90 7.88 -10.44
C ASN A 24 37.69 9.07 -9.50
N ILE A 25 36.45 9.26 -9.09
CA ILE A 25 36.08 10.34 -8.18
C ILE A 25 35.65 9.71 -6.85
N SER A 26 35.99 10.38 -5.75
CA SER A 26 35.59 9.88 -4.44
C SER A 26 34.07 9.96 -4.28
N MSE A 27 33.56 9.25 -3.29
CA MSE A 27 32.12 9.08 -3.12
C MSE A 27 31.37 10.39 -2.84
O MSE A 27 30.35 10.67 -3.47
CB MSE A 27 31.82 8.09 -1.99
CG MSE A 27 31.33 6.74 -2.48
SE MSE A 27 29.68 6.87 -3.51
CE MSE A 27 28.58 5.60 -2.50
N GLN A 28 31.89 11.20 -1.91
CA GLN A 28 31.21 12.43 -1.53
C GLN A 28 31.00 13.35 -2.73
N GLN A 29 32.00 13.43 -3.61
CA GLN A 29 31.88 14.31 -4.78
C GLN A 29 30.83 13.77 -5.76
N ALA A 30 30.95 12.49 -6.15
CA ALA A 30 29.97 11.92 -7.08
C ALA A 30 28.56 12.10 -6.53
N ARG A 31 28.39 11.86 -5.23
CA ARG A 31 27.06 12.00 -4.65
C ARG A 31 26.64 13.45 -4.73
N GLU A 32 27.59 14.38 -4.56
CA GLU A 32 27.24 15.79 -4.66
C GLU A 32 26.78 16.11 -6.07
N VAL A 33 27.36 15.45 -7.07
CA VAL A 33 26.96 15.69 -8.45
C VAL A 33 25.52 15.22 -8.65
N VAL A 34 25.18 14.03 -8.14
CA VAL A 34 23.80 13.57 -8.30
C VAL A 34 22.83 14.48 -7.54
N GLN A 35 23.26 14.97 -6.38
CA GLN A 35 22.43 15.87 -5.57
C GLN A 35 22.17 17.18 -6.30
N THR A 36 23.24 17.80 -6.84
CA THR A 36 23.17 19.07 -7.56
C THR A 36 22.32 19.00 -8.84
N CYS A 37 21.88 17.82 -9.23
CA CYS A 37 21.10 17.82 -10.45
C CYS A 37 19.63 18.04 -10.12
N PRO A 38 18.95 18.93 -10.85
CA PRO A 38 17.54 19.19 -10.54
C PRO A 38 16.56 18.11 -10.94
N HIS A 39 16.73 17.49 -12.11
CA HIS A 39 15.80 16.47 -12.56
C HIS A 39 16.05 15.12 -11.90
N CYS A 40 17.14 14.98 -11.15
CA CYS A 40 17.39 13.81 -10.32
C CYS A 40 17.15 14.08 -8.84
N ASN A 41 16.26 15.01 -8.52
CA ASN A 41 15.97 15.35 -7.13
C ASN A 41 15.49 14.11 -6.38
N SER A 42 16.26 13.70 -5.38
CA SER A 42 16.06 12.40 -4.74
C SER A 42 14.68 12.16 -4.10
N ALA A 43 14.11 13.08 -3.31
CA ALA A 43 14.72 14.33 -2.84
C ALA A 43 15.67 14.09 -1.64
N PRO A 44 15.23 13.30 -0.63
CA PRO A 44 13.94 12.73 -0.23
C PRO A 44 13.42 13.32 1.08
N ALA A 45 13.71 14.60 1.33
CA ALA A 45 13.50 15.21 2.64
C ALA A 45 12.01 15.45 2.88
N LEU A 46 11.38 14.52 3.59
CA LEU A 46 10.04 14.70 4.13
C LEU A 46 10.14 14.60 5.65
N GLU A 47 9.87 15.72 6.34
CA GLU A 47 10.02 15.76 7.79
C GLU A 47 9.18 14.68 8.45
N ALA A 48 9.85 13.71 9.09
CA ALA A 48 9.17 12.57 9.67
C ALA A 48 8.62 12.84 11.06
N GLY A 49 8.97 13.97 11.68
CA GLY A 49 8.41 14.28 12.98
C GLY A 49 6.92 14.56 12.92
N VAL A 50 6.13 13.62 13.45
CA VAL A 50 4.68 13.68 13.36
C VAL A 50 4.09 13.06 14.64
N ASN A 51 3.37 13.86 15.42
CA ASN A 51 3.01 13.49 16.80
C ASN A 51 1.60 13.93 17.16
N PRO A 52 0.61 13.05 17.00
CA PRO A 52 -0.76 13.31 17.47
C PRO A 52 -1.06 12.78 18.87
N ARG A 53 -0.58 13.45 19.92
CA ARG A 53 -0.77 12.93 21.26
C ARG A 53 -1.11 14.06 22.22
N GLY A 54 -1.69 13.66 23.37
CA GLY A 54 -2.05 14.58 24.42
C GLY A 54 -1.40 14.18 25.74
N LEU A 55 -1.59 15.04 26.75
CA LEU A 55 -0.88 14.93 28.02
C LEU A 55 -1.68 14.18 29.08
N GLY A 56 -2.88 14.65 29.41
CA GLY A 56 -3.63 14.10 30.50
C GLY A 56 -4.97 13.52 30.09
N PRO A 57 -5.57 12.73 30.98
CA PRO A 57 -6.90 12.18 30.69
C PRO A 57 -7.93 13.29 30.57
N LEU A 58 -8.96 13.03 29.74
CA LEU A 58 -10.03 13.98 29.49
C LEU A 58 -9.52 15.31 28.94
N GLN A 59 -8.38 15.28 28.25
CA GLN A 59 -7.80 16.49 27.67
C GLN A 59 -7.85 16.52 26.16
N ILE A 60 -7.45 15.44 25.50
CA ILE A 60 -7.48 15.36 24.03
C ILE A 60 -8.17 14.05 23.64
N TRP A 61 -9.26 14.17 22.89
CA TRP A 61 -10.01 13.03 22.39
C TRP A 61 -9.94 12.99 20.88
N GLN A 62 -10.06 11.79 20.33
CA GLN A 62 -10.19 11.60 18.89
C GLN A 62 -11.51 10.89 18.60
N THR A 63 -12.18 11.32 17.53
CA THR A 63 -13.50 10.81 17.18
C THR A 63 -13.61 10.69 15.67
N ASP A 64 -14.03 9.51 15.20
CA ASP A 64 -14.29 9.33 13.78
C ASP A 64 -15.35 8.25 13.60
N PHE A 65 -15.98 8.27 12.43
CA PHE A 65 -16.96 7.27 12.04
C PHE A 65 -16.30 6.20 11.17
N THR A 66 -16.84 4.99 11.26
CA THR A 66 -16.38 3.89 10.42
C THR A 66 -17.57 2.97 10.17
N LEU A 67 -17.44 2.11 9.16
CA LEU A 67 -18.51 1.23 8.73
C LEU A 67 -18.19 -0.21 9.08
N GLU A 68 -19.13 -0.86 9.75
CA GLU A 68 -19.05 -2.30 10.02
C GLU A 68 -20.43 -2.90 9.75
N PRO A 69 -20.62 -3.54 8.60
CA PRO A 69 -21.97 -4.00 8.21
C PRO A 69 -22.56 -5.05 9.16
N ARG A 70 -21.78 -5.57 10.11
CA ARG A 70 -22.32 -6.53 11.07
C ARG A 70 -23.37 -5.91 11.99
N MSE A 71 -23.45 -4.59 12.05
CA MSE A 71 -24.38 -3.92 12.96
C MSE A 71 -25.56 -3.29 12.22
O MSE A 71 -26.33 -2.53 12.80
CB MSE A 71 -23.64 -2.85 13.77
CG MSE A 71 -22.33 -3.33 14.37
SE MSE A 71 -22.59 -4.58 15.84
CE MSE A 71 -23.51 -3.40 17.07
N ALA A 72 -25.67 -3.60 10.93
CA ALA A 72 -26.75 -3.07 10.08
C ALA A 72 -28.13 -3.34 10.68
N PRO A 73 -29.09 -2.44 10.44
CA PRO A 73 -29.02 -1.21 9.63
C PRO A 73 -28.38 -0.03 10.36
N ARG A 74 -27.97 -0.24 11.62
CA ARG A 74 -27.27 0.76 12.40
C ARG A 74 -25.76 0.57 12.34
N SER A 75 -25.26 0.12 11.20
CA SER A 75 -23.86 -0.29 11.04
C SER A 75 -22.86 0.84 11.24
N TRP A 76 -23.30 2.09 11.34
CA TRP A 76 -22.37 3.20 11.48
C TRP A 76 -21.81 3.23 12.90
N LEU A 77 -20.52 2.99 13.04
CA LEU A 77 -19.87 2.97 14.34
C LEU A 77 -19.14 4.29 14.57
N ALA A 78 -19.49 4.99 15.65
CA ALA A 78 -18.83 6.21 16.07
C ALA A 78 -17.83 5.85 17.16
N VAL A 79 -16.55 6.16 16.93
CA VAL A 79 -15.47 5.80 17.82
C VAL A 79 -14.85 7.06 18.39
N THR A 80 -14.59 7.04 19.70
CA THR A 80 -13.94 8.15 20.40
C THR A 80 -12.99 7.56 21.43
N VAL A 81 -11.72 7.94 21.37
CA VAL A 81 -10.71 7.45 22.29
C VAL A 81 -10.01 8.62 22.95
N ASP A 82 -9.58 8.42 24.19
CA ASP A 82 -8.79 9.39 24.93
C ASP A 82 -7.31 9.14 24.65
N THR A 83 -6.63 10.14 24.10
CA THR A 83 -5.26 9.96 23.66
C THR A 83 -4.31 9.62 24.80
N ALA A 84 -4.65 9.96 26.04
CA ALA A 84 -3.77 9.72 27.17
C ALA A 84 -4.03 8.37 27.83
N SER A 85 -5.29 7.98 28.00
CA SER A 85 -5.64 6.74 28.67
C SER A 85 -5.94 5.59 27.70
N SER A 86 -6.06 5.87 26.41
CA SER A 86 -6.35 4.85 25.39
C SER A 86 -7.64 4.10 25.69
N ALA A 87 -8.63 4.77 26.28
CA ALA A 87 -9.91 4.17 26.58
C ALA A 87 -10.88 4.45 25.44
N ILE A 88 -11.45 3.39 24.86
CA ILE A 88 -12.27 3.48 23.66
C ILE A 88 -13.74 3.49 24.05
N VAL A 89 -14.52 4.29 23.35
CA VAL A 89 -15.98 4.34 23.49
C VAL A 89 -16.59 4.42 22.10
N VAL A 90 -17.49 3.49 21.78
CA VAL A 90 -18.11 3.40 20.47
C VAL A 90 -19.62 3.33 20.63
N THR A 91 -20.34 3.96 19.71
CA THR A 91 -21.79 3.91 19.69
C THR A 91 -22.28 3.66 18.27
N GLN A 92 -23.37 2.91 18.15
CA GLN A 92 -23.91 2.56 16.84
C GLN A 92 -25.01 3.53 16.44
N HIS A 93 -25.08 3.79 15.14
CA HIS A 93 -26.04 4.72 14.56
C HIS A 93 -26.34 4.30 13.13
N GLY A 94 -27.57 4.58 12.69
CA GLY A 94 -27.96 4.19 11.35
C GLY A 94 -27.39 5.07 10.26
N ARG A 95 -27.30 6.37 10.53
CA ARG A 95 -26.78 7.34 9.56
C ARG A 95 -25.97 8.39 10.30
N VAL A 96 -24.91 8.86 9.64
CA VAL A 96 -23.98 9.80 10.24
C VAL A 96 -24.60 11.19 10.19
N THR A 97 -25.07 11.67 11.34
CA THR A 97 -25.64 13.01 11.47
C THR A 97 -24.98 13.74 12.62
N SER A 98 -25.12 15.07 12.62
CA SER A 98 -24.62 15.86 13.74
C SER A 98 -25.31 15.47 15.04
N VAL A 99 -26.59 15.11 14.96
CA VAL A 99 -27.32 14.64 16.14
C VAL A 99 -26.71 13.34 16.64
N ALA A 100 -26.29 12.47 15.71
CA ALA A 100 -25.64 11.22 16.12
C ALA A 100 -24.29 11.50 16.77
N VAL A 101 -23.57 12.51 16.28
CA VAL A 101 -22.29 12.88 16.88
C VAL A 101 -22.51 13.39 18.29
N GLN A 102 -23.53 14.24 18.49
CA GLN A 102 -23.81 14.77 19.82
C GLN A 102 -24.30 13.68 20.76
N HIS A 103 -25.01 12.68 20.24
CA HIS A 103 -25.41 11.55 21.06
C HIS A 103 -24.20 10.73 21.48
N HIS A 104 -23.30 10.45 20.52
CA HIS A 104 -22.10 9.68 20.83
C HIS A 104 -21.24 10.40 21.87
N TRP A 105 -20.89 11.65 21.60
CA TRP A 105 -20.12 12.43 22.57
C TRP A 105 -20.86 12.55 23.90
N ALA A 106 -22.19 12.58 23.86
CA ALA A 106 -22.95 12.62 25.11
C ALA A 106 -22.74 11.35 25.91
N THR A 107 -22.69 10.19 25.25
CA THR A 107 -22.47 8.94 25.96
C THR A 107 -21.03 8.84 26.46
N ALA A 108 -20.06 9.15 25.58
CA ALA A 108 -18.66 9.09 25.98
C ALA A 108 -18.37 10.04 27.13
N ILE A 109 -19.06 11.18 27.18
CA ILE A 109 -18.95 12.07 28.34
C ILE A 109 -19.64 11.44 29.55
N ALA A 110 -20.79 10.80 29.33
CA ALA A 110 -21.50 10.17 30.43
C ALA A 110 -20.71 9.03 31.05
N VAL A 111 -19.71 8.51 30.35
CA VAL A 111 -18.87 7.44 30.87
C VAL A 111 -17.53 7.96 31.39
N MSE A 112 -16.81 8.73 30.57
CA MSE A 112 -15.47 9.15 30.90
C MSE A 112 -15.40 10.54 31.53
O MSE A 112 -14.52 10.82 32.33
CB MSE A 112 -14.59 9.12 29.64
CG MSE A 112 -14.80 7.88 28.78
SE MSE A 112 -13.67 7.87 27.20
CE MSE A 112 -11.95 8.00 28.09
N GLY A 113 -16.34 11.40 31.15
CA GLY A 113 -16.41 12.76 31.65
C GLY A 113 -16.25 13.77 30.53
N ARG A 114 -16.33 15.04 30.91
CA ARG A 114 -16.25 16.12 29.95
C ARG A 114 -14.80 16.31 29.51
N PRO A 115 -14.49 16.22 28.23
CA PRO A 115 -13.11 16.42 27.76
C PRO A 115 -12.81 17.89 27.50
N LYS A 116 -11.51 18.18 27.48
CA LYS A 116 -11.08 19.55 27.22
C LYS A 116 -11.12 19.88 25.73
N ALA A 117 -10.75 18.92 24.88
CA ALA A 117 -10.66 19.16 23.45
C ALA A 117 -10.92 17.85 22.70
N ILE A 118 -11.47 17.98 21.50
CA ILE A 118 -11.74 16.84 20.63
C ILE A 118 -11.20 17.18 19.24
N LYS A 119 -10.42 16.26 18.67
CA LYS A 119 -9.84 16.42 17.35
C LYS A 119 -10.46 15.38 16.42
N THR A 120 -11.10 15.86 15.35
CA THR A 120 -11.73 15.01 14.35
C THR A 120 -11.27 15.44 12.97
N ASP A 121 -11.72 14.70 11.96
CA ASP A 121 -11.50 15.08 10.57
C ASP A 121 -12.68 15.92 10.08
N ASN A 122 -12.39 16.85 9.17
CA ASN A 122 -13.41 17.79 8.70
C ASN A 122 -14.39 17.06 7.80
N GLY A 123 -15.51 16.61 8.37
CA GLY A 123 -16.57 16.00 7.63
C GLY A 123 -17.79 16.90 7.53
N SER A 124 -18.90 16.29 7.14
CA SER A 124 -20.16 17.03 7.10
C SER A 124 -20.74 17.20 8.49
N CYS A 125 -20.54 16.23 9.38
CA CYS A 125 -21.12 16.28 10.70
C CYS A 125 -20.33 17.19 11.64
N PHE A 126 -19.00 17.17 11.53
CA PHE A 126 -18.17 17.92 12.47
C PHE A 126 -18.10 19.40 12.10
N THR A 127 -18.09 19.73 10.82
CA THR A 127 -17.97 21.11 10.37
C THR A 127 -19.30 21.85 10.34
N SER A 128 -20.38 21.24 10.84
CA SER A 128 -21.68 21.88 10.85
C SER A 128 -21.76 22.94 11.96
N LYS A 129 -22.61 23.93 11.74
CA LYS A 129 -22.82 24.95 12.78
C LYS A 129 -23.54 24.36 13.99
N SER A 130 -24.33 23.29 13.79
CA SER A 130 -25.05 22.68 14.89
C SER A 130 -24.09 22.02 15.88
N THR A 131 -23.18 21.19 15.38
CA THR A 131 -22.20 20.56 16.27
C THR A 131 -21.33 21.61 16.95
N ARG A 132 -20.94 22.63 16.21
CA ARG A 132 -20.18 23.74 16.78
C ARG A 132 -20.93 24.34 17.97
N GLU A 133 -22.22 24.65 17.77
CA GLU A 133 -23.01 25.22 18.86
C GLU A 133 -23.31 24.21 19.96
N TRP A 134 -23.12 22.91 19.70
CA TRP A 134 -23.26 21.94 20.78
C TRP A 134 -22.00 21.89 21.64
N MSE A 135 -20.84 21.92 21.03
CA MSE A 135 -19.58 21.99 21.79
C MSE A 135 -19.44 23.36 22.45
O MSE A 135 -18.65 23.52 23.38
CB MSE A 135 -18.39 21.69 20.88
CG MSE A 135 -18.23 20.23 20.52
SE MSE A 135 -16.76 19.95 19.29
CE MSE A 135 -17.43 20.99 17.79
N ALA A 136 -20.20 24.33 21.96
CA ALA A 136 -20.20 25.65 22.57
C ALA A 136 -20.71 25.60 24.00
N ARG A 137 -21.88 24.98 24.20
CA ARG A 137 -22.48 24.95 25.54
C ARG A 137 -21.64 24.13 26.52
N TRP A 138 -20.95 23.10 26.03
CA TRP A 138 -20.18 22.21 26.89
C TRP A 138 -18.73 22.62 27.03
N GLY A 139 -18.25 23.55 26.20
CA GLY A 139 -16.90 24.06 26.32
C GLY A 139 -15.83 23.04 25.98
N ILE A 140 -15.86 22.51 24.77
CA ILE A 140 -14.89 21.54 24.28
C ILE A 140 -14.25 22.10 23.03
N ALA A 141 -12.91 22.09 22.99
CA ALA A 141 -12.20 22.64 21.85
C ALA A 141 -12.30 21.69 20.66
N HIS A 142 -12.45 22.26 19.47
CA HIS A 142 -12.62 21.50 18.25
C HIS A 142 -11.42 21.74 17.33
N THR A 143 -10.81 20.66 16.85
CA THR A 143 -9.66 20.73 15.96
C THR A 143 -9.91 19.81 14.77
N THR A 144 -9.99 20.39 13.59
CA THR A 144 -10.23 19.63 12.36
C THR A 144 -8.92 19.01 11.87
N GLY A 145 -8.93 18.49 10.63
CA GLY A 145 -7.76 17.87 10.06
C GLY A 145 -7.58 18.24 8.61
N ILE A 146 -6.52 17.71 8.01
CA ILE A 146 -6.19 17.99 6.61
C ILE A 146 -7.31 17.47 5.72
N PRO A 147 -7.69 18.19 4.65
CA PRO A 147 -8.76 17.70 3.78
C PRO A 147 -8.35 16.52 2.92
N GLY A 148 -8.36 15.31 3.50
CA GLY A 148 -8.15 14.11 2.72
C GLY A 148 -7.06 13.19 3.24
N ASN A 149 -5.96 13.75 3.73
CA ASN A 149 -4.82 12.95 4.18
C ASN A 149 -4.87 12.81 5.71
N SER A 150 -5.80 11.98 6.16
CA SER A 150 -6.04 11.77 7.59
C SER A 150 -5.07 10.72 8.12
N GLN A 151 -3.85 11.18 8.45
CA GLN A 151 -2.86 10.36 9.13
C GLN A 151 -2.66 10.77 10.58
N GLY A 152 -3.38 11.79 11.05
CA GLY A 152 -3.20 12.30 12.40
C GLY A 152 -4.18 11.74 13.39
N GLN A 153 -5.39 11.45 12.93
CA GLN A 153 -6.36 10.70 13.72
C GLN A 153 -6.07 9.20 13.69
N ALA A 154 -4.86 8.83 13.30
CA ALA A 154 -4.48 7.42 13.16
C ALA A 154 -4.74 6.63 14.43
N MSE A 155 -4.42 7.21 15.59
CA MSE A 155 -4.56 6.49 16.84
C MSE A 155 -6.03 6.29 17.24
O MSE A 155 -6.31 5.67 18.26
CB MSE A 155 -3.80 7.19 17.97
CG MSE A 155 -4.32 8.56 18.36
SE MSE A 155 -3.40 9.25 19.93
CE MSE A 155 -3.83 7.82 21.18
N VAL A 156 -6.94 6.79 16.42
CA VAL A 156 -8.34 6.37 16.49
C VAL A 156 -8.69 5.45 15.32
N GLU A 157 -8.13 5.70 14.14
CA GLU A 157 -8.37 4.82 13.01
C GLU A 157 -7.77 3.44 13.25
N ARG A 158 -6.53 3.40 13.74
CA ARG A 158 -5.96 2.16 14.24
C ARG A 158 -6.88 1.51 15.27
N ALA A 159 -7.53 2.34 16.10
CA ALA A 159 -8.47 1.81 17.09
C ALA A 159 -9.59 1.02 16.42
N ASN A 160 -10.01 1.44 15.23
CA ASN A 160 -11.02 0.67 14.49
C ASN A 160 -10.53 -0.74 14.21
N ARG A 161 -9.26 -0.87 13.79
CA ARG A 161 -8.71 -2.21 13.59
C ARG A 161 -8.63 -2.97 14.91
N MSE A 162 -8.53 -2.26 16.02
CA MSE A 162 -8.60 -2.88 17.33
C MSE A 162 -10.05 -3.16 17.70
O MSE A 162 -10.34 -4.11 18.42
CB MSE A 162 -7.95 -1.97 18.38
CG MSE A 162 -7.80 -2.60 19.76
SE MSE A 162 -7.24 -1.28 21.08
CE MSE A 162 -5.85 -0.38 20.05
N MSE A 163 -10.95 -2.32 17.19
CA MSE A 163 -12.37 -2.45 17.50
C MSE A 163 -13.07 -3.51 16.66
O MSE A 163 -13.53 -4.52 17.20
CB MSE A 163 -13.05 -1.09 17.29
CG MSE A 163 -14.58 -1.15 17.31
SE MSE A 163 -15.25 -1.96 18.95
CE MSE A 163 -14.42 -0.76 20.24
N LYS A 164 -13.12 -3.29 15.35
CA LYS A 164 -13.95 -4.13 14.49
C LYS A 164 -13.51 -5.59 14.53
N ASP A 165 -12.19 -5.83 14.59
CA ASP A 165 -11.69 -7.18 14.75
C ASP A 165 -12.28 -7.84 16.00
N LYS A 166 -12.19 -7.13 17.14
CA LYS A 166 -12.77 -7.68 18.37
C LYS A 166 -14.28 -7.89 18.23
N ILE A 167 -14.92 -7.18 17.29
CA ILE A 167 -16.31 -7.49 16.96
C ILE A 167 -16.39 -8.84 16.27
N ARG A 168 -15.65 -9.00 15.17
CA ARG A 168 -15.70 -10.23 14.39
C ARG A 168 -15.38 -11.44 15.24
N VAL A 169 -14.30 -11.36 16.03
CA VAL A 169 -13.91 -12.48 16.88
C VAL A 169 -15.02 -12.81 17.87
N LEU A 170 -15.74 -11.80 18.35
CA LEU A 170 -16.87 -12.08 19.24
C LEU A 170 -18.11 -12.50 18.46
N ALA A 171 -18.21 -12.09 17.19
CA ALA A 171 -19.35 -12.51 16.38
C ALA A 171 -19.20 -13.96 15.93
N GLU A 172 -18.06 -14.28 15.30
CA GLU A 172 -17.81 -15.65 14.88
C GLU A 172 -17.83 -16.61 16.06
N GLY A 173 -17.45 -16.14 17.25
CA GLY A 173 -17.52 -16.97 18.44
C GLY A 173 -18.93 -17.33 18.86
N ASP A 174 -19.91 -16.51 18.49
CA ASP A 174 -21.31 -16.76 18.84
C ASP A 174 -22.13 -17.27 17.67
N GLY A 175 -21.48 -17.69 16.58
CA GLY A 175 -22.18 -18.24 15.44
C GLY A 175 -22.85 -17.24 14.52
N PHE A 176 -22.54 -15.96 14.65
CA PHE A 176 -23.08 -14.93 13.78
C PHE A 176 -22.00 -14.53 12.78
N MSE A 177 -22.22 -14.87 11.52
CA MSE A 177 -21.19 -14.65 10.49
C MSE A 177 -21.47 -13.43 9.62
O MSE A 177 -20.63 -12.53 9.54
CB MSE A 177 -21.09 -15.90 9.61
CG MSE A 177 -20.81 -17.19 10.37
SE MSE A 177 -19.07 -17.23 11.25
CE MSE A 177 -19.18 -18.97 12.10
N LYS A 178 -22.63 -13.38 8.97
CA LYS A 178 -22.93 -12.29 8.05
C LYS A 178 -23.38 -11.04 8.79
N ARG A 179 -24.51 -11.13 9.50
CA ARG A 179 -25.07 -10.00 10.22
C ARG A 179 -25.50 -10.45 11.61
N ILE A 180 -25.14 -9.68 12.62
CA ILE A 180 -25.50 -10.01 13.99
C ILE A 180 -26.96 -9.61 14.24
N PRO A 181 -27.77 -10.50 14.83
CA PRO A 181 -29.16 -10.14 15.10
C PRO A 181 -29.27 -8.92 16.00
N THR A 182 -30.36 -8.16 15.81
CA THR A 182 -30.54 -6.91 16.53
C THR A 182 -30.58 -7.12 18.04
N SER A 183 -31.05 -8.29 18.49
CA SER A 183 -31.23 -8.52 19.92
C SER A 183 -29.90 -8.57 20.67
N LYS A 184 -28.82 -8.99 20.00
CA LYS A 184 -27.54 -9.20 20.67
C LYS A 184 -26.48 -8.19 20.25
N GLN A 185 -26.83 -7.20 19.42
CA GLN A 185 -25.83 -6.23 18.97
C GLN A 185 -25.27 -5.42 20.14
N GLY A 186 -26.15 -4.84 20.96
CA GLY A 186 -25.70 -4.06 22.09
C GLY A 186 -24.88 -4.87 23.07
N GLU A 187 -25.27 -6.13 23.29
CA GLU A 187 -24.49 -7.01 24.16
C GLU A 187 -23.10 -7.25 23.57
N MSE A 188 -23.02 -7.40 22.25
CA MSE A 188 -21.73 -7.51 21.56
C MSE A 188 -20.89 -6.27 21.81
O MSE A 188 -19.68 -6.38 22.06
CB MSE A 188 -21.96 -7.70 20.06
CG MSE A 188 -22.46 -9.08 19.67
SE MSE A 188 -21.01 -10.38 19.59
CE MSE A 188 -19.89 -9.43 18.31
N MSE A 189 -21.52 -5.11 21.74
CA MSE A 189 -20.85 -3.84 22.01
C MSE A 189 -20.25 -3.82 23.41
O MSE A 189 -19.04 -3.59 23.59
CB MSE A 189 -21.83 -2.68 21.85
CG MSE A 189 -22.43 -2.55 20.47
SE MSE A 189 -21.47 -1.28 19.35
CE MSE A 189 -21.87 0.34 20.36
N ALA A 190 -21.11 -4.06 24.40
CA ALA A 190 -20.67 -4.02 25.80
C ALA A 190 -19.56 -5.03 26.07
N LYS A 191 -19.71 -6.26 25.55
CA LYS A 191 -18.67 -7.27 25.75
C LYS A 191 -17.36 -6.85 25.10
N ALA A 192 -17.43 -6.23 23.92
CA ALA A 192 -16.22 -5.79 23.25
C ALA A 192 -15.51 -4.70 24.07
N MSE A 193 -16.25 -3.66 24.44
CA MSE A 193 -15.66 -2.54 25.18
C MSE A 193 -15.15 -2.97 26.56
O MSE A 193 -14.14 -2.43 27.04
CB MSE A 193 -16.69 -1.42 25.34
CG MSE A 193 -16.97 -0.66 24.05
SE MSE A 193 -18.20 0.83 24.32
CE MSE A 193 -17.27 1.73 25.77
N TYR A 194 -15.83 -3.94 27.19
CA TYR A 194 -15.34 -4.46 28.45
C TYR A 194 -14.09 -5.31 28.26
N ALA A 195 -14.00 -6.03 27.14
CA ALA A 195 -12.80 -6.81 26.87
C ALA A 195 -11.61 -5.91 26.54
N LEU A 196 -11.87 -4.73 25.96
CA LEU A 196 -10.79 -3.85 25.54
C LEU A 196 -10.33 -2.92 26.66
N ASN A 197 -11.26 -2.28 27.35
CA ASN A 197 -10.91 -1.23 28.31
C ASN A 197 -10.55 -1.77 29.70
N HIS A 198 -11.10 -2.91 30.11
CA HIS A 198 -10.90 -3.43 31.45
C HIS A 198 -9.81 -4.49 31.51
N PHE A 199 -8.99 -4.62 30.48
CA PHE A 199 -7.90 -5.58 30.48
C PHE A 199 -6.72 -4.99 29.73
N GLU A 200 -5.55 -5.59 29.94
CA GLU A 200 -4.33 -5.09 29.32
C GLU A 200 -4.43 -5.17 27.81
N ARG A 201 -3.77 -4.23 27.14
CA ARG A 201 -3.72 -4.16 25.68
C ARG A 201 -2.35 -4.69 25.25
N GLY A 202 -2.25 -6.00 25.11
CA GLY A 202 -0.98 -6.62 24.77
C GLY A 202 0.09 -6.39 25.82
N GLU A 203 1.14 -5.66 25.46
CA GLU A 203 2.25 -5.41 26.36
C GLU A 203 1.99 -4.27 27.33
N ASN A 204 0.82 -3.64 27.29
CA ASN A 204 0.52 -2.52 28.18
C ASN A 204 0.57 -2.96 29.64
N THR A 205 1.37 -2.25 30.43
CA THR A 205 1.53 -2.60 31.84
C THR A 205 0.27 -2.33 32.64
N LYS A 206 -0.46 -1.27 32.30
CA LYS A 206 -1.71 -0.93 32.97
C LYS A 206 -2.88 -1.09 32.02
N THR A 207 -4.07 -1.25 32.60
CA THR A 207 -5.29 -1.33 31.82
C THR A 207 -5.82 0.08 31.52
N PRO A 208 -6.57 0.24 30.43
CA PRO A 208 -7.15 1.57 30.14
C PRO A 208 -7.91 2.20 31.29
N ILE A 209 -8.60 1.39 32.10
CA ILE A 209 -9.26 1.93 33.29
C ILE A 209 -8.22 2.39 34.31
N GLN A 210 -7.22 1.54 34.56
CA GLN A 210 -6.14 1.93 35.46
C GLN A 210 -5.32 3.09 34.91
N LYS A 211 -5.32 3.28 33.60
CA LYS A 211 -4.64 4.42 33.00
C LYS A 211 -5.51 5.67 32.94
N HIS A 212 -6.81 5.54 33.12
CA HIS A 212 -7.71 6.69 33.03
C HIS A 212 -8.00 7.28 34.41
N TRP A 213 -8.52 6.46 35.33
CA TRP A 213 -8.86 6.95 36.66
C TRP A 213 -7.65 7.03 37.58
N ARG A 214 -6.59 6.27 37.31
CA ARG A 214 -5.35 6.33 38.08
C ARG A 214 -4.17 6.58 37.15
N PRO A 215 -4.14 7.73 36.46
CA PRO A 215 -3.07 7.99 35.51
C PRO A 215 -1.75 8.30 36.20
N THR A 216 -0.70 8.55 35.43
CA THR A 216 0.61 8.89 35.97
C THR A 216 1.13 10.13 35.26
N VAL A 217 1.15 11.26 35.98
CA VAL A 217 1.63 12.52 35.46
C VAL A 217 2.88 12.89 36.24
N LEU A 218 3.99 13.06 35.53
CA LEU A 218 5.26 13.36 36.19
C LEU A 218 5.29 14.81 36.65
N THR A 219 5.73 15.01 37.90
CA THR A 219 5.97 16.37 38.39
C THR A 219 7.08 17.04 37.58
N GLU A 220 8.20 16.33 37.42
CA GLU A 220 9.30 16.80 36.58
C GLU A 220 10.07 15.57 36.12
N GLY A 221 10.38 15.51 34.83
CA GLY A 221 11.00 14.32 34.28
C GLY A 221 12.51 14.33 34.34
N PRO A 222 13.12 13.22 33.94
CA PRO A 222 14.59 13.15 33.87
C PRO A 222 15.12 13.88 32.65
N PRO A 223 16.37 14.30 32.67
CA PRO A 223 16.90 15.11 31.57
C PRO A 223 17.19 14.26 30.34
N VAL A 224 16.88 14.82 29.17
CA VAL A 224 17.13 14.18 27.87
C VAL A 224 17.70 15.20 26.91
N LYS A 225 18.26 14.69 25.82
CA LYS A 225 18.62 15.48 24.65
C LYS A 225 17.68 15.15 23.49
N ILE A 226 17.44 16.15 22.65
CA ILE A 226 16.64 16.04 21.45
C ILE A 226 17.47 16.46 20.25
N ARG A 227 17.27 15.76 19.13
CA ARG A 227 17.99 16.09 17.90
C ARG A 227 17.27 17.21 17.15
N ILE A 228 17.96 18.32 16.96
CA ILE A 228 17.37 19.54 16.43
C ILE A 228 17.66 19.60 14.94
N GLU A 229 16.99 20.53 14.24
CA GLU A 229 16.96 20.59 12.78
C GLU A 229 18.33 20.42 12.15
N THR A 230 19.37 21.03 12.73
CA THR A 230 20.73 20.89 12.20
C THR A 230 21.35 19.53 12.46
N GLY A 231 20.63 18.60 13.09
CA GLY A 231 21.16 17.30 13.43
C GLY A 231 21.91 17.21 14.73
N GLU A 232 22.09 18.33 15.44
CA GLU A 232 22.85 18.33 16.67
C GLU A 232 21.98 17.81 17.80
N TRP A 233 22.61 17.37 18.88
CA TRP A 233 21.89 16.96 20.08
C TRP A 233 22.05 18.06 21.12
N GLU A 234 20.92 18.56 21.62
CA GLU A 234 20.85 19.72 22.50
C GLU A 234 20.45 19.30 23.91
N LYS A 235 21.23 19.71 24.90
CA LYS A 235 20.84 19.44 26.28
C LYS A 235 19.85 20.51 26.73
N GLY A 236 19.28 20.29 27.91
CA GLY A 236 18.37 21.27 28.48
C GLY A 236 16.91 20.89 28.38
N TRP A 237 16.61 19.64 28.08
CA TRP A 237 15.25 19.13 27.97
C TRP A 237 15.03 18.00 28.96
N ASN A 238 13.78 17.80 29.35
CA ASN A 238 13.37 16.69 30.19
C ASN A 238 12.21 15.98 29.52
N VAL A 239 12.17 14.67 29.65
CA VAL A 239 11.17 13.84 28.98
C VAL A 239 10.04 13.55 29.94
N LEU A 240 8.81 13.75 29.46
CA LEU A 240 7.62 13.56 30.28
C LEU A 240 6.86 12.30 29.90
N VAL A 241 6.95 11.88 28.63
CA VAL A 241 6.32 10.66 28.14
C VAL A 241 7.27 10.01 27.14
N TRP A 242 7.51 8.71 27.28
CA TRP A 242 8.34 8.01 26.29
C TRP A 242 7.61 6.72 25.92
N GLY A 243 6.90 6.76 24.80
CA GLY A 243 6.15 5.63 24.29
C GLY A 243 6.91 4.87 23.22
N ARG A 244 6.20 3.93 22.58
CA ARG A 244 6.84 3.10 21.56
C ARG A 244 7.18 3.92 20.32
N GLY A 245 6.20 4.65 19.79
CA GLY A 245 6.46 5.48 18.64
C GLY A 245 7.00 6.86 18.91
N TYR A 246 6.45 7.54 19.91
CA TYR A 246 6.73 8.95 20.09
C TYR A 246 6.98 9.27 21.56
N ALA A 247 7.62 10.42 21.81
CA ALA A 247 7.87 10.91 23.16
C ALA A 247 7.45 12.37 23.32
N ALA A 248 6.94 12.70 24.50
CA ALA A 248 6.65 14.07 24.92
C ALA A 248 7.81 14.57 25.77
N VAL A 249 8.43 15.67 25.32
CA VAL A 249 9.57 16.27 26.00
C VAL A 249 9.29 17.74 26.32
N LYS A 250 9.82 18.18 27.45
CA LYS A 250 9.60 19.51 28.02
C LYS A 250 10.91 20.28 28.08
N ASN A 251 10.91 21.53 27.61
CA ASN A 251 12.09 22.39 27.72
C ASN A 251 12.26 22.93 29.14
N ARG A 252 13.46 22.76 29.68
CA ARG A 252 13.72 23.08 31.08
C ARG A 252 13.65 24.57 31.38
N ASP A 253 14.01 25.43 30.42
CA ASP A 253 14.06 26.87 30.65
C ASP A 253 12.70 27.57 30.58
N THR A 254 11.73 26.99 29.88
CA THR A 254 10.46 27.65 29.64
C THR A 254 9.25 26.85 30.10
N ASP A 255 9.39 25.53 30.30
CA ASP A 255 8.31 24.59 30.59
C ASP A 255 7.41 24.38 29.38
N LYS A 256 7.82 24.84 28.21
CA LYS A 256 7.12 24.52 26.98
C LYS A 256 7.27 23.02 26.71
N VAL A 257 6.16 22.38 26.33
CA VAL A 257 6.15 20.95 26.06
C VAL A 257 5.86 20.73 24.58
N ILE A 258 6.68 19.90 23.93
CA ILE A 258 6.50 19.53 22.53
C ILE A 258 6.61 18.02 22.43
N TRP A 259 5.99 17.47 21.39
CA TRP A 259 6.05 16.05 21.09
C TRP A 259 6.99 15.81 19.91
N VAL A 260 7.86 14.81 20.05
CA VAL A 260 8.89 14.52 19.05
C VAL A 260 8.99 13.01 18.90
N PRO A 261 9.55 12.54 17.77
CA PRO A 261 9.72 11.10 17.59
C PRO A 261 10.72 10.50 18.56
N SER A 262 10.46 9.25 18.96
CA SER A 262 11.31 8.57 19.93
C SER A 262 12.77 8.58 19.48
N ARG A 263 13.00 8.38 18.18
CA ARG A 263 14.36 8.31 17.65
C ARG A 263 15.13 9.60 17.86
N LYS A 264 14.44 10.71 18.10
CA LYS A 264 15.03 12.02 18.31
C LYS A 264 15.29 12.34 19.78
N VAL A 265 15.20 11.36 20.68
CA VAL A 265 15.43 11.58 22.10
C VAL A 265 16.47 10.58 22.60
N LYS A 266 17.38 11.04 23.44
CA LYS A 266 18.32 10.13 24.11
C LYS A 266 18.59 10.64 25.51
N PRO A 267 18.96 9.76 26.44
CA PRO A 267 19.25 10.18 27.81
C PRO A 267 20.36 11.23 27.86
N ASP A 268 20.18 12.22 28.72
CA ASP A 268 21.20 13.24 28.98
C ASP A 268 22.04 12.79 30.18
N ILE A 269 23.30 12.41 29.91
CA ILE A 269 24.23 11.93 30.92
C ILE A 269 23.74 10.60 31.51
N PRO B 1 -19.72 34.33 39.15
CA PRO B 1 -20.11 33.00 39.64
C PRO B 1 -21.62 32.72 39.89
N LEU B 2 -22.40 33.72 40.29
CA LEU B 2 -23.83 33.50 40.54
C LEU B 2 -24.57 33.22 39.25
N ARG B 3 -24.26 33.96 38.19
CA ARG B 3 -24.93 33.74 36.91
C ARG B 3 -24.45 32.45 36.28
N GLU B 4 -23.14 32.17 36.36
CA GLU B 4 -22.61 30.93 35.81
C GLU B 4 -23.27 29.73 36.49
N ALA B 5 -23.41 29.79 37.82
CA ALA B 5 -24.03 28.69 38.54
C ALA B 5 -25.50 28.55 38.16
N LYS B 6 -26.20 29.69 38.00
CA LYS B 6 -27.61 29.62 37.62
C LYS B 6 -27.75 28.96 36.26
N ASP B 7 -26.88 29.31 35.31
CA ASP B 7 -26.95 28.71 33.98
C ASP B 7 -26.66 27.21 34.06
N LEU B 8 -25.65 26.84 34.84
CA LEU B 8 -25.31 25.42 35.01
C LEU B 8 -26.52 24.65 35.52
N HIS B 9 -27.21 25.18 36.54
CA HIS B 9 -28.37 24.45 37.04
C HIS B 9 -29.49 24.45 36.01
N THR B 10 -29.66 25.55 35.27
CA THR B 10 -30.69 25.59 34.25
C THR B 10 -30.55 24.41 33.28
N ALA B 11 -29.32 24.20 32.79
CA ALA B 11 -29.12 23.11 31.83
C ALA B 11 -29.06 21.73 32.48
N LEU B 12 -28.19 21.52 33.46
CA LEU B 12 -28.01 20.20 34.05
C LEU B 12 -28.75 19.98 35.38
N HIS B 13 -29.25 21.03 36.04
CA HIS B 13 -29.94 20.89 37.33
C HIS B 13 -29.04 20.18 38.35
N ILE B 14 -27.80 20.65 38.40
CA ILE B 14 -26.77 20.14 39.29
C ILE B 14 -27.13 20.47 40.73
N GLY B 15 -26.86 19.54 41.66
CA GLY B 15 -27.18 19.77 43.04
C GLY B 15 -26.41 20.95 43.62
N PRO B 16 -26.81 21.42 44.80
CA PRO B 16 -26.14 22.61 45.36
C PRO B 16 -24.67 22.45 45.74
N ARG B 17 -24.25 21.31 46.30
CA ARG B 17 -22.85 21.16 46.66
C ARG B 17 -21.92 21.28 45.46
N ALA B 18 -22.30 20.64 44.35
CA ALA B 18 -21.51 20.70 43.13
C ALA B 18 -21.45 22.10 42.55
N LEU B 19 -22.57 22.82 42.55
CA LEU B 19 -22.55 24.18 42.01
C LEU B 19 -21.75 25.09 42.93
N SER B 20 -21.84 24.87 44.23
CA SER B 20 -21.08 25.67 45.19
C SER B 20 -19.59 25.50 44.97
N LYS B 21 -19.15 24.25 44.74
CA LYS B 21 -17.73 23.98 44.53
C LYS B 21 -17.26 24.46 43.16
N ALA B 22 -18.01 24.14 42.12
CA ALA B 22 -17.63 24.51 40.75
C ALA B 22 -17.53 26.02 40.56
N SER B 23 -18.49 26.78 41.07
CA SER B 23 -18.48 28.23 40.86
C SER B 23 -18.05 29.02 42.09
N ASN B 24 -17.53 28.35 43.11
CA ASN B 24 -17.04 28.98 44.35
C ASN B 24 -18.11 29.86 45.01
N ILE B 25 -19.27 29.28 45.24
CA ILE B 25 -20.38 29.96 45.89
C ILE B 25 -20.62 29.31 47.26
N SER B 26 -20.98 30.13 48.24
CA SER B 26 -21.25 29.61 49.57
C SER B 26 -22.50 28.74 49.56
N MSE B 27 -22.63 27.91 50.60
CA MSE B 27 -23.70 26.93 50.69
C MSE B 27 -25.10 27.53 50.64
O MSE B 27 -25.97 27.04 49.92
CB MSE B 27 -23.54 26.10 51.97
CG MSE B 27 -22.58 24.93 51.85
SE MSE B 27 -23.30 23.50 50.74
CE MSE B 27 -24.80 22.98 51.88
N GLN B 28 -25.30 28.60 51.42
CA GLN B 28 -26.63 29.19 51.52
C GLN B 28 -27.12 29.72 50.18
N GLN B 29 -26.23 30.33 49.40
CA GLN B 29 -26.65 30.86 48.11
C GLN B 29 -26.97 29.74 47.13
N ALA B 30 -26.04 28.80 46.93
CA ALA B 30 -26.29 27.69 46.01
C ALA B 30 -27.57 26.95 46.37
N ARG B 31 -27.78 26.70 47.67
CA ARG B 31 -29.00 26.00 48.06
C ARG B 31 -30.21 26.85 47.77
N GLU B 32 -30.08 28.18 47.94
CA GLU B 32 -31.21 29.05 47.64
C GLU B 32 -31.53 28.99 46.16
N VAL B 33 -30.50 28.82 45.33
CA VAL B 33 -30.70 28.71 43.89
C VAL B 33 -31.47 27.44 43.58
N VAL B 34 -31.10 26.33 44.21
CA VAL B 34 -31.83 25.09 43.96
C VAL B 34 -33.27 25.22 44.43
N GLN B 35 -33.49 25.94 45.55
CA GLN B 35 -34.83 26.15 46.06
C GLN B 35 -35.68 26.94 45.07
N THR B 36 -35.15 28.05 44.56
CA THR B 36 -35.83 28.92 43.61
C THR B 36 -36.14 28.22 42.29
N CYS B 37 -35.63 27.03 42.07
CA CYS B 37 -35.89 26.33 40.82
C CYS B 37 -37.16 25.50 40.97
N PRO B 38 -38.07 25.52 40.00
CA PRO B 38 -39.31 24.75 40.14
C PRO B 38 -39.15 23.24 40.00
N HIS B 39 -38.35 22.76 39.06
CA HIS B 39 -38.21 21.33 38.85
C HIS B 39 -37.27 20.68 39.87
N CYS B 40 -36.74 21.45 40.81
CA CYS B 40 -35.91 20.88 41.88
C CYS B 40 -36.64 20.94 43.21
N PRO B 57 -16.80 -0.92 47.03
CA PRO B 57 -17.23 -0.84 45.63
C PRO B 57 -17.24 -2.19 44.94
N LEU B 58 -18.11 -2.36 43.93
CA LEU B 58 -18.22 -3.60 43.18
C LEU B 58 -18.49 -4.80 44.08
N GLN B 59 -19.27 -4.60 45.14
CA GLN B 59 -19.57 -5.67 46.09
C GLN B 59 -20.94 -6.29 45.83
N ILE B 60 -22.00 -5.49 45.89
CA ILE B 60 -23.36 -5.97 45.66
C ILE B 60 -24.10 -4.91 44.85
N TRP B 61 -24.79 -5.36 43.80
CA TRP B 61 -25.59 -4.47 42.97
C TRP B 61 -27.07 -4.76 43.17
N GLN B 62 -27.90 -3.75 42.93
CA GLN B 62 -29.34 -3.87 43.02
C GLN B 62 -29.94 -3.48 41.68
N THR B 63 -30.58 -4.42 41.02
CA THR B 63 -31.16 -4.21 39.69
C THR B 63 -32.68 -4.33 39.78
N ASP B 64 -33.37 -3.40 39.11
CA ASP B 64 -34.82 -3.40 39.09
C ASP B 64 -35.29 -2.67 37.84
N PHE B 65 -36.56 -2.88 37.51
CA PHE B 65 -37.18 -2.25 36.35
C PHE B 65 -38.11 -1.14 36.81
N THR B 66 -38.20 -0.10 35.98
CA THR B 66 -39.12 1.01 36.23
C THR B 66 -39.59 1.53 34.88
N LEU B 67 -40.87 1.91 34.81
CA LEU B 67 -41.49 2.33 33.57
C LEU B 67 -41.66 3.84 33.57
N GLU B 68 -41.25 4.47 32.47
CA GLU B 68 -41.37 5.91 32.28
C GLU B 68 -42.20 6.19 31.04
N PRO B 69 -43.43 6.69 31.18
CA PRO B 69 -44.24 6.98 29.98
C PRO B 69 -43.67 8.08 29.11
N ARG B 70 -42.56 8.67 29.51
CA ARG B 70 -41.95 9.77 28.79
C ARG B 70 -40.84 9.32 27.84
N MSE B 71 -40.52 8.04 27.82
CA MSE B 71 -39.46 7.52 26.96
C MSE B 71 -40.02 6.60 25.86
O MSE B 71 -39.31 5.75 25.34
CB MSE B 71 -38.41 6.76 27.78
CG MSE B 71 -37.47 7.65 28.57
SE MSE B 71 -36.21 8.58 27.40
CE MSE B 71 -35.15 9.49 28.75
N ALA B 72 -41.30 6.78 25.54
CA ALA B 72 -41.95 5.98 24.51
C ALA B 72 -41.24 6.13 23.17
N PRO B 73 -41.28 5.09 22.32
CA PRO B 73 -41.96 3.81 22.49
C PRO B 73 -41.25 2.84 23.45
N ARG B 74 -39.93 2.89 23.51
CA ARG B 74 -39.15 2.02 24.39
C ARG B 74 -39.10 2.67 25.78
N SER B 75 -40.17 2.48 26.53
CA SER B 75 -40.38 3.18 27.80
C SER B 75 -39.82 2.45 29.00
N TRP B 76 -39.49 1.15 28.88
CA TRP B 76 -38.95 0.42 30.01
C TRP B 76 -37.52 0.86 30.29
N LEU B 77 -37.23 1.14 31.56
CA LEU B 77 -35.91 1.60 31.99
C LEU B 77 -35.36 0.64 33.03
N ALA B 78 -34.22 0.02 32.73
CA ALA B 78 -33.53 -0.86 33.65
C ALA B 78 -32.46 -0.07 34.40
N VAL B 79 -32.47 -0.16 35.72
CA VAL B 79 -31.56 0.60 36.58
C VAL B 79 -30.75 -0.36 37.42
N THR B 80 -29.46 -0.08 37.55
CA THR B 80 -28.56 -0.85 38.41
C THR B 80 -27.74 0.13 39.23
N VAL B 81 -27.65 -0.12 40.54
CA VAL B 81 -26.96 0.76 41.48
C VAL B 81 -25.99 -0.07 42.30
N ASP B 82 -24.76 0.43 42.45
CA ASP B 82 -23.80 -0.20 43.34
C ASP B 82 -24.11 0.20 44.78
N THR B 83 -24.13 -0.78 45.68
CA THR B 83 -24.49 -0.51 47.06
C THR B 83 -23.43 0.29 47.80
N ALA B 84 -22.18 0.25 47.35
CA ALA B 84 -21.08 0.94 48.02
C ALA B 84 -20.75 2.28 47.39
N SER B 85 -20.67 2.34 46.06
CA SER B 85 -20.30 3.57 45.37
C SER B 85 -21.51 4.39 44.91
N SER B 86 -22.72 3.84 45.03
CA SER B 86 -23.96 4.54 44.68
C SER B 86 -23.96 5.02 43.23
N ALA B 87 -23.31 4.26 42.35
CA ALA B 87 -23.34 4.59 40.93
C ALA B 87 -24.72 4.30 40.34
N ILE B 88 -24.98 4.86 39.16
CA ILE B 88 -26.25 4.70 38.48
C ILE B 88 -25.99 4.32 37.03
N VAL B 89 -26.59 3.22 36.60
CA VAL B 89 -26.54 2.79 35.21
C VAL B 89 -27.97 2.54 34.74
N VAL B 90 -28.28 2.99 33.52
CA VAL B 90 -29.63 2.92 32.97
C VAL B 90 -29.56 2.49 31.52
N THR B 91 -30.50 1.62 31.12
CA THR B 91 -30.65 1.20 29.74
C THR B 91 -32.14 1.14 29.40
N GLN B 92 -32.49 1.63 28.21
CA GLN B 92 -33.87 1.64 27.76
C GLN B 92 -34.20 0.36 27.01
N HIS B 93 -35.46 -0.07 27.13
CA HIS B 93 -35.92 -1.30 26.48
C HIS B 93 -37.37 -1.11 26.08
N GLY B 94 -37.84 -2.02 25.22
CA GLY B 94 -39.21 -1.95 24.75
C GLY B 94 -40.12 -2.98 25.40
N ARG B 95 -39.52 -3.96 26.08
CA ARG B 95 -40.27 -4.98 26.79
C ARG B 95 -39.33 -5.72 27.73
N VAL B 96 -39.89 -6.22 28.83
CA VAL B 96 -39.11 -6.92 29.85
C VAL B 96 -38.96 -8.38 29.41
N THR B 97 -37.73 -8.78 29.13
CA THR B 97 -37.42 -10.16 28.75
C THR B 97 -36.26 -10.67 29.57
N SER B 98 -36.07 -12.00 29.54
CA SER B 98 -34.88 -12.57 30.14
C SER B 98 -33.62 -12.09 29.44
N VAL B 99 -33.74 -11.73 28.16
CA VAL B 99 -32.59 -11.21 27.42
C VAL B 99 -32.27 -9.78 27.84
N ALA B 100 -33.29 -9.00 28.21
CA ALA B 100 -33.07 -7.61 28.58
C ALA B 100 -32.22 -7.50 29.85
N VAL B 101 -32.40 -8.43 30.79
CA VAL B 101 -31.64 -8.38 32.03
C VAL B 101 -30.17 -8.67 31.78
N GLN B 102 -29.89 -9.67 30.93
CA GLN B 102 -28.50 -10.00 30.61
C GLN B 102 -27.86 -8.93 29.73
N HIS B 103 -28.65 -8.26 28.89
CA HIS B 103 -28.12 -7.17 28.07
C HIS B 103 -27.77 -5.97 28.92
N HIS B 104 -28.71 -5.52 29.76
CA HIS B 104 -28.44 -4.40 30.66
C HIS B 104 -27.28 -4.71 31.60
N TRP B 105 -27.26 -5.93 32.15
CA TRP B 105 -26.16 -6.31 33.03
C TRP B 105 -24.83 -6.35 32.27
N ALA B 106 -24.86 -6.76 31.00
CA ALA B 106 -23.65 -6.71 30.19
C ALA B 106 -23.17 -5.27 30.02
N THR B 107 -24.10 -4.34 29.82
CA THR B 107 -23.72 -2.94 29.71
C THR B 107 -23.15 -2.41 31.02
N ALA B 108 -23.76 -2.78 32.14
CA ALA B 108 -23.29 -2.29 33.44
C ALA B 108 -21.90 -2.83 33.77
N ILE B 109 -21.70 -4.14 33.58
CA ILE B 109 -20.38 -4.73 33.78
C ILE B 109 -19.36 -4.09 32.85
N ALA B 110 -19.78 -3.79 31.62
CA ALA B 110 -18.89 -3.13 30.68
C ALA B 110 -18.50 -1.74 31.17
N VAL B 111 -19.43 -1.04 31.82
CA VAL B 111 -19.15 0.33 32.27
C VAL B 111 -18.25 0.31 33.51
N MSE B 112 -18.71 -0.32 34.57
CA MSE B 112 -18.04 -0.17 35.87
C MSE B 112 -17.40 -1.45 36.42
O MSE B 112 -16.95 -1.47 37.57
CB MSE B 112 -19.02 0.39 36.89
CG MSE B 112 -20.43 -0.17 36.78
SE MSE B 112 -21.68 0.79 37.93
CE MSE B 112 -20.81 0.47 39.64
N GLY B 113 -17.34 -2.51 35.61
CA GLY B 113 -16.65 -3.72 35.98
C GLY B 113 -17.59 -4.80 36.49
N ARG B 114 -17.01 -5.98 36.69
CA ARG B 114 -17.78 -7.13 37.14
C ARG B 114 -17.94 -7.12 38.65
N PRO B 115 -19.15 -7.03 39.17
CA PRO B 115 -19.37 -7.07 40.61
C PRO B 115 -19.33 -8.50 41.13
N LYS B 116 -19.59 -8.65 42.43
CA LYS B 116 -19.58 -9.96 43.07
C LYS B 116 -20.97 -10.58 43.17
N ALA B 117 -22.00 -9.77 43.44
CA ALA B 117 -23.35 -10.29 43.58
C ALA B 117 -24.36 -9.22 43.18
N ILE B 118 -25.55 -9.67 42.79
CA ILE B 118 -26.65 -8.80 42.43
C ILE B 118 -27.90 -9.27 43.13
N LYS B 119 -28.66 -8.33 43.70
CA LYS B 119 -29.91 -8.62 44.38
C LYS B 119 -31.07 -8.09 43.54
N THR B 120 -31.98 -8.98 43.17
CA THR B 120 -33.18 -8.63 42.40
C THR B 120 -34.41 -9.13 43.13
N ASP B 121 -35.57 -8.94 42.51
CA ASP B 121 -36.83 -9.40 43.09
C ASP B 121 -37.13 -10.81 42.62
N ASN B 122 -38.35 -11.29 42.89
CA ASN B 122 -38.78 -12.62 42.50
C ASN B 122 -39.32 -12.67 41.08
N GLY B 123 -39.05 -11.65 40.26
CA GLY B 123 -39.54 -11.63 38.91
C GLY B 123 -39.02 -12.78 38.08
N SER B 124 -39.78 -13.13 37.03
CA SER B 124 -39.38 -14.24 36.17
C SER B 124 -38.16 -13.91 35.34
N CYS B 125 -37.98 -12.64 34.97
CA CYS B 125 -36.84 -12.26 34.15
C CYS B 125 -35.52 -12.40 34.89
N PHE B 126 -35.53 -12.32 36.21
CA PHE B 126 -34.32 -12.47 37.00
C PHE B 126 -34.06 -13.91 37.43
N THR B 127 -35.11 -14.69 37.64
CA THR B 127 -35.00 -16.04 38.20
C THR B 127 -35.01 -17.13 37.14
N SER B 128 -35.14 -16.78 35.86
CA SER B 128 -35.17 -17.79 34.82
C SER B 128 -33.80 -18.42 34.63
N LYS B 129 -33.80 -19.63 34.06
CA LYS B 129 -32.55 -20.33 33.80
C LYS B 129 -31.71 -19.59 32.75
N SER B 130 -32.37 -18.92 31.81
CA SER B 130 -31.65 -18.13 30.82
C SER B 130 -30.79 -17.07 31.48
N THR B 131 -31.31 -16.43 32.53
CA THR B 131 -30.52 -15.47 33.30
C THR B 131 -29.57 -16.17 34.28
N ARG B 132 -30.00 -17.31 34.83
CA ARG B 132 -29.18 -18.01 35.82
C ARG B 132 -27.85 -18.46 35.23
N GLU B 133 -27.89 -19.13 34.07
CA GLU B 133 -26.65 -19.56 33.44
C GLU B 133 -25.80 -18.38 33.00
N TRP B 134 -26.44 -17.27 32.61
CA TRP B 134 -25.68 -16.07 32.27
C TRP B 134 -24.90 -15.56 33.47
N MSE B 135 -25.54 -15.50 34.63
CA MSE B 135 -24.87 -15.09 35.86
C MSE B 135 -23.87 -16.15 36.32
O MSE B 135 -22.97 -15.86 37.11
CB MSE B 135 -25.88 -14.81 36.97
CG MSE B 135 -26.69 -13.54 36.78
SE MSE B 135 -28.01 -13.30 38.19
CE MSE B 135 -29.16 -14.82 37.79
N ALA B 136 -24.03 -17.37 35.82
CA ALA B 136 -23.13 -18.46 36.19
C ALA B 136 -21.81 -18.37 35.41
N ARG B 137 -21.88 -18.06 34.11
CA ARG B 137 -20.65 -17.96 33.32
C ARG B 137 -19.79 -16.79 33.78
N TRP B 138 -20.41 -15.73 34.28
CA TRP B 138 -19.68 -14.56 34.76
C TRP B 138 -19.33 -14.62 36.24
N GLY B 139 -19.88 -15.59 36.98
CA GLY B 139 -19.59 -15.72 38.39
C GLY B 139 -20.16 -14.59 39.22
N ILE B 140 -21.47 -14.40 39.16
CA ILE B 140 -22.16 -13.35 39.90
C ILE B 140 -23.25 -14.00 40.72
N ALA B 141 -23.18 -13.85 42.04
CA ALA B 141 -24.18 -14.43 42.92
C ALA B 141 -25.50 -13.69 42.79
N HIS B 142 -26.58 -14.36 43.22
CA HIS B 142 -27.92 -13.81 43.10
C HIS B 142 -28.75 -14.23 44.31
N THR B 143 -29.46 -13.28 44.90
CA THR B 143 -30.34 -13.54 46.03
C THR B 143 -31.64 -12.77 45.81
N THR B 144 -32.72 -13.49 45.55
CA THR B 144 -34.03 -12.89 45.39
C THR B 144 -34.71 -12.74 46.76
N GLY B 145 -36.01 -12.44 46.75
CA GLY B 145 -36.73 -12.33 48.00
C GLY B 145 -38.08 -11.66 47.78
N ILE B 146 -38.58 -11.05 48.85
CA ILE B 146 -39.88 -10.36 48.79
C ILE B 146 -39.76 -9.16 47.86
N PRO B 147 -40.74 -8.92 46.95
CA PRO B 147 -40.67 -7.75 46.04
C PRO B 147 -41.02 -6.45 46.76
N GLY B 148 -40.01 -5.86 47.40
CA GLY B 148 -40.21 -4.62 48.13
C GLY B 148 -39.86 -4.67 49.60
N ASN B 149 -39.01 -5.61 49.99
CA ASN B 149 -38.54 -5.66 51.37
C ASN B 149 -37.57 -4.51 51.65
N SER B 150 -37.37 -4.23 52.93
CA SER B 150 -36.56 -3.09 53.38
C SER B 150 -35.11 -3.49 53.66
N GLN B 151 -34.69 -4.69 53.27
CA GLN B 151 -33.33 -5.13 53.52
C GLN B 151 -32.25 -4.36 52.74
N GLY B 152 -32.35 -4.19 51.41
CA GLY B 152 -33.43 -4.67 50.58
C GLY B 152 -33.57 -3.92 49.27
N GLN B 153 -34.78 -3.91 48.71
CA GLN B 153 -35.08 -3.24 47.45
C GLN B 153 -35.31 -1.74 47.60
N ALA B 154 -34.92 -1.15 48.74
CA ALA B 154 -35.23 0.25 48.99
C ALA B 154 -34.28 1.20 48.25
N MSE B 155 -33.00 0.85 48.18
CA MSE B 155 -32.00 1.74 47.58
C MSE B 155 -32.21 1.93 46.08
O MSE B 155 -32.23 3.05 45.58
CB MSE B 155 -30.59 1.21 47.85
CG MSE B 155 -29.49 2.11 47.34
SE MSE B 155 -27.70 1.47 47.81
CE MSE B 155 -27.88 1.47 49.75
N VAL B 156 -32.36 0.81 45.35
CA VAL B 156 -32.58 0.89 43.91
C VAL B 156 -33.89 1.60 43.61
N GLU B 157 -34.85 1.55 44.54
CA GLU B 157 -36.09 2.30 44.37
C GLU B 157 -35.84 3.79 44.42
N ARG B 158 -35.06 4.24 45.41
CA ARG B 158 -34.65 5.64 45.46
C ARG B 158 -33.89 6.03 44.20
N ALA B 159 -33.04 5.12 43.69
CA ALA B 159 -32.37 5.38 42.42
C ALA B 159 -33.37 5.57 41.29
N ASN B 160 -34.45 4.79 41.29
CA ASN B 160 -35.48 4.94 40.27
C ASN B 160 -36.15 6.31 40.37
N ARG B 161 -36.49 6.73 41.59
CA ARG B 161 -37.12 8.05 41.76
C ARG B 161 -36.18 9.17 41.31
N MSE B 162 -34.91 9.09 41.70
CA MSE B 162 -33.93 10.09 41.30
C MSE B 162 -33.78 10.15 39.78
O MSE B 162 -33.73 11.23 39.20
CB MSE B 162 -32.56 9.79 41.94
CG MSE B 162 -32.53 9.92 43.45
SE MSE B 162 -30.79 9.42 44.18
CE MSE B 162 -31.23 9.52 46.08
N MSE B 163 -33.71 8.98 39.15
CA MSE B 163 -33.52 8.90 37.71
C MSE B 163 -34.72 9.44 36.94
O MSE B 163 -34.56 10.21 36.00
CB MSE B 163 -33.24 7.46 37.27
CG MSE B 163 -32.95 7.32 35.79
SE MSE B 163 -31.32 8.25 35.25
CE MSE B 163 -31.59 8.23 33.31
N LYS B 164 -35.93 9.02 37.33
CA LYS B 164 -37.13 9.54 36.66
C LYS B 164 -37.25 11.04 36.87
N ASP B 165 -37.01 11.52 38.08
CA ASP B 165 -37.02 12.96 38.34
C ASP B 165 -36.04 13.68 37.43
N LYS B 166 -34.80 13.21 37.36
CA LYS B 166 -33.82 13.86 36.50
C LYS B 166 -34.22 13.79 35.02
N ILE B 167 -34.92 12.73 34.63
CA ILE B 167 -35.34 12.59 33.23
C ILE B 167 -36.39 13.64 32.89
N ARG B 168 -37.48 13.70 33.67
CA ARG B 168 -38.51 14.69 33.41
C ARG B 168 -37.97 16.11 33.57
N VAL B 169 -36.99 16.29 34.46
CA VAL B 169 -36.48 17.63 34.75
C VAL B 169 -35.60 18.12 33.61
N LEU B 170 -34.67 17.28 33.15
CA LEU B 170 -33.84 17.68 32.01
C LEU B 170 -34.66 17.79 30.73
N ALA B 171 -35.64 16.89 30.56
CA ALA B 171 -36.49 16.93 29.37
C ALA B 171 -37.29 18.23 29.33
N GLU B 172 -38.03 18.53 30.40
CA GLU B 172 -38.75 19.79 30.47
C GLU B 172 -37.82 20.99 30.51
N GLY B 173 -36.55 20.78 30.84
CA GLY B 173 -35.60 21.88 30.81
C GLY B 173 -35.15 22.21 29.40
N ASP B 174 -35.01 21.19 28.55
CA ASP B 174 -34.73 21.41 27.14
C ASP B 174 -35.98 21.68 26.31
N GLY B 175 -37.16 21.62 26.92
CA GLY B 175 -38.40 21.88 26.22
C GLY B 175 -39.19 20.65 25.83
N PHE B 176 -38.97 19.51 26.47
CA PHE B 176 -39.70 18.28 26.19
C PHE B 176 -40.73 18.07 27.31
N MSE B 177 -42.00 18.24 26.98
CA MSE B 177 -43.05 18.25 28.00
C MSE B 177 -43.34 16.86 28.54
O MSE B 177 -43.11 16.60 29.72
CB MSE B 177 -44.33 18.86 27.43
CG MSE B 177 -44.23 20.33 27.06
SE MSE B 177 -43.34 20.64 25.36
CE MSE B 177 -43.47 22.59 25.30
N LYS B 178 -43.84 15.96 27.69
CA LYS B 178 -44.09 14.60 28.11
C LYS B 178 -43.31 13.58 27.30
N ARG B 179 -43.42 13.57 25.97
CA ARG B 179 -42.83 12.52 25.15
C ARG B 179 -41.55 13.03 24.51
N ILE B 180 -40.46 12.32 24.72
CA ILE B 180 -39.17 12.63 24.09
C ILE B 180 -39.05 11.77 22.84
N PRO B 181 -38.88 12.37 21.66
CA PRO B 181 -38.75 11.57 20.45
C PRO B 181 -37.57 10.62 20.51
N THR B 182 -37.58 9.64 19.61
CA THR B 182 -36.61 8.55 19.65
C THR B 182 -35.17 9.02 19.43
N SER B 183 -34.97 10.25 18.94
CA SER B 183 -33.62 10.70 18.62
C SER B 183 -32.83 11.04 19.88
N LYS B 184 -33.35 11.95 20.69
CA LYS B 184 -32.60 12.54 21.80
C LYS B 184 -32.70 11.73 23.10
N GLN B 185 -33.31 10.56 23.08
CA GLN B 185 -33.47 9.78 24.31
C GLN B 185 -32.11 9.38 24.89
N GLY B 186 -31.26 8.76 24.07
CA GLY B 186 -29.94 8.39 24.53
C GLY B 186 -29.12 9.57 25.01
N GLU B 187 -29.30 10.73 24.37
CA GLU B 187 -28.64 11.94 24.84
C GLU B 187 -29.15 12.36 26.21
N MSE B 188 -30.46 12.25 26.43
CA MSE B 188 -31.06 12.59 27.72
C MSE B 188 -30.51 11.70 28.82
O MSE B 188 -30.08 12.19 29.88
CB MSE B 188 -32.58 12.46 27.67
CG MSE B 188 -33.29 13.48 26.79
SE MSE B 188 -33.03 15.34 27.36
CE MSE B 188 -31.57 15.82 26.16
N MSE B 189 -30.50 10.40 28.58
CA MSE B 189 -29.95 9.44 29.55
C MSE B 189 -28.46 9.69 29.78
O MSE B 189 -27.95 9.50 30.88
CB MSE B 189 -30.20 8.01 29.09
CG MSE B 189 -31.65 7.55 29.23
SE MSE B 189 -32.00 5.84 28.37
CE MSE B 189 -30.47 4.83 29.02
N ALA B 190 -27.77 10.10 28.71
CA ALA B 190 -26.35 10.39 28.81
C ALA B 190 -26.08 11.57 29.74
N LYS B 191 -26.72 12.72 29.46
CA LYS B 191 -26.55 13.89 30.32
C LYS B 191 -27.01 13.59 31.74
N ALA B 192 -28.06 12.78 31.88
CA ALA B 192 -28.54 12.41 33.21
C ALA B 192 -27.48 11.64 33.99
N MSE B 193 -26.87 10.65 33.35
CA MSE B 193 -25.81 9.88 33.99
C MSE B 193 -24.59 10.75 34.32
O MSE B 193 -23.97 10.59 35.37
CB MSE B 193 -25.38 8.70 33.10
CG MSE B 193 -26.35 7.54 33.11
SE MSE B 193 -25.60 5.94 32.29
CE MSE B 193 -24.01 5.76 33.39
N TYR B 194 -24.27 11.67 33.41
CA TYR B 194 -23.14 12.57 33.63
C TYR B 194 -23.37 13.44 34.86
N ALA B 195 -24.57 14.02 34.98
CA ALA B 195 -24.87 14.86 36.12
C ALA B 195 -24.93 14.05 37.41
N LEU B 196 -25.63 12.91 37.39
CA LEU B 196 -25.83 12.11 38.58
C LEU B 196 -24.62 11.25 38.94
N ASN B 197 -23.55 11.28 38.15
CA ASN B 197 -22.36 10.49 38.44
C ASN B 197 -21.11 11.33 38.65
N HIS B 198 -20.91 12.36 37.84
CA HIS B 198 -19.66 13.14 37.89
C HIS B 198 -19.75 14.37 38.78
N PHE B 199 -20.89 14.61 39.43
CA PHE B 199 -21.08 15.77 40.27
C PHE B 199 -21.53 15.32 41.66
N GLU B 200 -21.38 16.22 42.64
CA GLU B 200 -21.75 15.91 44.01
C GLU B 200 -23.26 15.89 44.17
N ARG B 201 -23.75 14.92 44.93
CA ARG B 201 -25.18 14.74 45.17
C ARG B 201 -25.56 15.31 46.52
N GLY B 202 -26.55 16.21 46.53
CA GLY B 202 -27.08 16.70 47.79
C GLY B 202 -26.01 17.37 48.61
N GLU B 203 -25.78 16.85 49.81
CA GLU B 203 -24.73 17.36 50.69
C GLU B 203 -23.49 16.50 50.69
N ASN B 204 -23.47 15.42 49.90
CA ASN B 204 -22.28 14.57 49.83
C ASN B 204 -21.13 15.32 49.15
N THR B 205 -19.98 15.35 49.82
CA THR B 205 -18.85 16.17 49.39
C THR B 205 -17.96 15.46 48.37
N LYS B 206 -18.35 14.28 47.90
CA LYS B 206 -17.59 13.58 46.86
C LYS B 206 -18.55 13.04 45.81
N THR B 207 -18.03 12.88 44.59
CA THR B 207 -18.83 12.38 43.49
C THR B 207 -18.81 10.85 43.47
N PRO B 208 -19.91 10.23 43.03
CA PRO B 208 -19.94 8.76 42.96
C PRO B 208 -18.82 8.16 42.11
N ILE B 209 -18.41 8.86 41.04
CA ILE B 209 -17.27 8.39 40.25
C ILE B 209 -16.03 8.31 41.13
N GLN B 210 -15.76 9.36 41.90
CA GLN B 210 -14.64 9.33 42.82
C GLN B 210 -14.83 8.30 43.91
N LYS B 211 -16.08 8.06 44.33
CA LYS B 211 -16.34 7.03 45.33
C LYS B 211 -16.08 5.63 44.77
N HIS B 212 -16.15 5.46 43.45
CA HIS B 212 -16.01 4.14 42.85
C HIS B 212 -14.60 3.84 42.38
N TRP B 213 -13.91 4.83 41.79
CA TRP B 213 -12.63 4.59 41.15
C TRP B 213 -11.43 5.07 41.95
N ARG B 214 -11.64 5.91 42.96
CA ARG B 214 -10.55 6.52 43.73
C ARG B 214 -9.55 7.16 42.79
N PRO B 215 -9.91 8.28 42.14
CA PRO B 215 -9.03 8.86 41.11
C PRO B 215 -7.80 9.51 41.69
N THR B 216 -6.84 8.71 42.15
CA THR B 216 -5.58 9.21 42.68
C THR B 216 -4.57 9.31 41.54
N VAL B 217 -4.17 10.53 41.20
CA VAL B 217 -3.17 10.73 40.16
C VAL B 217 -1.81 10.30 40.69
N LEU B 218 -1.19 9.32 40.01
CA LEU B 218 0.10 8.80 40.44
C LEU B 218 1.18 9.85 40.21
N THR B 219 1.87 10.24 41.28
CA THR B 219 2.95 11.22 41.18
C THR B 219 4.26 10.63 40.67
N GLU B 220 4.39 9.30 40.68
CA GLU B 220 5.63 8.65 40.27
C GLU B 220 5.32 7.28 39.69
N GLY B 221 6.38 6.54 39.38
CA GLY B 221 6.26 5.24 38.76
C GLY B 221 6.17 4.11 39.76
N PRO B 222 5.99 2.89 39.25
CA PRO B 222 5.97 1.71 40.13
C PRO B 222 7.37 1.33 40.57
N PRO B 223 7.51 0.63 41.69
CA PRO B 223 8.84 0.34 42.23
C PRO B 223 9.56 -0.73 41.42
N VAL B 224 10.87 -0.51 41.25
CA VAL B 224 11.75 -1.44 40.53
C VAL B 224 13.03 -1.63 41.32
N LYS B 225 13.77 -2.66 40.94
CA LYS B 225 15.14 -2.87 41.37
C LYS B 225 16.09 -2.64 40.20
N ILE B 226 17.30 -2.19 40.53
CA ILE B 226 18.37 -1.96 39.57
C ILE B 226 19.58 -2.80 39.96
N ARG B 227 20.27 -3.33 38.94
CA ARG B 227 21.46 -4.13 39.13
C ARG B 227 22.68 -3.24 39.28
N ILE B 228 23.35 -3.34 40.43
CA ILE B 228 24.42 -2.44 40.81
C ILE B 228 25.74 -3.12 40.46
N GLU B 229 26.80 -2.31 40.40
CA GLU B 229 28.12 -2.69 39.89
C GLU B 229 28.59 -4.08 40.30
N THR B 230 28.34 -4.45 41.56
CA THR B 230 28.70 -5.77 42.08
C THR B 230 27.81 -6.90 41.56
N GLY B 231 26.85 -6.60 40.69
CA GLY B 231 25.92 -7.59 40.20
C GLY B 231 24.68 -7.82 41.04
N GLU B 232 24.56 -7.17 42.19
CA GLU B 232 23.43 -7.38 43.07
C GLU B 232 22.22 -6.61 42.54
N TRP B 233 21.04 -7.02 42.97
CA TRP B 233 19.82 -6.28 42.63
C TRP B 233 19.40 -5.51 43.88
N GLU B 234 19.26 -4.19 43.74
CA GLU B 234 19.02 -3.29 44.85
C GLU B 234 17.60 -2.75 44.80
N LYS B 235 16.87 -2.89 45.91
CA LYS B 235 15.54 -2.33 46.02
C LYS B 235 15.61 -0.85 46.38
N GLY B 236 14.46 -0.19 46.32
CA GLY B 236 14.35 1.20 46.73
C GLY B 236 14.29 2.21 45.62
N TRP B 237 14.04 1.78 44.38
CA TRP B 237 13.95 2.68 43.24
C TRP B 237 12.59 2.55 42.58
N ASN B 238 12.17 3.62 41.91
CA ASN B 238 10.96 3.60 41.09
C ASN B 238 11.32 4.14 39.72
N VAL B 239 10.71 3.57 38.68
CA VAL B 239 11.05 3.94 37.31
C VAL B 239 10.03 4.94 36.78
N LEU B 240 10.53 6.02 36.20
CA LEU B 240 9.70 7.11 35.69
C LEU B 240 9.64 7.19 34.17
N VAL B 241 10.68 6.75 33.48
CA VAL B 241 10.80 6.75 32.02
C VAL B 241 11.50 5.49 31.55
N TRP B 242 10.97 4.86 30.50
CA TRP B 242 11.61 3.70 29.87
C TRP B 242 11.66 4.00 28.39
N GLY B 243 12.82 4.49 27.94
CA GLY B 243 13.06 4.81 26.55
C GLY B 243 13.82 3.71 25.84
N ARG B 244 14.21 4.01 24.61
CA ARG B 244 14.93 3.04 23.79
C ARG B 244 16.32 2.82 24.37
N GLY B 245 16.63 1.57 24.70
CA GLY B 245 17.94 1.24 25.24
C GLY B 245 18.13 1.38 26.75
N TYR B 246 17.57 2.44 27.33
CA TYR B 246 17.85 2.81 28.71
C TYR B 246 16.54 3.15 29.42
N ALA B 247 16.61 3.14 30.75
CA ALA B 247 15.49 3.53 31.59
C ALA B 247 15.95 4.53 32.63
N ALA B 248 15.07 5.49 32.94
CA ALA B 248 15.27 6.45 34.02
C ALA B 248 14.55 6.00 35.28
N VAL B 249 15.29 5.83 36.37
CA VAL B 249 14.75 5.38 37.64
C VAL B 249 15.11 6.42 38.70
N LYS B 250 14.19 6.60 39.65
CA LYS B 250 14.30 7.64 40.67
C LYS B 250 14.39 7.00 42.06
N ASN B 251 15.36 7.44 42.85
CA ASN B 251 15.48 6.97 44.22
C ASN B 251 14.43 7.67 45.08
N ARG B 252 13.67 6.89 45.85
CA ARG B 252 12.53 7.43 46.56
C ARG B 252 12.95 8.40 47.66
N ASP B 253 14.11 8.18 48.27
CA ASP B 253 14.55 9.02 49.38
C ASP B 253 15.13 10.35 48.90
N THR B 254 16.22 10.29 48.13
CA THR B 254 16.93 11.51 47.74
C THR B 254 16.30 12.21 46.53
N ASP B 255 15.48 11.51 45.76
CA ASP B 255 14.91 11.99 44.50
C ASP B 255 15.95 12.13 43.39
N LYS B 256 17.15 11.60 43.59
CA LYS B 256 18.14 11.54 42.51
C LYS B 256 17.65 10.61 41.40
N VAL B 257 17.80 11.06 40.17
CA VAL B 257 17.38 10.29 38.99
C VAL B 257 18.62 9.92 38.19
N ILE B 258 18.72 8.65 37.83
CA ILE B 258 19.81 8.14 37.01
C ILE B 258 19.22 7.29 35.88
N TRP B 259 19.97 7.19 34.79
CA TRP B 259 19.62 6.35 33.65
C TRP B 259 20.46 5.08 33.62
N VAL B 260 19.79 3.95 33.41
CA VAL B 260 20.44 2.64 33.42
C VAL B 260 19.88 1.82 32.28
N PRO B 261 20.61 0.78 31.85
CA PRO B 261 20.10 -0.06 30.76
C PRO B 261 18.87 -0.85 31.17
N SER B 262 17.97 -1.05 30.20
CA SER B 262 16.73 -1.76 30.48
C SER B 262 17.01 -3.12 31.11
N ARG B 263 18.05 -3.80 30.61
CA ARG B 263 18.39 -5.14 31.08
C ARG B 263 18.77 -5.13 32.56
N LYS B 264 19.14 -3.97 33.09
CA LYS B 264 19.55 -3.79 34.47
C LYS B 264 18.38 -3.43 35.38
N VAL B 265 17.15 -3.54 34.90
CA VAL B 265 15.96 -3.23 35.68
C VAL B 265 15.02 -4.43 35.63
N LYS B 266 14.43 -4.76 36.78
CA LYS B 266 13.40 -5.77 36.91
C LYS B 266 12.39 -5.31 37.96
N PRO B 267 11.15 -5.79 37.89
CA PRO B 267 10.15 -5.38 38.88
C PRO B 267 10.58 -5.73 40.29
N ASP B 268 10.31 -4.82 41.22
CA ASP B 268 10.53 -5.04 42.65
C ASP B 268 9.27 -5.60 43.28
N ILE B 269 9.32 -6.89 43.65
CA ILE B 269 8.19 -7.61 44.22
C ILE B 269 7.06 -7.73 43.20
N PRO C 1 23.06 -54.33 -10.19
CA PRO C 1 22.31 -53.46 -11.11
C PRO C 1 22.44 -53.72 -12.63
N LEU C 2 23.60 -54.17 -13.11
CA LEU C 2 23.77 -54.41 -14.55
C LEU C 2 22.90 -55.57 -15.02
N ARG C 3 22.87 -56.66 -14.26
CA ARG C 3 22.06 -57.82 -14.66
C ARG C 3 20.57 -57.54 -14.50
N GLU C 4 20.17 -56.87 -13.41
CA GLU C 4 18.75 -56.55 -13.25
C GLU C 4 18.27 -55.70 -14.42
N ALA C 5 19.06 -54.70 -14.81
CA ALA C 5 18.68 -53.84 -15.92
C ALA C 5 18.64 -54.63 -17.23
N LYS C 6 19.62 -55.52 -17.42
CA LYS C 6 19.63 -56.31 -18.65
C LYS C 6 18.38 -57.19 -18.73
N ASP C 7 17.97 -57.81 -17.63
CA ASP C 7 16.79 -58.65 -17.67
C ASP C 7 15.55 -57.82 -17.96
N LEU C 8 15.43 -56.67 -17.29
CA LEU C 8 14.27 -55.80 -17.51
C LEU C 8 14.18 -55.38 -18.97
N HIS C 9 15.29 -54.95 -19.58
CA HIS C 9 15.20 -54.54 -20.98
C HIS C 9 14.97 -55.73 -21.89
N THR C 10 15.57 -56.88 -21.58
CA THR C 10 15.35 -58.08 -22.40
C THR C 10 13.87 -58.38 -22.52
N ALA C 11 13.15 -58.38 -21.40
CA ALA C 11 11.73 -58.71 -21.46
C ALA C 11 10.88 -57.55 -21.96
N LEU C 12 10.96 -56.38 -21.33
CA LEU C 12 10.10 -55.26 -21.71
C LEU C 12 10.73 -54.20 -22.62
N HIS C 13 12.06 -54.19 -22.81
CA HIS C 13 12.71 -53.17 -23.64
C HIS C 13 12.34 -51.78 -23.13
N ILE C 14 12.47 -51.64 -21.81
CA ILE C 14 12.17 -50.44 -21.06
C ILE C 14 13.15 -49.32 -21.41
N GLY C 15 12.64 -48.09 -21.50
CA GLY C 15 13.47 -46.94 -21.81
C GLY C 15 14.52 -46.71 -20.75
N PRO C 16 15.50 -45.84 -21.05
CA PRO C 16 16.59 -45.64 -20.07
C PRO C 16 16.21 -44.99 -18.74
N ARG C 17 15.29 -44.03 -18.70
CA ARG C 17 14.95 -43.43 -17.41
C ARG C 17 14.39 -44.44 -16.42
N ALA C 18 13.50 -45.31 -16.88
CA ALA C 18 12.91 -46.34 -16.03
C ALA C 18 13.94 -47.36 -15.56
N LEU C 19 14.84 -47.79 -16.46
CA LEU C 19 15.84 -48.77 -16.04
C LEU C 19 16.82 -48.13 -15.08
N SER C 20 17.15 -46.86 -15.32
CA SER C 20 18.07 -46.15 -14.42
C SER C 20 17.48 -46.06 -13.02
N LYS C 21 16.19 -45.75 -12.93
CA LYS C 21 15.54 -45.61 -11.63
C LYS C 21 15.31 -46.95 -10.94
N ALA C 22 14.79 -47.94 -11.68
CA ALA C 22 14.50 -49.25 -11.10
C ALA C 22 15.75 -49.96 -10.57
N SER C 23 16.85 -49.94 -11.31
CA SER C 23 18.05 -50.64 -10.88
C SER C 23 19.15 -49.73 -10.36
N ASN C 24 18.85 -48.45 -10.14
CA ASN C 24 19.79 -47.47 -9.61
C ASN C 24 21.07 -47.37 -10.44
N ILE C 25 20.90 -47.18 -11.75
CA ILE C 25 22.01 -47.05 -12.68
C ILE C 25 22.06 -45.63 -13.22
N SER C 26 23.27 -45.12 -13.43
CA SER C 26 23.44 -43.78 -13.98
C SER C 26 22.95 -43.73 -15.43
N MSE C 27 22.95 -42.53 -15.99
CA MSE C 27 22.36 -42.31 -17.31
C MSE C 27 23.21 -42.84 -18.47
O MSE C 27 22.66 -43.40 -19.43
CB MSE C 27 22.07 -40.82 -17.54
CG MSE C 27 20.70 -40.40 -17.07
SE MSE C 27 19.28 -41.39 -17.96
CE MSE C 27 19.29 -40.49 -19.68
N GLN C 28 24.54 -42.66 -18.40
CA GLN C 28 25.40 -43.11 -19.47
C GLN C 28 25.27 -44.62 -19.70
N GLN C 29 25.15 -45.38 -18.61
CA GLN C 29 25.03 -46.83 -18.73
C GLN C 29 23.69 -47.20 -19.33
N ALA C 30 22.59 -46.69 -18.77
CA ALA C 30 21.27 -46.98 -19.30
C ALA C 30 21.21 -46.65 -20.79
N ARG C 31 21.79 -45.52 -21.20
CA ARG C 31 21.75 -45.17 -22.61
C ARG C 31 22.56 -46.18 -23.41
N GLU C 32 23.67 -46.68 -22.83
CA GLU C 32 24.45 -47.67 -23.55
C GLU C 32 23.64 -48.95 -23.72
N VAL C 33 22.80 -49.27 -22.74
CA VAL C 33 21.96 -50.45 -22.80
C VAL C 33 20.94 -50.30 -23.93
N VAL C 34 20.32 -49.12 -24.03
CA VAL C 34 19.36 -48.91 -25.12
C VAL C 34 20.07 -49.00 -26.46
N GLN C 35 21.30 -48.49 -26.52
CA GLN C 35 22.09 -48.54 -27.76
C GLN C 35 22.37 -49.98 -28.18
N THR C 36 22.83 -50.81 -27.24
CA THR C 36 23.15 -52.21 -27.54
C THR C 36 21.95 -53.03 -27.97
N CYS C 37 20.73 -52.49 -27.86
CA CYS C 37 19.59 -53.28 -28.28
C CYS C 37 19.33 -53.02 -29.76
N PRO C 38 19.10 -54.04 -30.58
CA PRO C 38 18.87 -53.77 -32.01
C PRO C 38 17.53 -53.14 -32.37
N HIS C 39 16.43 -53.59 -31.77
CA HIS C 39 15.11 -53.06 -32.10
C HIS C 39 14.82 -51.72 -31.42
N CYS C 40 15.76 -51.17 -30.65
CA CYS C 40 15.55 -49.89 -30.01
C CYS C 40 16.67 -48.90 -30.36
N GLY C 54 -2.47 -29.05 -23.03
CA GLY C 54 -1.78 -29.85 -22.02
C GLY C 54 -1.79 -29.23 -20.65
N LEU C 55 -2.97 -29.20 -20.02
CA LEU C 55 -3.12 -28.64 -18.68
C LEU C 55 -3.61 -29.67 -17.67
N GLY C 56 -4.70 -30.38 -17.98
CA GLY C 56 -5.27 -31.32 -17.04
C GLY C 56 -5.65 -32.64 -17.67
N PRO C 57 -5.55 -33.73 -16.91
CA PRO C 57 -5.84 -35.06 -17.43
C PRO C 57 -7.33 -35.34 -17.49
N LEU C 58 -7.67 -36.44 -18.16
CA LEU C 58 -9.04 -36.94 -18.27
C LEU C 58 -9.96 -35.92 -18.92
N GLN C 59 -9.45 -35.21 -19.92
CA GLN C 59 -10.23 -34.20 -20.63
C GLN C 59 -10.43 -34.51 -22.10
N ILE C 60 -9.35 -34.81 -22.82
CA ILE C 60 -9.42 -35.03 -24.26
C ILE C 60 -8.69 -36.33 -24.60
N TRP C 61 -9.35 -37.21 -25.35
CA TRP C 61 -8.77 -38.45 -25.84
C TRP C 61 -8.70 -38.41 -27.36
N GLN C 62 -7.78 -39.20 -27.92
CA GLN C 62 -7.64 -39.36 -29.36
C GLN C 62 -7.72 -40.85 -29.69
N THR C 63 -8.67 -41.21 -30.55
CA THR C 63 -8.93 -42.61 -30.89
C THR C 63 -8.82 -42.81 -32.38
N ASP C 64 -8.06 -43.83 -32.79
CA ASP C 64 -7.91 -44.16 -34.20
C ASP C 64 -7.66 -45.66 -34.31
N PHE C 65 -7.82 -46.18 -35.53
CA PHE C 65 -7.61 -47.59 -35.81
C PHE C 65 -6.32 -47.80 -36.59
N THR C 66 -5.70 -48.96 -36.38
CA THR C 66 -4.52 -49.37 -37.13
C THR C 66 -4.64 -50.84 -37.48
N LEU C 67 -3.83 -51.28 -38.43
CA LEU C 67 -3.86 -52.66 -38.91
C LEU C 67 -2.47 -53.27 -38.72
N GLU C 68 -2.32 -54.10 -37.70
CA GLU C 68 -1.09 -54.84 -37.48
C GLU C 68 -1.22 -56.22 -38.09
N PRO C 69 -0.52 -56.53 -39.18
CA PRO C 69 -0.65 -57.87 -39.78
C PRO C 69 -0.18 -58.99 -38.87
N ARG C 70 0.66 -58.68 -37.88
CA ARG C 70 1.14 -59.68 -36.93
C ARG C 70 0.09 -60.09 -35.91
N MSE C 71 -0.99 -59.32 -35.79
CA MSE C 71 -2.07 -59.65 -34.85
C MSE C 71 -3.24 -60.34 -35.56
O MSE C 71 -4.27 -60.59 -34.93
CB MSE C 71 -2.55 -58.39 -34.13
CG MSE C 71 -1.56 -57.79 -33.15
SE MSE C 71 -1.23 -58.91 -31.60
CE MSE C 71 -3.04 -58.99 -30.89
N ALA C 72 -3.08 -60.63 -36.83
CA ALA C 72 -4.09 -61.34 -37.61
C ALA C 72 -4.41 -62.69 -36.97
N PRO C 73 -5.65 -63.18 -37.12
CA PRO C 73 -6.79 -62.67 -37.90
C PRO C 73 -7.43 -61.40 -37.31
N ARG C 74 -7.24 -61.15 -36.02
CA ARG C 74 -7.75 -59.94 -35.38
C ARG C 74 -6.76 -58.81 -35.60
N SER C 75 -6.74 -58.32 -36.84
CA SER C 75 -5.70 -57.37 -37.26
C SER C 75 -6.01 -55.95 -36.81
N TRP C 76 -7.27 -55.54 -36.86
CA TRP C 76 -7.61 -54.16 -36.52
C TRP C 76 -7.40 -53.92 -35.03
N LEU C 77 -6.65 -52.87 -34.71
CA LEU C 77 -6.40 -52.46 -33.33
C LEU C 77 -7.01 -51.09 -33.11
N ALA C 78 -7.85 -50.99 -32.08
CA ALA C 78 -8.44 -49.72 -31.68
C ALA C 78 -7.58 -49.10 -30.60
N VAL C 79 -7.05 -47.91 -30.87
CA VAL C 79 -6.08 -47.25 -30.00
C VAL C 79 -6.67 -45.95 -29.49
N THR C 80 -6.60 -45.73 -28.18
CA THR C 80 -7.04 -44.49 -27.55
C THR C 80 -5.96 -44.05 -26.57
N VAL C 81 -5.43 -42.84 -26.77
CA VAL C 81 -4.38 -42.30 -25.93
C VAL C 81 -4.89 -41.02 -25.27
N ASP C 82 -4.58 -40.85 -23.99
CA ASP C 82 -4.92 -39.63 -23.27
C ASP C 82 -3.94 -38.53 -23.66
N THR C 83 -4.49 -37.35 -23.99
CA THR C 83 -3.63 -36.27 -24.48
C THR C 83 -2.76 -35.69 -23.36
N ALA C 84 -3.31 -35.57 -22.16
CA ALA C 84 -2.60 -34.99 -21.02
C ALA C 84 -2.01 -36.05 -20.09
N SER C 85 -1.95 -37.31 -20.53
CA SER C 85 -1.38 -38.38 -19.73
C SER C 85 -0.42 -39.27 -20.49
N SER C 86 -0.50 -39.32 -21.81
CA SER C 86 0.31 -40.19 -22.67
C SER C 86 -0.03 -41.67 -22.46
N ALA C 87 -0.94 -41.96 -21.53
CA ALA C 87 -1.39 -43.32 -21.29
C ALA C 87 -2.34 -43.76 -22.40
N ILE C 88 -2.16 -45.02 -22.84
CA ILE C 88 -2.87 -45.53 -24.00
C ILE C 88 -3.65 -46.78 -23.61
N VAL C 89 -4.74 -47.04 -24.33
CA VAL C 89 -5.55 -48.24 -24.18
C VAL C 89 -5.84 -48.79 -25.57
N VAL C 90 -5.49 -50.06 -25.79
CA VAL C 90 -5.62 -50.70 -27.10
C VAL C 90 -6.34 -52.03 -26.92
N THR C 91 -7.29 -52.31 -27.82
CA THR C 91 -7.99 -53.58 -27.87
C THR C 91 -8.04 -54.07 -29.31
N GLN C 92 -7.89 -55.37 -29.49
CA GLN C 92 -7.87 -55.96 -30.83
C GLN C 92 -9.28 -56.27 -31.30
N HIS C 93 -9.50 -56.13 -32.61
CA HIS C 93 -10.79 -56.39 -33.22
C HIS C 93 -10.56 -56.96 -34.61
N GLY C 94 -11.57 -57.67 -35.11
CA GLY C 94 -11.47 -58.30 -36.41
C GLY C 94 -11.95 -57.44 -37.55
N ARG C 95 -12.90 -56.55 -37.28
CA ARG C 95 -13.46 -55.67 -38.30
C ARG C 95 -13.92 -54.39 -37.65
N VAL C 96 -13.72 -53.27 -38.34
CA VAL C 96 -14.05 -51.95 -37.83
C VAL C 96 -15.51 -51.66 -38.14
N THR C 97 -16.36 -51.73 -37.12
CA THR C 97 -17.77 -51.38 -37.26
C THR C 97 -18.19 -50.48 -36.11
N SER C 98 -19.50 -50.20 -36.02
CA SER C 98 -19.99 -49.34 -34.95
C SER C 98 -19.93 -50.01 -33.58
N VAL C 99 -19.84 -51.34 -33.54
CA VAL C 99 -19.82 -52.06 -32.27
C VAL C 99 -18.41 -52.14 -31.71
N ALA C 100 -17.41 -52.35 -32.56
CA ALA C 100 -16.04 -52.45 -32.07
C ALA C 100 -15.57 -51.15 -31.44
N VAL C 101 -15.98 -50.01 -32.01
CA VAL C 101 -15.59 -48.72 -31.47
C VAL C 101 -16.20 -48.51 -30.08
N GLN C 102 -17.46 -48.89 -29.91
CA GLN C 102 -18.12 -48.71 -28.63
C GLN C 102 -17.57 -49.66 -27.58
N HIS C 103 -17.20 -50.88 -27.99
CA HIS C 103 -16.59 -51.82 -27.05
C HIS C 103 -15.21 -51.31 -26.61
N HIS C 104 -14.41 -50.85 -27.57
CA HIS C 104 -13.10 -50.31 -27.24
C HIS C 104 -13.22 -49.11 -26.31
N TRP C 105 -14.07 -48.15 -26.66
CA TRP C 105 -14.27 -46.98 -25.81
C TRP C 105 -14.75 -47.39 -24.42
N ALA C 106 -15.61 -48.41 -24.35
CA ALA C 106 -16.07 -48.91 -23.06
C ALA C 106 -14.92 -49.44 -22.23
N THR C 107 -14.07 -50.27 -22.84
CA THR C 107 -12.93 -50.82 -22.11
C THR C 107 -11.98 -49.71 -21.65
N ALA C 108 -11.72 -48.73 -22.52
CA ALA C 108 -10.84 -47.63 -22.15
C ALA C 108 -11.41 -46.83 -20.99
N ILE C 109 -12.72 -46.51 -21.05
CA ILE C 109 -13.36 -45.82 -19.93
C ILE C 109 -13.23 -46.65 -18.66
N ALA C 110 -13.36 -47.97 -18.77
CA ALA C 110 -13.22 -48.83 -17.61
C ALA C 110 -11.78 -48.84 -17.09
N VAL C 111 -10.80 -48.56 -17.94
CA VAL C 111 -9.40 -48.60 -17.52
C VAL C 111 -8.99 -47.28 -16.87
N MSE C 112 -9.22 -46.17 -17.56
CA MSE C 112 -8.63 -44.90 -17.14
C MSE C 112 -9.64 -43.80 -16.75
O MSE C 112 -9.26 -42.67 -16.49
CB MSE C 112 -7.71 -44.38 -18.24
CG MSE C 112 -8.28 -44.48 -19.64
SE MSE C 112 -7.11 -43.71 -20.98
CE MSE C 112 -5.45 -44.59 -20.46
N GLY C 113 -10.92 -44.15 -16.71
CA GLY C 113 -11.93 -43.22 -16.24
C GLY C 113 -12.70 -42.57 -17.39
N ARG C 114 -13.82 -41.96 -17.03
CA ARG C 114 -14.69 -41.34 -18.02
C ARG C 114 -14.14 -39.97 -18.44
N PRO C 115 -13.79 -39.78 -19.71
CA PRO C 115 -13.34 -38.46 -20.16
C PRO C 115 -14.51 -37.57 -20.57
N LYS C 116 -14.21 -36.38 -21.08
CA LYS C 116 -15.24 -35.47 -21.55
C LYS C 116 -15.23 -35.26 -23.06
N ALA C 117 -14.06 -35.24 -23.70
CA ALA C 117 -13.95 -35.01 -25.14
C ALA C 117 -13.08 -36.08 -25.77
N ILE C 118 -13.41 -36.44 -27.01
CA ILE C 118 -12.65 -37.42 -27.78
C ILE C 118 -12.54 -36.93 -29.21
N LYS C 119 -11.32 -36.88 -29.73
CA LYS C 119 -11.05 -36.42 -31.09
C LYS C 119 -10.71 -37.61 -31.97
N THR C 120 -11.46 -37.77 -33.07
CA THR C 120 -11.24 -38.84 -34.02
C THR C 120 -11.36 -38.25 -35.43
N ASP C 121 -11.39 -39.12 -36.43
CA ASP C 121 -11.54 -38.71 -37.82
C ASP C 121 -13.00 -38.88 -38.26
N ASN C 122 -13.24 -38.69 -39.55
CA ASN C 122 -14.59 -38.70 -40.11
C ASN C 122 -15.01 -40.07 -40.61
N GLY C 123 -14.45 -41.15 -40.07
CA GLY C 123 -14.79 -42.47 -40.55
C GLY C 123 -16.25 -42.83 -40.29
N SER C 124 -16.70 -43.86 -41.00
CA SER C 124 -18.10 -44.28 -40.88
C SER C 124 -18.38 -44.90 -39.53
N CYS C 125 -17.38 -45.49 -38.89
CA CYS C 125 -17.56 -46.06 -37.56
C CYS C 125 -17.68 -44.99 -36.49
N PHE C 126 -17.25 -43.76 -36.79
CA PHE C 126 -17.36 -42.66 -35.84
C PHE C 126 -18.57 -41.76 -36.09
N THR C 127 -19.11 -41.76 -37.31
CA THR C 127 -20.23 -40.91 -37.67
C THR C 127 -21.55 -41.66 -37.71
N SER C 128 -21.59 -42.90 -37.26
CA SER C 128 -22.82 -43.67 -37.30
C SER C 128 -23.77 -43.21 -36.20
N LYS C 129 -25.06 -43.46 -36.42
CA LYS C 129 -26.08 -43.07 -35.45
C LYS C 129 -25.93 -43.85 -34.15
N SER C 130 -25.61 -45.15 -34.25
CA SER C 130 -25.45 -45.98 -33.05
C SER C 130 -24.34 -45.43 -32.16
N THR C 131 -23.17 -45.17 -32.73
CA THR C 131 -22.09 -44.60 -31.95
C THR C 131 -22.42 -43.21 -31.44
N ARG C 132 -23.23 -42.44 -32.18
CA ARG C 132 -23.65 -41.14 -31.70
C ARG C 132 -24.49 -41.27 -30.43
N GLU C 133 -25.46 -42.20 -30.45
CA GLU C 133 -26.25 -42.46 -29.24
C GLU C 133 -25.37 -42.96 -28.11
N TRP C 134 -24.36 -43.76 -28.43
CA TRP C 134 -23.44 -44.22 -27.40
C TRP C 134 -22.65 -43.07 -26.80
N MSE C 135 -22.31 -42.06 -27.59
CA MSE C 135 -21.65 -40.86 -27.08
C MSE C 135 -22.61 -40.07 -26.19
O MSE C 135 -22.23 -39.53 -25.17
CB MSE C 135 -21.16 -39.98 -28.22
CG MSE C 135 -20.09 -40.61 -29.11
SE MSE C 135 -18.40 -40.94 -28.19
CE MSE C 135 -17.99 -39.12 -27.62
N ALA C 136 -23.88 -40.01 -26.62
CA ALA C 136 -24.87 -39.21 -25.89
C ALA C 136 -25.16 -39.81 -24.52
N ARG C 137 -25.32 -41.14 -24.45
CA ARG C 137 -25.64 -41.78 -23.18
C ARG C 137 -24.52 -41.69 -22.16
N TRP C 138 -23.29 -41.41 -22.60
CA TRP C 138 -22.16 -41.29 -21.69
C TRP C 138 -21.81 -39.84 -21.37
N GLY C 139 -22.41 -38.87 -22.06
CA GLY C 139 -22.09 -37.48 -21.84
C GLY C 139 -20.65 -37.15 -22.18
N ILE C 140 -20.22 -37.55 -23.37
CA ILE C 140 -18.84 -37.34 -23.82
C ILE C 140 -18.89 -36.65 -25.18
N ALA C 141 -17.98 -35.71 -25.39
CA ALA C 141 -17.94 -34.93 -26.62
C ALA C 141 -17.13 -35.65 -27.70
N HIS C 142 -17.47 -35.37 -28.95
CA HIS C 142 -16.83 -36.01 -30.10
C HIS C 142 -16.67 -34.99 -31.21
N THR C 143 -15.50 -34.98 -31.82
CA THR C 143 -15.18 -34.08 -32.93
C THR C 143 -14.59 -34.87 -34.08
N THR C 144 -14.70 -34.31 -35.28
CA THR C 144 -14.24 -34.96 -36.50
C THR C 144 -12.89 -34.41 -36.92
N GLY C 145 -12.38 -34.92 -38.04
CA GLY C 145 -11.09 -34.48 -38.56
C GLY C 145 -10.80 -35.17 -39.86
N ILE C 146 -9.66 -34.81 -40.45
CA ILE C 146 -9.29 -35.33 -41.76
C ILE C 146 -8.75 -36.76 -41.69
N PRO C 147 -7.76 -37.03 -40.82
CA PRO C 147 -6.94 -36.26 -39.87
C PRO C 147 -5.59 -35.84 -40.45
N GLY C 148 -4.66 -35.44 -39.57
CA GLY C 148 -3.34 -35.05 -40.01
C GLY C 148 -2.87 -33.71 -39.46
N ASN C 149 -3.53 -33.22 -38.42
CA ASN C 149 -3.12 -31.97 -37.80
C ASN C 149 -1.84 -32.17 -36.98
N SER C 150 -1.39 -31.10 -36.33
CA SER C 150 -0.21 -31.13 -35.47
C SER C 150 -0.55 -30.98 -34.01
N GLN C 151 -1.37 -29.99 -33.66
CA GLN C 151 -1.77 -29.81 -32.26
C GLN C 151 -2.63 -30.97 -31.78
N GLY C 152 -3.67 -31.31 -32.55
CA GLY C 152 -4.50 -32.47 -32.29
C GLY C 152 -4.35 -33.49 -33.39
N GLN C 153 -4.96 -34.66 -33.17
CA GLN C 153 -4.98 -35.79 -34.11
C GLN C 153 -3.60 -36.32 -34.44
N ALA C 154 -2.54 -35.81 -33.81
CA ALA C 154 -1.18 -36.21 -34.10
C ALA C 154 -0.56 -37.05 -32.99
N MSE C 155 -1.21 -37.16 -31.84
CA MSE C 155 -0.68 -37.96 -30.74
C MSE C 155 -1.01 -39.43 -30.91
O MSE C 155 -0.17 -40.30 -30.68
CB MSE C 155 -1.23 -37.45 -29.40
CG MSE C 155 -0.54 -36.20 -28.89
SE MSE C 155 0.37 -36.52 -27.20
CE MSE C 155 1.29 -38.18 -27.67
N VAL C 156 -2.24 -39.71 -31.33
CA VAL C 156 -2.66 -41.09 -31.57
C VAL C 156 -1.85 -41.69 -32.70
N GLU C 157 -1.47 -40.89 -33.70
CA GLU C 157 -0.64 -41.37 -34.79
C GLU C 157 0.69 -41.92 -34.27
N ARG C 158 1.32 -41.20 -33.34
CA ARG C 158 2.56 -41.69 -32.74
C ARG C 158 2.29 -42.87 -31.81
N ALA C 159 1.14 -42.85 -31.13
CA ALA C 159 0.81 -43.95 -30.23
C ALA C 159 0.68 -45.27 -30.99
N ASN C 160 0.16 -45.21 -32.21
CA ASN C 160 0.05 -46.42 -33.03
C ASN C 160 1.42 -47.01 -33.32
N ARG C 161 2.39 -46.16 -33.67
CA ARG C 161 3.74 -46.63 -33.91
C ARG C 161 4.38 -47.15 -32.63
N MSE C 162 4.07 -46.54 -31.49
CA MSE C 162 4.53 -47.04 -30.21
C MSE C 162 4.03 -48.46 -29.95
O MSE C 162 4.81 -49.34 -29.57
CB MSE C 162 4.05 -46.13 -29.06
CG MSE C 162 4.91 -44.91 -28.82
SE MSE C 162 4.44 -44.03 -27.15
CE MSE C 162 5.76 -42.60 -27.16
N MSE C 163 2.74 -48.67 -30.18
CA MSE C 163 2.12 -49.96 -29.91
C MSE C 163 2.63 -51.04 -30.86
O MSE C 163 2.99 -52.14 -30.42
CB MSE C 163 0.60 -49.86 -30.00
CG MSE C 163 -0.11 -51.07 -29.43
SE MSE C 163 0.42 -51.42 -27.60
CE MSE C 163 -0.66 -53.01 -27.26
N LYS C 164 2.66 -50.73 -32.16
CA LYS C 164 3.17 -51.71 -33.13
C LYS C 164 4.65 -52.00 -32.90
N ASP C 165 5.42 -51.01 -32.43
CA ASP C 165 6.83 -51.23 -32.15
C ASP C 165 7.01 -52.11 -30.91
N LYS C 166 6.23 -51.86 -29.85
CA LYS C 166 6.35 -52.70 -28.66
C LYS C 166 5.89 -54.11 -28.93
N ILE C 167 4.82 -54.27 -29.71
CA ILE C 167 4.35 -55.61 -30.09
C ILE C 167 5.41 -56.31 -30.94
N ARG C 168 6.02 -55.58 -31.87
CA ARG C 168 7.03 -56.19 -32.73
C ARG C 168 8.25 -56.63 -31.93
N VAL C 169 8.75 -55.77 -31.05
CA VAL C 169 9.95 -56.09 -30.29
C VAL C 169 9.66 -57.19 -29.27
N LEU C 170 8.43 -57.25 -28.75
CA LEU C 170 8.08 -58.29 -27.79
C LEU C 170 7.92 -59.64 -28.47
N ALA C 171 7.10 -59.71 -29.52
CA ALA C 171 6.87 -60.97 -30.22
C ALA C 171 8.17 -61.49 -30.84
N GLU C 172 8.92 -60.60 -31.49
CA GLU C 172 10.22 -60.99 -32.01
C GLU C 172 11.22 -61.30 -30.89
N GLY C 173 10.99 -60.77 -29.69
CA GLY C 173 11.79 -61.16 -28.55
C GLY C 173 11.46 -62.54 -28.02
N ASP C 174 10.23 -63.01 -28.26
CA ASP C 174 9.81 -64.33 -27.81
C ASP C 174 9.82 -65.36 -28.92
N GLY C 175 10.28 -65.01 -30.12
CA GLY C 175 10.44 -65.97 -31.19
C GLY C 175 9.38 -65.97 -32.27
N PHE C 176 8.54 -64.94 -32.34
CA PHE C 176 7.50 -64.85 -33.35
C PHE C 176 7.87 -63.73 -34.31
N MSE C 177 7.95 -64.06 -35.61
CA MSE C 177 8.57 -63.15 -36.57
C MSE C 177 7.59 -62.30 -37.37
O MSE C 177 7.64 -61.07 -37.32
CB MSE C 177 9.45 -63.95 -37.52
CG MSE C 177 10.39 -64.92 -36.82
SE MSE C 177 11.39 -64.07 -35.39
CE MSE C 177 12.38 -65.63 -34.76
N LYS C 178 6.70 -62.94 -38.12
CA LYS C 178 5.76 -62.22 -38.98
C LYS C 178 4.31 -62.38 -38.59
N ARG C 179 3.93 -63.48 -37.96
CA ARG C 179 2.58 -63.68 -37.47
C ARG C 179 2.65 -64.22 -36.04
N ILE C 180 1.92 -63.59 -35.14
CA ILE C 180 1.89 -64.04 -33.74
C ILE C 180 0.89 -65.19 -33.62
N PRO C 181 1.26 -66.28 -32.95
CA PRO C 181 0.29 -67.35 -32.73
C PRO C 181 -0.94 -66.85 -31.99
N THR C 182 -2.10 -67.37 -32.37
CA THR C 182 -3.36 -66.88 -31.82
C THR C 182 -3.42 -67.10 -30.31
N SER C 183 -3.06 -68.30 -29.85
CA SER C 183 -3.10 -68.63 -28.43
C SER C 183 -2.23 -67.71 -27.57
N LYS C 184 -1.32 -66.96 -28.18
CA LYS C 184 -0.49 -66.01 -27.46
C LYS C 184 -0.79 -64.55 -27.79
N GLN C 185 -1.64 -64.30 -28.79
CA GLN C 185 -1.86 -62.94 -29.27
C GLN C 185 -2.24 -61.99 -28.12
N GLY C 186 -3.35 -62.27 -27.45
CA GLY C 186 -3.82 -61.42 -26.37
C GLY C 186 -2.80 -61.22 -25.27
N GLU C 187 -1.80 -62.11 -25.16
CA GLU C 187 -0.76 -61.91 -24.17
C GLU C 187 0.28 -60.92 -24.66
N MSE C 188 0.72 -61.04 -25.92
CA MSE C 188 1.78 -60.18 -26.46
C MSE C 188 1.34 -58.73 -26.55
O MSE C 188 2.15 -57.83 -26.71
CB MSE C 188 2.21 -60.69 -27.84
CG MSE C 188 2.75 -62.11 -27.84
SE MSE C 188 4.01 -62.44 -26.38
CE MSE C 188 5.33 -61.08 -26.81
N MSE C 189 0.03 -58.51 -26.44
CA MSE C 189 -0.52 -57.17 -26.35
C MSE C 189 -0.45 -56.67 -24.91
O MSE C 189 -0.02 -55.55 -24.64
CB MSE C 189 -1.96 -57.15 -26.86
CG MSE C 189 -2.73 -55.88 -26.56
SE MSE C 189 -4.37 -55.77 -27.58
CE MSE C 189 -3.60 -55.70 -29.36
N ALA C 190 -0.89 -57.53 -23.98
CA ALA C 190 -0.94 -57.16 -22.57
C ALA C 190 0.44 -56.74 -22.07
N LYS C 191 1.44 -57.61 -22.26
CA LYS C 191 2.81 -57.29 -21.85
C LYS C 191 3.30 -55.99 -22.45
N ALA C 192 2.70 -55.52 -23.54
CA ALA C 192 3.08 -54.23 -24.11
C ALA C 192 2.56 -53.08 -23.25
N MSE C 193 1.28 -53.13 -22.89
CA MSE C 193 0.64 -52.04 -22.17
C MSE C 193 1.29 -51.81 -20.81
O MSE C 193 1.53 -50.66 -20.42
CB MSE C 193 -0.86 -52.32 -22.01
CG MSE C 193 -1.72 -51.09 -21.85
SE MSE C 193 -3.55 -51.40 -22.41
CE MSE C 193 -3.20 -51.93 -24.26
N TYR C 194 1.58 -52.91 -20.11
CA TYR C 194 2.27 -52.81 -18.82
C TYR C 194 3.62 -52.11 -18.96
N ALA C 195 4.25 -52.20 -20.14
CA ALA C 195 5.50 -51.51 -20.36
C ALA C 195 5.28 -50.05 -20.76
N LEU C 196 4.14 -49.73 -21.37
CA LEU C 196 3.87 -48.40 -21.87
C LEU C 196 3.03 -47.55 -20.93
N ASN C 197 2.50 -48.14 -19.85
CA ASN C 197 1.70 -47.39 -18.89
C ASN C 197 2.34 -47.33 -17.51
N HIS C 198 2.70 -48.48 -16.94
CA HIS C 198 3.18 -48.50 -15.56
C HIS C 198 4.63 -48.05 -15.44
N PHE C 199 5.46 -48.33 -16.44
CA PHE C 199 6.85 -47.91 -16.42
C PHE C 199 7.05 -46.64 -17.23
N GLU C 200 8.07 -45.87 -16.85
CA GLU C 200 8.33 -44.57 -17.45
C GLU C 200 9.05 -44.75 -18.79
N ARG C 201 8.46 -44.20 -19.85
CA ARG C 201 9.00 -44.30 -21.19
C ARG C 201 9.40 -42.92 -21.69
N GLY C 202 10.70 -42.69 -21.86
CA GLY C 202 11.19 -41.43 -22.36
C GLY C 202 12.36 -40.87 -21.56
N GLU C 203 12.25 -39.60 -21.15
CA GLU C 203 13.28 -38.97 -20.34
C GLU C 203 12.69 -38.16 -19.19
N ASN C 204 11.38 -38.19 -18.97
CA ASN C 204 10.72 -37.37 -17.96
C ASN C 204 10.89 -38.01 -16.60
N THR C 205 10.14 -37.52 -15.62
CA THR C 205 10.24 -38.01 -14.25
C THR C 205 9.10 -38.95 -13.86
N LYS C 206 7.86 -38.52 -14.03
CA LYS C 206 6.72 -39.30 -13.56
C LYS C 206 6.35 -40.40 -14.55
N THR C 207 5.66 -41.42 -14.04
CA THR C 207 5.20 -42.53 -14.86
C THR C 207 3.94 -42.15 -15.63
N PRO C 208 3.73 -42.72 -16.81
CA PRO C 208 2.51 -42.42 -17.58
C PRO C 208 1.23 -42.70 -16.80
N ILE C 209 1.24 -43.64 -15.87
CA ILE C 209 0.07 -43.83 -15.00
C ILE C 209 -0.02 -42.70 -13.98
N GLN C 210 1.12 -42.29 -13.42
CA GLN C 210 1.13 -41.10 -12.58
C GLN C 210 0.92 -39.83 -13.41
N LYS C 211 1.30 -39.85 -14.69
CA LYS C 211 1.00 -38.76 -15.61
C LYS C 211 -0.48 -38.70 -15.96
N HIS C 212 -1.24 -39.72 -15.59
CA HIS C 212 -2.70 -39.74 -15.73
C HIS C 212 -3.31 -38.93 -14.60
N TRP C 213 -4.49 -39.35 -14.14
CA TRP C 213 -5.31 -38.67 -13.14
C TRP C 213 -4.48 -38.08 -12.00
N ARG C 214 -5.09 -37.18 -11.24
CA ARG C 214 -4.44 -36.08 -10.51
C ARG C 214 -3.01 -36.25 -9.94
N PRO C 215 -2.68 -37.36 -9.26
CA PRO C 215 -3.32 -38.65 -8.95
C PRO C 215 -4.05 -38.69 -7.63
N THR C 216 -4.96 -39.67 -7.50
CA THR C 216 -5.69 -39.91 -6.26
C THR C 216 -6.28 -38.60 -5.75
N VAL C 217 -7.25 -38.09 -6.51
CA VAL C 217 -7.76 -36.75 -6.33
C VAL C 217 -8.11 -36.55 -4.87
N LEU C 218 -7.41 -35.64 -4.20
CA LEU C 218 -7.48 -35.52 -2.76
C LEU C 218 -8.87 -35.05 -2.35
N THR C 219 -9.63 -35.96 -1.73
CA THR C 219 -11.00 -35.64 -1.33
C THR C 219 -11.02 -34.42 -0.42
N GLU C 220 -10.09 -34.33 0.52
CA GLU C 220 -10.05 -33.20 1.45
C GLU C 220 -8.61 -32.79 1.69
N GLY C 221 -8.40 -31.48 1.79
CA GLY C 221 -7.15 -30.90 2.19
C GLY C 221 -7.33 -30.22 3.53
N PRO C 222 -6.26 -29.67 4.12
CA PRO C 222 -6.43 -28.93 5.36
C PRO C 222 -7.03 -27.57 5.10
N PRO C 223 -7.69 -26.97 6.09
CA PRO C 223 -8.37 -25.70 5.84
C PRO C 223 -7.41 -24.53 5.74
N VAL C 224 -7.70 -23.63 4.81
CA VAL C 224 -6.91 -22.43 4.63
C VAL C 224 -7.85 -21.25 4.42
N LYS C 225 -7.31 -20.05 4.57
CA LYS C 225 -7.97 -18.83 4.15
C LYS C 225 -7.22 -18.27 2.95
N ILE C 226 -7.93 -17.60 2.06
CA ILE C 226 -7.33 -16.95 0.90
C ILE C 226 -7.66 -15.47 0.92
N ARG C 227 -6.69 -14.65 0.53
CA ARG C 227 -6.91 -13.21 0.47
C ARG C 227 -7.55 -12.83 -0.86
N ILE C 228 -8.75 -12.25 -0.78
CA ILE C 228 -9.59 -11.99 -1.92
C ILE C 228 -9.35 -10.53 -2.34
N GLU C 229 -9.78 -10.19 -3.55
CA GLU C 229 -9.46 -8.92 -4.22
C GLU C 229 -9.54 -7.72 -3.29
N THR C 230 -10.54 -7.68 -2.41
CA THR C 230 -10.71 -6.60 -1.45
C THR C 230 -9.71 -6.67 -0.29
N GLY C 231 -8.79 -7.63 -0.28
CA GLY C 231 -7.85 -7.78 0.82
C GLY C 231 -8.33 -8.60 1.99
N GLU C 232 -9.58 -9.07 1.97
CA GLU C 232 -10.13 -9.81 3.10
C GLU C 232 -9.62 -11.25 3.07
N TRP C 233 -9.69 -11.92 4.21
CA TRP C 233 -9.37 -13.33 4.30
C TRP C 233 -10.65 -14.14 4.42
N GLU C 234 -10.85 -15.09 3.51
CA GLU C 234 -12.08 -15.84 3.37
C GLU C 234 -11.88 -17.28 3.81
N LYS C 235 -12.75 -17.76 4.70
CA LYS C 235 -12.71 -19.16 5.08
C LYS C 235 -13.47 -19.98 4.05
N GLY C 236 -13.38 -21.30 4.17
CA GLY C 236 -14.12 -22.18 3.30
C GLY C 236 -13.33 -22.84 2.21
N TRP C 237 -12.00 -22.83 2.28
CA TRP C 237 -11.17 -23.46 1.27
C TRP C 237 -10.29 -24.54 1.90
N ASN C 238 -9.92 -25.52 1.08
CA ASN C 238 -8.98 -26.56 1.47
C ASN C 238 -7.91 -26.64 0.40
N VAL C 239 -6.67 -26.90 0.81
CA VAL C 239 -5.53 -26.92 -0.10
C VAL C 239 -5.24 -28.35 -0.52
N LEU C 240 -5.08 -28.57 -1.82
CA LEU C 240 -4.87 -29.88 -2.42
C LEU C 240 -3.44 -30.10 -2.87
N VAL C 241 -2.75 -29.01 -3.21
CA VAL C 241 -1.35 -29.01 -3.61
C VAL C 241 -0.76 -27.76 -2.99
N TRP C 242 0.39 -27.90 -2.33
CA TRP C 242 1.09 -26.77 -1.74
C TRP C 242 2.56 -26.81 -2.14
N GLY C 243 2.89 -26.03 -3.16
CA GLY C 243 4.23 -25.92 -3.68
C GLY C 243 4.95 -24.71 -3.12
N ARG C 244 6.11 -24.44 -3.69
CA ARG C 244 6.94 -23.34 -3.20
C ARG C 244 6.30 -21.99 -3.52
N GLY C 245 5.90 -21.81 -4.77
CA GLY C 245 5.26 -20.60 -5.24
C GLY C 245 3.76 -20.50 -5.00
N TYR C 246 3.07 -21.61 -5.23
CA TYR C 246 1.62 -21.64 -5.28
C TYR C 246 1.07 -22.80 -4.48
N ALA C 247 -0.22 -22.67 -4.18
CA ALA C 247 -0.99 -23.69 -3.52
C ALA C 247 -2.24 -23.87 -4.35
N ALA C 248 -2.71 -25.10 -4.45
CA ALA C 248 -3.99 -25.40 -5.09
C ALA C 248 -5.02 -25.51 -3.98
N VAL C 249 -6.07 -24.68 -4.06
CA VAL C 249 -7.11 -24.69 -3.04
C VAL C 249 -8.45 -24.94 -3.72
N LYS C 250 -9.31 -25.66 -3.01
CA LYS C 250 -10.59 -26.12 -3.52
C LYS C 250 -11.69 -25.51 -2.66
N ASN C 251 -12.71 -24.93 -3.31
CA ASN C 251 -13.83 -24.40 -2.57
C ASN C 251 -14.75 -25.54 -2.12
N ARG C 252 -15.08 -25.55 -0.83
CA ARG C 252 -15.80 -26.67 -0.26
C ARG C 252 -17.22 -26.76 -0.80
N ASP C 253 -17.84 -25.61 -1.11
CA ASP C 253 -19.23 -25.58 -1.57
C ASP C 253 -19.41 -25.93 -3.03
N THR C 254 -18.38 -25.78 -3.86
CA THR C 254 -18.51 -25.99 -5.30
C THR C 254 -17.53 -27.00 -5.88
N ASP C 255 -16.45 -27.31 -5.17
CA ASP C 255 -15.33 -28.14 -5.61
C ASP C 255 -14.50 -27.47 -6.69
N LYS C 256 -14.70 -26.18 -6.94
CA LYS C 256 -13.84 -25.41 -7.82
C LYS C 256 -12.45 -25.27 -7.21
N VAL C 257 -11.42 -25.48 -8.04
CA VAL C 257 -10.03 -25.40 -7.61
C VAL C 257 -9.35 -24.23 -8.31
N ILE C 258 -8.65 -23.39 -7.53
CA ILE C 258 -7.89 -22.27 -8.06
C ILE C 258 -6.50 -22.27 -7.47
N TRP C 259 -5.56 -21.66 -8.20
CA TRP C 259 -4.18 -21.49 -7.77
C TRP C 259 -3.94 -20.06 -7.33
N VAL C 260 -3.29 -19.88 -6.18
CA VAL C 260 -3.09 -18.54 -5.62
C VAL C 260 -1.68 -18.44 -5.07
N PRO C 261 -1.17 -17.21 -4.92
CA PRO C 261 0.18 -17.03 -4.36
C PRO C 261 0.26 -17.42 -2.89
N SER C 262 1.43 -17.95 -2.51
CA SER C 262 1.62 -18.41 -1.14
C SER C 262 1.30 -17.32 -0.13
N ARG C 263 1.71 -16.08 -0.42
CA ARG C 263 1.54 -14.97 0.51
C ARG C 263 0.06 -14.68 0.82
N LYS C 264 -0.84 -15.11 -0.06
CA LYS C 264 -2.28 -14.91 0.08
C LYS C 264 -2.99 -16.07 0.78
N VAL C 265 -2.26 -16.99 1.40
CA VAL C 265 -2.83 -18.13 2.09
C VAL C 265 -2.29 -18.18 3.50
N LYS C 266 -3.16 -18.47 4.47
CA LYS C 266 -2.74 -18.70 5.84
C LYS C 266 -3.61 -19.78 6.46
N PRO C 267 -3.09 -20.51 7.45
CA PRO C 267 -3.88 -21.57 8.10
C PRO C 267 -5.16 -21.06 8.74
N ASP C 268 -6.22 -21.85 8.60
CA ASP C 268 -7.48 -21.59 9.27
C ASP C 268 -7.51 -22.33 10.60
N ILE C 269 -8.25 -21.78 11.56
CA ILE C 269 -8.35 -22.32 12.90
C ILE C 269 -7.01 -22.26 13.62
N PRO D 1 -29.51 -31.17 -8.33
CA PRO D 1 -29.04 -32.40 -7.69
C PRO D 1 -29.97 -33.63 -7.67
N LEU D 2 -31.29 -33.45 -7.62
CA LEU D 2 -32.21 -34.57 -7.60
C LEU D 2 -32.19 -35.33 -8.91
N ARG D 3 -32.19 -34.60 -10.04
CA ARG D 3 -32.17 -35.26 -11.33
C ARG D 3 -30.82 -35.90 -11.61
N GLU D 4 -29.73 -35.21 -11.27
CA GLU D 4 -28.41 -35.79 -11.49
C GLU D 4 -28.25 -37.10 -10.72
N ALA D 5 -28.67 -37.11 -9.44
CA ALA D 5 -28.55 -38.33 -8.65
C ALA D 5 -29.45 -39.44 -9.17
N LYS D 6 -30.69 -39.09 -9.55
CA LYS D 6 -31.59 -40.12 -10.06
C LYS D 6 -31.05 -40.72 -11.35
N ASP D 7 -30.54 -39.89 -12.26
CA ASP D 7 -30.01 -40.42 -13.52
C ASP D 7 -28.78 -41.30 -13.25
N LEU D 8 -27.87 -40.83 -12.40
CA LEU D 8 -26.69 -41.62 -12.08
C LEU D 8 -27.05 -42.98 -11.52
N HIS D 9 -27.99 -43.04 -10.57
CA HIS D 9 -28.33 -44.35 -10.04
C HIS D 9 -29.08 -45.19 -11.07
N THR D 10 -29.94 -44.57 -11.88
CA THR D 10 -30.65 -45.32 -12.90
C THR D 10 -29.67 -46.07 -13.80
N ALA D 11 -28.66 -45.36 -14.31
CA ALA D 11 -27.73 -46.04 -15.21
C ALA D 11 -26.71 -46.93 -14.48
N LEU D 12 -25.96 -46.38 -13.53
CA LEU D 12 -24.92 -47.15 -12.86
C LEU D 12 -25.27 -47.73 -11.50
N HIS D 13 -26.38 -47.29 -10.86
CA HIS D 13 -26.75 -47.78 -9.53
C HIS D 13 -25.60 -47.57 -8.54
N ILE D 14 -25.07 -46.35 -8.58
CA ILE D 14 -23.96 -45.93 -7.74
C ILE D 14 -24.40 -45.86 -6.28
N GLY D 15 -23.52 -46.28 -5.37
CA GLY D 15 -23.80 -46.26 -3.95
C GLY D 15 -24.02 -44.85 -3.44
N PRO D 16 -24.53 -44.72 -2.21
CA PRO D 16 -24.82 -43.37 -1.71
C PRO D 16 -23.63 -42.44 -1.46
N ARG D 17 -22.48 -42.92 -0.97
CA ARG D 17 -21.35 -42.01 -0.76
C ARG D 17 -20.89 -41.35 -2.05
N ALA D 18 -20.79 -42.14 -3.11
CA ALA D 18 -20.38 -41.64 -4.42
C ALA D 18 -21.38 -40.64 -4.98
N LEU D 19 -22.69 -40.93 -4.86
CA LEU D 19 -23.68 -39.99 -5.39
C LEU D 19 -23.69 -38.72 -4.56
N SER D 20 -23.51 -38.84 -3.25
CA SER D 20 -23.48 -37.68 -2.38
C SER D 20 -22.33 -36.77 -2.75
N LYS D 21 -21.16 -37.34 -3.01
CA LYS D 21 -20.00 -36.52 -3.36
C LYS D 21 -20.11 -35.97 -4.78
N ALA D 22 -20.46 -36.84 -5.74
CA ALA D 22 -20.57 -36.42 -7.14
C ALA D 22 -21.60 -35.33 -7.36
N SER D 23 -22.79 -35.46 -6.76
CA SER D 23 -23.83 -34.46 -6.99
C SER D 23 -24.06 -33.52 -5.81
N ASN D 24 -23.17 -33.53 -4.82
CA ASN D 24 -23.23 -32.67 -3.64
C ASN D 24 -24.59 -32.76 -2.92
N ILE D 25 -24.99 -33.99 -2.62
CA ILE D 25 -26.24 -34.26 -1.92
C ILE D 25 -25.95 -34.81 -0.53
N SER D 26 -26.77 -34.44 0.45
CA SER D 26 -26.60 -34.94 1.80
C SER D 26 -26.90 -36.44 1.83
N MSE D 27 -26.42 -37.11 2.88
CA MSE D 27 -26.48 -38.57 2.94
C MSE D 27 -27.90 -39.14 3.01
O MSE D 27 -28.15 -40.22 2.48
CB MSE D 27 -25.67 -39.08 4.13
CG MSE D 27 -24.17 -39.20 3.86
SE MSE D 27 -23.74 -40.43 2.41
CE MSE D 27 -24.34 -42.09 3.23
N GLN D 28 -28.81 -38.42 3.67
CA GLN D 28 -30.17 -38.95 3.83
C GLN D 28 -30.85 -39.16 2.48
N GLN D 29 -30.64 -38.24 1.54
CA GLN D 29 -31.25 -38.35 0.22
C GLN D 29 -30.63 -39.52 -0.54
N ALA D 30 -29.30 -39.55 -0.64
CA ALA D 30 -28.63 -40.65 -1.33
C ALA D 30 -29.09 -41.99 -0.79
N ARG D 31 -29.22 -42.09 0.55
CA ARG D 31 -29.66 -43.36 1.12
C ARG D 31 -31.09 -43.63 0.68
N GLU D 32 -31.92 -42.58 0.55
CA GLU D 32 -33.28 -42.80 0.09
C GLU D 32 -33.26 -43.33 -1.33
N VAL D 33 -32.28 -42.89 -2.12
CA VAL D 33 -32.13 -43.33 -3.50
C VAL D 33 -31.78 -44.81 -3.53
N VAL D 34 -30.87 -45.24 -2.65
CA VAL D 34 -30.51 -46.66 -2.60
C VAL D 34 -31.74 -47.45 -2.19
N GLN D 35 -32.55 -46.89 -1.30
CA GLN D 35 -33.78 -47.53 -0.86
C GLN D 35 -34.75 -47.74 -2.02
N THR D 36 -34.97 -46.69 -2.82
CA THR D 36 -35.90 -46.76 -3.95
C THR D 36 -35.51 -47.79 -5.00
N CYS D 37 -34.34 -48.35 -4.95
CA CYS D 37 -34.12 -49.30 -6.02
C CYS D 37 -34.58 -50.68 -5.55
N PRO D 38 -35.31 -51.46 -6.35
CA PRO D 38 -35.76 -52.76 -5.85
C PRO D 38 -34.67 -53.84 -5.74
N HIS D 39 -33.76 -53.96 -6.70
CA HIS D 39 -32.75 -55.00 -6.61
C HIS D 39 -31.59 -54.64 -5.68
N CYS D 40 -31.54 -53.40 -5.18
CA CYS D 40 -30.50 -53.01 -4.26
C CYS D 40 -30.84 -53.42 -2.83
N PRO D 52 -7.88 -57.06 9.64
CA PRO D 52 -6.58 -57.31 8.99
C PRO D 52 -6.61 -56.96 7.51
N ARG D 53 -6.78 -55.68 7.19
CA ARG D 53 -6.96 -55.25 5.81
C ARG D 53 -6.16 -53.99 5.49
N GLY D 54 -5.08 -53.74 6.22
CA GLY D 54 -4.30 -52.53 6.00
C GLY D 54 -2.81 -52.73 5.79
N LEU D 55 -2.40 -53.77 5.08
CA LEU D 55 -0.97 -54.00 4.87
C LEU D 55 -0.42 -53.13 3.75
N GLY D 56 -0.86 -53.35 2.52
CA GLY D 56 -0.42 -52.57 1.39
C GLY D 56 -1.11 -52.96 0.10
N PRO D 57 -1.16 -52.04 -0.86
CA PRO D 57 -1.72 -52.35 -2.16
C PRO D 57 -0.70 -53.03 -3.07
N LEU D 58 -1.23 -53.76 -4.06
CA LEU D 58 -0.42 -54.44 -5.07
C LEU D 58 0.50 -55.49 -4.44
N GLN D 59 0.02 -56.15 -3.38
CA GLN D 59 0.80 -57.18 -2.71
C GLN D 59 0.13 -58.54 -2.73
N ILE D 60 -1.13 -58.63 -2.33
CA ILE D 60 -1.85 -59.90 -2.22
C ILE D 60 -3.07 -59.84 -3.12
N TRP D 61 -3.21 -60.86 -3.98
CA TRP D 61 -4.35 -60.98 -4.87
C TRP D 61 -5.07 -62.30 -4.62
N GLN D 62 -6.39 -62.28 -4.80
CA GLN D 62 -7.22 -63.47 -4.72
C GLN D 62 -7.89 -63.69 -6.06
N THR D 63 -7.78 -64.91 -6.58
CA THR D 63 -8.33 -65.26 -7.89
C THR D 63 -9.08 -66.58 -7.79
N ASP D 64 -10.35 -66.58 -8.19
CA ASP D 64 -11.17 -67.77 -8.14
C ASP D 64 -12.17 -67.72 -9.28
N PHE D 65 -12.66 -68.90 -9.67
CA PHE D 65 -13.64 -69.03 -10.73
C PHE D 65 -15.03 -69.20 -10.13
N THR D 66 -15.95 -68.33 -10.53
CA THR D 66 -17.35 -68.41 -10.11
C THR D 66 -18.23 -68.06 -11.29
N LEU D 67 -19.19 -68.93 -11.59
CA LEU D 67 -19.98 -68.84 -12.81
C LEU D 67 -21.24 -68.02 -12.59
N GLU D 68 -21.52 -67.12 -13.52
CA GLU D 68 -22.79 -66.40 -13.61
C GLU D 68 -23.46 -66.77 -14.92
N PRO D 69 -24.68 -67.32 -14.89
CA PRO D 69 -25.28 -67.81 -16.14
C PRO D 69 -25.70 -66.71 -17.10
N ARG D 70 -25.81 -65.46 -16.64
CA ARG D 70 -26.23 -64.38 -17.51
C ARG D 70 -25.22 -64.08 -18.60
N MSE D 71 -23.99 -64.56 -18.45
CA MSE D 71 -22.96 -64.37 -19.48
C MSE D 71 -22.75 -65.65 -20.28
O MSE D 71 -21.65 -65.90 -20.78
CB MSE D 71 -21.65 -63.92 -18.85
CG MSE D 71 -21.65 -62.48 -18.38
SE MSE D 71 -22.07 -61.25 -19.83
CE MSE D 71 -21.76 -59.57 -18.91
N ALA D 72 -23.79 -66.45 -20.41
CA ALA D 72 -23.74 -67.69 -21.19
C ALA D 72 -23.48 -67.38 -22.67
N PRO D 73 -22.71 -68.25 -23.34
CA PRO D 73 -22.10 -69.47 -22.83
C PRO D 73 -20.66 -69.28 -22.38
N TRP D 76 -17.85 -68.31 -19.14
CA TRP D 76 -17.63 -68.37 -17.71
C TRP D 76 -17.16 -67.01 -17.20
N LEU D 77 -16.75 -66.94 -15.95
CA LEU D 77 -16.19 -65.74 -15.37
C LEU D 77 -15.06 -66.11 -14.41
N ALA D 78 -14.04 -65.26 -14.37
CA ALA D 78 -12.90 -65.45 -13.47
C ALA D 78 -12.56 -64.10 -12.85
N VAL D 79 -12.53 -64.05 -11.53
CA VAL D 79 -12.33 -62.80 -10.81
C VAL D 79 -10.90 -62.73 -10.29
N THR D 80 -10.39 -61.52 -10.14
CA THR D 80 -9.08 -61.27 -9.56
C THR D 80 -9.14 -59.94 -8.82
N VAL D 81 -8.95 -59.97 -7.50
CA VAL D 81 -9.19 -58.83 -6.64
C VAL D 81 -7.93 -58.54 -5.82
N ASP D 82 -7.62 -57.26 -5.65
CA ASP D 82 -6.55 -56.82 -4.78
C ASP D 82 -7.08 -56.65 -3.37
N THR D 83 -6.38 -57.23 -2.39
CA THR D 83 -6.88 -57.28 -1.02
C THR D 83 -6.80 -55.94 -0.29
N ALA D 84 -6.22 -54.90 -0.90
CA ALA D 84 -6.15 -53.59 -0.26
C ALA D 84 -6.89 -52.52 -1.04
N SER D 85 -6.62 -52.38 -2.32
CA SER D 85 -7.27 -51.35 -3.13
C SER D 85 -8.73 -51.67 -3.44
N SER D 86 -9.18 -52.90 -3.17
CA SER D 86 -10.57 -53.32 -3.33
C SER D 86 -10.99 -53.37 -4.80
N ALA D 87 -10.09 -53.05 -5.72
CA ALA D 87 -10.43 -53.11 -7.13
C ALA D 87 -10.54 -54.57 -7.59
N ILE D 88 -11.32 -54.78 -8.65
CA ILE D 88 -11.56 -56.11 -9.19
C ILE D 88 -11.35 -56.08 -10.70
N VAL D 89 -10.95 -57.23 -11.25
CA VAL D 89 -10.76 -57.40 -12.69
C VAL D 89 -11.30 -58.77 -13.08
N VAL D 90 -12.20 -58.79 -14.07
CA VAL D 90 -12.81 -60.01 -14.57
C VAL D 90 -12.64 -60.06 -16.08
N THR D 91 -12.31 -61.25 -16.61
CA THR D 91 -12.02 -61.41 -18.02
C THR D 91 -13.11 -62.13 -18.81
N GLN D 92 -13.99 -62.89 -18.15
CA GLN D 92 -15.11 -63.57 -18.79
C GLN D 92 -14.62 -64.54 -19.88
N HIS D 93 -13.91 -65.57 -19.43
CA HIS D 93 -13.47 -66.62 -20.31
C HIS D 93 -14.64 -67.53 -20.69
N GLY D 94 -14.48 -68.24 -21.80
CA GLY D 94 -15.51 -69.17 -22.25
C GLY D 94 -15.32 -70.57 -21.71
N ARG D 95 -14.10 -71.09 -21.83
CA ARG D 95 -13.75 -72.41 -21.32
C ARG D 95 -12.75 -72.27 -20.19
N VAL D 96 -12.98 -73.00 -19.10
CA VAL D 96 -12.15 -72.89 -17.90
C VAL D 96 -10.98 -73.85 -18.05
N THR D 97 -9.80 -73.30 -18.35
CA THR D 97 -8.57 -74.08 -18.45
C THR D 97 -7.47 -73.35 -17.72
N SER D 98 -6.30 -74.01 -17.63
CA SER D 98 -5.15 -73.39 -17.00
C SER D 98 -4.56 -72.28 -17.86
N VAL D 99 -4.92 -72.24 -19.15
CA VAL D 99 -4.47 -71.14 -20.01
C VAL D 99 -5.26 -69.88 -19.71
N ALA D 100 -6.56 -70.02 -19.43
CA ALA D 100 -7.39 -68.87 -19.08
C ALA D 100 -6.94 -68.19 -17.81
N VAL D 101 -6.25 -68.91 -16.93
CA VAL D 101 -5.68 -68.28 -15.73
C VAL D 101 -4.48 -67.42 -16.12
N GLN D 102 -3.61 -67.95 -16.98
CA GLN D 102 -2.45 -67.18 -17.43
C GLN D 102 -2.87 -65.92 -18.19
N HIS D 103 -3.90 -66.04 -19.03
CA HIS D 103 -4.39 -64.88 -19.77
C HIS D 103 -5.18 -63.93 -18.88
N HIS D 104 -5.87 -64.46 -17.86
CA HIS D 104 -6.60 -63.60 -16.94
C HIS D 104 -5.64 -62.75 -16.12
N TRP D 105 -4.65 -63.40 -15.48
CA TRP D 105 -3.63 -62.64 -14.77
C TRP D 105 -2.85 -61.74 -15.71
N ALA D 106 -2.66 -62.18 -16.97
CA ALA D 106 -1.99 -61.35 -17.95
C ALA D 106 -2.76 -60.06 -18.20
N THR D 107 -4.09 -60.15 -18.27
CA THR D 107 -4.90 -58.95 -18.46
C THR D 107 -5.01 -58.13 -17.18
N ALA D 108 -4.90 -58.78 -16.02
CA ALA D 108 -5.02 -58.07 -14.75
C ALA D 108 -3.77 -57.25 -14.44
N ILE D 109 -2.59 -57.85 -14.59
CA ILE D 109 -1.34 -57.15 -14.31
C ILE D 109 -1.07 -56.02 -15.29
N ALA D 110 -1.88 -55.87 -16.33
CA ALA D 110 -1.77 -54.74 -17.22
C ALA D 110 -2.56 -53.54 -16.73
N VAL D 111 -3.64 -53.77 -16.00
CA VAL D 111 -4.46 -52.70 -15.46
C VAL D 111 -4.10 -52.39 -14.02
N MSE D 112 -3.86 -53.41 -13.20
CA MSE D 112 -3.55 -53.19 -11.79
C MSE D 112 -2.06 -53.27 -11.49
O MSE D 112 -1.63 -52.99 -10.37
CB MSE D 112 -4.30 -54.20 -10.91
CG MSE D 112 -5.80 -53.94 -10.81
SE MSE D 112 -6.58 -54.67 -9.18
CE MSE D 112 -6.18 -56.55 -9.46
N GLY D 113 -1.27 -53.66 -12.48
CA GLY D 113 0.17 -53.74 -12.33
C GLY D 113 0.64 -55.08 -11.79
N ARG D 114 1.95 -55.24 -11.77
CA ARG D 114 2.58 -56.49 -11.33
C ARG D 114 2.45 -56.64 -9.82
N PRO D 115 1.76 -57.65 -9.32
CA PRO D 115 1.66 -57.84 -7.88
C PRO D 115 2.85 -58.61 -7.33
N LYS D 116 3.10 -58.40 -6.04
CA LYS D 116 4.19 -59.11 -5.37
C LYS D 116 3.86 -60.56 -5.09
N ALA D 117 2.58 -60.92 -5.09
CA ALA D 117 2.16 -62.30 -4.87
C ALA D 117 0.70 -62.45 -5.28
N ILE D 118 0.33 -63.66 -5.69
CA ILE D 118 -1.04 -63.99 -6.04
C ILE D 118 -1.39 -65.30 -5.33
N LYS D 119 -2.42 -65.26 -4.51
CA LYS D 119 -2.87 -66.44 -3.76
C LYS D 119 -4.19 -66.93 -4.32
N THR D 120 -4.24 -68.23 -4.64
CA THR D 120 -5.45 -68.87 -5.12
C THR D 120 -5.66 -70.17 -4.36
N ASP D 121 -6.93 -70.51 -4.13
CA ASP D 121 -7.25 -71.80 -3.53
C ASP D 121 -6.74 -72.92 -4.41
N ASN D 122 -6.07 -73.90 -3.80
CA ASN D 122 -5.43 -74.98 -4.54
C ASN D 122 -6.47 -75.79 -5.31
N GLY D 123 -6.45 -75.66 -6.64
CA GLY D 123 -7.33 -76.42 -7.50
C GLY D 123 -6.55 -77.15 -8.57
N SER D 124 -7.28 -77.95 -9.35
CA SER D 124 -6.68 -78.63 -10.50
C SER D 124 -6.33 -77.67 -11.63
N CYS D 125 -6.66 -76.38 -11.49
CA CYS D 125 -6.43 -75.40 -12.55
C CYS D 125 -5.24 -74.50 -12.28
N PHE D 126 -4.97 -74.14 -11.02
CA PHE D 126 -3.86 -73.26 -10.70
C PHE D 126 -2.59 -74.00 -10.31
N THR D 127 -2.68 -75.29 -10.02
CA THR D 127 -1.53 -76.08 -9.58
C THR D 127 -0.79 -76.74 -10.73
N SER D 128 -1.16 -76.44 -11.98
CA SER D 128 -0.50 -77.05 -13.13
C SER D 128 0.93 -76.54 -13.27
N LYS D 129 1.75 -77.34 -13.96
CA LYS D 129 3.14 -76.95 -14.19
C LYS D 129 3.23 -75.73 -15.09
N SER D 130 2.31 -75.61 -16.05
CA SER D 130 2.28 -74.41 -16.89
C SER D 130 2.02 -73.16 -16.07
N THR D 131 1.10 -73.25 -15.10
CA THR D 131 0.81 -72.11 -14.24
C THR D 131 2.00 -71.79 -13.34
N ARG D 132 2.71 -72.81 -12.87
CA ARG D 132 3.84 -72.58 -11.97
C ARG D 132 5.01 -71.94 -12.72
N GLU D 133 5.36 -72.49 -13.89
CA GLU D 133 6.37 -71.84 -14.71
C GLU D 133 5.94 -70.43 -15.11
N TRP D 134 4.64 -70.23 -15.31
CA TRP D 134 4.14 -68.89 -15.62
C TRP D 134 4.33 -67.94 -14.45
N MSE D 135 4.16 -68.43 -13.23
CA MSE D 135 4.39 -67.64 -12.03
C MSE D 135 5.87 -67.29 -11.89
O MSE D 135 6.22 -66.15 -11.59
CB MSE D 135 3.91 -68.36 -10.78
CG MSE D 135 2.40 -68.57 -10.69
SE MSE D 135 1.42 -66.90 -10.65
CE MSE D 135 2.30 -66.05 -9.13
N ALA D 136 6.73 -68.28 -12.12
CA ALA D 136 8.16 -68.07 -12.00
C ALA D 136 8.69 -67.13 -13.08
N ARG D 137 8.05 -67.11 -14.25
CA ARG D 137 8.51 -66.24 -15.34
C ARG D 137 8.33 -64.77 -15.02
N TRP D 138 7.37 -64.41 -14.15
CA TRP D 138 7.11 -63.03 -13.81
C TRP D 138 7.78 -62.60 -12.51
N GLY D 139 8.52 -63.49 -11.85
CA GLY D 139 9.10 -63.16 -10.57
C GLY D 139 8.10 -62.97 -9.45
N ILE D 140 6.90 -63.49 -9.62
CA ILE D 140 5.82 -63.32 -8.64
C ILE D 140 5.69 -64.61 -7.85
N ALA D 141 5.73 -64.49 -6.52
CA ALA D 141 5.60 -65.67 -5.67
C ALA D 141 4.16 -66.16 -5.66
N HIS D 142 3.99 -67.48 -5.63
CA HIS D 142 2.68 -68.11 -5.62
C HIS D 142 2.57 -69.03 -4.41
N THR D 143 1.42 -68.97 -3.74
CA THR D 143 1.14 -69.85 -2.62
C THR D 143 -0.31 -70.29 -2.70
N THR D 144 -0.55 -71.59 -2.79
CA THR D 144 -1.90 -72.12 -2.78
C THR D 144 -2.58 -71.78 -1.45
N GLY D 145 -3.80 -71.28 -1.53
CA GLY D 145 -4.51 -70.82 -0.35
C GLY D 145 -4.66 -71.89 0.72
N ILE D 146 -4.10 -71.65 1.90
CA ILE D 146 -4.19 -72.59 3.00
C ILE D 146 -5.43 -72.29 3.83
N GLY D 148 -7.71 -69.05 0.17
CA GLY D 148 -9.07 -68.87 0.65
C GLY D 148 -9.17 -68.92 2.16
N ASN D 149 -9.21 -67.75 2.78
CA ASN D 149 -9.29 -67.62 4.23
C ASN D 149 -10.63 -67.00 4.63
N SER D 150 -10.88 -66.98 5.94
CA SER D 150 -12.13 -66.42 6.44
C SER D 150 -12.19 -64.91 6.25
N GLN D 151 -11.03 -64.24 6.28
CA GLN D 151 -11.02 -62.82 5.96
C GLN D 151 -11.25 -62.58 4.47
N GLY D 152 -10.78 -63.47 3.61
CA GLY D 152 -11.05 -63.39 2.20
C GLY D 152 -12.38 -63.97 1.77
N GLN D 153 -13.02 -64.74 2.64
CA GLN D 153 -14.37 -65.23 2.36
C GLN D 153 -15.32 -64.06 2.11
N ALA D 154 -15.13 -62.96 2.81
CA ALA D 154 -15.92 -61.75 2.60
C ALA D 154 -15.31 -60.80 1.58
N MSE D 155 -14.28 -61.24 0.85
CA MSE D 155 -13.67 -60.39 -0.16
C MSE D 155 -13.80 -60.95 -1.59
O MSE D 155 -14.32 -60.26 -2.48
CB MSE D 155 -12.19 -60.16 0.15
CG MSE D 155 -11.93 -58.98 1.08
SE MSE D 155 -10.06 -58.43 1.06
CE MSE D 155 -9.26 -60.07 1.71
N VAL D 156 -13.34 -62.18 -1.80
CA VAL D 156 -13.39 -62.73 -3.16
C VAL D 156 -14.81 -63.14 -3.52
N GLU D 157 -15.54 -63.72 -2.58
CA GLU D 157 -16.97 -63.98 -2.80
C GLU D 157 -17.75 -62.67 -2.88
N ARG D 158 -17.30 -61.65 -2.15
CA ARG D 158 -17.87 -60.32 -2.31
C ARG D 158 -17.72 -59.82 -3.74
N ALA D 159 -16.54 -60.04 -4.34
CA ALA D 159 -16.35 -59.71 -5.74
C ALA D 159 -17.26 -60.55 -6.64
N ASN D 160 -17.41 -61.83 -6.30
CA ASN D 160 -18.26 -62.72 -7.10
C ASN D 160 -19.69 -62.21 -7.15
N ARG D 161 -20.35 -62.11 -5.99
CA ARG D 161 -21.75 -61.70 -5.97
C ARG D 161 -21.93 -60.23 -6.29
N MSE D 162 -20.89 -59.42 -6.16
CA MSE D 162 -20.99 -58.01 -6.50
C MSE D 162 -20.96 -57.83 -8.01
O MSE D 162 -21.64 -56.97 -8.57
CB MSE D 162 -19.88 -57.21 -5.84
CG MSE D 162 -20.22 -55.74 -5.61
SE MSE D 162 -19.17 -54.94 -4.18
CE MSE D 162 -20.21 -53.30 -3.95
N MSE D 163 -20.17 -58.67 -8.67
CA MSE D 163 -20.14 -58.70 -10.13
C MSE D 163 -21.43 -59.30 -10.69
O MSE D 163 -22.00 -58.79 -11.65
CB MSE D 163 -18.93 -59.49 -10.64
CG MSE D 163 -17.71 -58.63 -10.91
SE MSE D 163 -17.88 -57.60 -12.56
CE MSE D 163 -17.80 -59.08 -13.82
N LYS D 164 -21.88 -60.40 -10.07
CA LYS D 164 -23.12 -61.04 -10.48
C LYS D 164 -24.30 -60.08 -10.34
N ASP D 165 -24.43 -59.45 -9.17
CA ASP D 165 -25.55 -58.54 -8.95
C ASP D 165 -25.42 -57.26 -9.75
N LYS D 166 -24.19 -56.77 -9.95
CA LYS D 166 -24.02 -55.55 -10.73
C LYS D 166 -24.36 -55.78 -12.20
N ILE D 167 -23.89 -56.89 -12.78
CA ILE D 167 -24.25 -57.22 -14.15
C ILE D 167 -25.74 -57.52 -14.25
N ARG D 168 -26.31 -58.14 -13.22
CA ARG D 168 -27.74 -58.43 -13.21
C ARG D 168 -28.57 -57.15 -13.23
N VAL D 169 -28.17 -56.16 -12.42
CA VAL D 169 -28.93 -54.91 -12.34
C VAL D 169 -28.72 -54.06 -13.58
N LEU D 170 -27.50 -54.07 -14.13
CA LEU D 170 -27.24 -53.33 -15.37
C LEU D 170 -28.02 -53.92 -16.54
N ALA D 171 -27.96 -55.25 -16.69
CA ALA D 171 -28.64 -55.91 -17.80
C ALA D 171 -30.16 -55.78 -17.66
N GLU D 172 -30.68 -55.97 -16.45
CA GLU D 172 -32.11 -55.79 -16.24
C GLU D 172 -32.53 -54.35 -16.50
N GLY D 173 -31.69 -53.39 -16.10
CA GLY D 173 -31.98 -52.00 -16.41
C GLY D 173 -31.92 -51.71 -17.90
N ASP D 174 -31.16 -52.50 -18.65
CA ASP D 174 -31.11 -52.37 -20.10
C ASP D 174 -32.20 -53.15 -20.82
N GLY D 175 -32.92 -54.02 -20.11
CA GLY D 175 -34.04 -54.74 -20.68
C GLY D 175 -33.76 -56.17 -21.09
N PHE D 176 -32.64 -56.75 -20.65
CA PHE D 176 -32.28 -58.13 -20.98
C PHE D 176 -32.48 -58.98 -19.74
N MSE D 177 -33.49 -59.85 -19.78
CA MSE D 177 -33.85 -60.64 -18.61
C MSE D 177 -32.97 -61.87 -18.41
O MSE D 177 -32.27 -61.98 -17.40
CB MSE D 177 -35.32 -61.08 -18.72
CG MSE D 177 -35.76 -62.01 -17.61
SE MSE D 177 -35.54 -61.24 -15.83
CE MSE D 177 -36.28 -62.71 -14.78
N LYS D 178 -33.00 -62.79 -19.38
CA LYS D 178 -32.30 -64.07 -19.20
C LYS D 178 -30.82 -63.93 -19.54
N ARG D 179 -30.51 -63.58 -20.77
CA ARG D 179 -29.13 -63.53 -21.26
C ARG D 179 -28.84 -62.15 -21.84
N ILE D 180 -27.59 -61.95 -22.25
CA ILE D 180 -27.13 -60.69 -22.83
C ILE D 180 -26.58 -60.99 -24.21
N PRO D 181 -26.89 -60.16 -25.22
CA PRO D 181 -26.30 -60.38 -26.55
C PRO D 181 -24.79 -60.34 -26.51
N THR D 182 -24.16 -61.28 -27.21
CA THR D 182 -22.71 -61.39 -27.19
C THR D 182 -22.03 -60.13 -27.73
N SER D 183 -22.72 -59.41 -28.62
CA SER D 183 -22.18 -58.12 -29.08
C SER D 183 -22.23 -57.07 -27.97
N LYS D 184 -23.18 -57.21 -27.04
CA LYS D 184 -23.28 -56.32 -25.88
C LYS D 184 -22.75 -56.95 -24.61
N GLN D 185 -22.28 -58.20 -24.67
CA GLN D 185 -21.70 -58.83 -23.48
C GLN D 185 -20.35 -58.20 -23.14
N GLY D 186 -19.41 -58.22 -24.09
CA GLY D 186 -18.12 -57.58 -23.87
C GLY D 186 -18.20 -56.09 -23.62
N GLU D 187 -19.30 -55.45 -24.01
CA GLU D 187 -19.46 -54.02 -23.79
C GLU D 187 -19.95 -53.71 -22.38
N MSE D 188 -20.79 -54.57 -21.81
CA MSE D 188 -21.35 -54.32 -20.49
C MSE D 188 -20.41 -54.72 -19.36
O MSE D 188 -20.67 -54.43 -18.20
CB MSE D 188 -22.68 -55.06 -20.33
CG MSE D 188 -23.90 -54.17 -20.59
SE MSE D 188 -25.54 -55.03 -19.99
CE MSE D 188 -24.90 -55.69 -18.26
N MSE D 189 -19.32 -55.40 -19.71
CA MSE D 189 -18.29 -55.73 -18.72
C MSE D 189 -17.66 -54.46 -18.17
O MSE D 189 -17.23 -54.40 -17.01
CB MSE D 189 -17.20 -56.62 -19.35
CG MSE D 189 -17.65 -58.05 -19.61
SE MSE D 189 -17.82 -59.09 -17.98
CE MSE D 189 -15.99 -58.93 -17.33
N ALA D 190 -17.63 -53.43 -19.01
CA ALA D 190 -16.98 -52.18 -18.63
C ALA D 190 -17.82 -51.38 -17.65
N LYS D 191 -19.15 -51.38 -17.83
CA LYS D 191 -20.02 -50.64 -16.91
C LYS D 191 -19.93 -51.19 -15.50
N ALA D 192 -19.73 -52.50 -15.36
CA ALA D 192 -19.66 -53.09 -14.02
C ALA D 192 -18.36 -52.71 -13.33
N MSE D 193 -17.23 -52.88 -14.00
CA MSE D 193 -15.93 -52.53 -13.42
C MSE D 193 -15.84 -51.03 -13.15
O MSE D 193 -15.27 -50.60 -12.15
CB MSE D 193 -14.79 -52.96 -14.35
CG MSE D 193 -14.54 -54.47 -14.37
SE MSE D 193 -12.90 -54.97 -15.29
CE MSE D 193 -13.37 -54.40 -17.10
N TYR D 194 -16.42 -50.23 -14.05
CA TYR D 194 -16.45 -48.79 -13.86
C TYR D 194 -17.34 -48.40 -12.67
N ALA D 195 -18.41 -49.16 -12.45
CA ALA D 195 -19.29 -48.85 -11.33
C ALA D 195 -18.71 -49.31 -9.99
N LEU D 196 -17.91 -50.38 -10.00
CA LEU D 196 -17.36 -50.94 -8.78
C LEU D 196 -15.93 -50.51 -8.50
N ASN D 197 -15.31 -49.74 -9.39
CA ASN D 197 -13.93 -49.31 -9.22
C ASN D 197 -13.78 -47.80 -9.14
N HIS D 198 -14.34 -47.06 -10.11
CA HIS D 198 -14.16 -45.61 -10.12
C HIS D 198 -15.04 -44.93 -9.08
N PHE D 199 -16.36 -45.08 -9.22
CA PHE D 199 -17.27 -44.50 -8.25
C PHE D 199 -17.25 -45.31 -6.96
N GLU D 200 -17.34 -44.62 -5.83
CA GLU D 200 -17.29 -45.27 -4.53
C GLU D 200 -18.47 -46.20 -4.35
N ARG D 201 -18.29 -47.22 -3.51
CA ARG D 201 -19.34 -48.17 -3.21
C ARG D 201 -19.44 -48.36 -1.70
N GLY D 202 -20.67 -48.39 -1.20
CA GLY D 202 -20.91 -48.53 0.22
C GLY D 202 -20.70 -47.22 0.96
N GLU D 203 -20.43 -47.37 2.26
CA GLU D 203 -20.22 -46.24 3.15
C GLU D 203 -18.76 -45.79 3.21
N ASN D 204 -17.88 -46.42 2.44
CA ASN D 204 -16.46 -46.10 2.50
C ASN D 204 -16.20 -44.70 1.93
N THR D 205 -15.05 -44.14 2.30
CA THR D 205 -14.66 -42.81 1.88
C THR D 205 -13.76 -42.80 0.66
N LYS D 206 -12.68 -43.58 0.68
CA LYS D 206 -11.77 -43.67 -0.45
C LYS D 206 -12.33 -44.58 -1.53
N THR D 207 -12.20 -44.15 -2.78
CA THR D 207 -12.63 -44.97 -3.90
C THR D 207 -11.66 -46.14 -4.07
N PRO D 208 -12.12 -47.23 -4.71
CA PRO D 208 -11.20 -48.34 -4.99
C PRO D 208 -9.97 -47.93 -5.79
N ILE D 209 -10.07 -46.88 -6.60
CA ILE D 209 -8.92 -46.39 -7.35
C ILE D 209 -8.00 -45.57 -6.45
N GLN D 210 -8.57 -44.76 -5.56
CA GLN D 210 -7.79 -43.87 -4.71
C GLN D 210 -6.94 -44.61 -3.69
N LYS D 211 -7.12 -45.91 -3.51
CA LYS D 211 -6.31 -46.69 -2.59
C LYS D 211 -5.24 -47.51 -3.29
N HIS D 212 -5.19 -47.49 -4.62
CA HIS D 212 -4.22 -48.25 -5.38
C HIS D 212 -3.01 -47.43 -5.81
N TRP D 213 -3.22 -46.17 -6.19
CA TRP D 213 -2.15 -45.30 -6.66
C TRP D 213 -1.70 -44.31 -5.60
N ARG D 214 -2.16 -44.47 -4.36
CA ARG D 214 -1.77 -43.57 -3.29
C ARG D 214 -0.76 -44.23 -2.36
N GLU D 220 3.55 -39.30 3.23
CA GLU D 220 2.67 -38.64 4.18
C GLU D 220 3.39 -38.30 5.47
N GLY D 221 2.75 -38.62 6.60
CA GLY D 221 3.31 -38.33 7.89
C GLY D 221 4.52 -39.20 8.20
N PRO D 222 5.16 -38.95 9.34
CA PRO D 222 6.30 -39.74 9.82
C PRO D 222 5.98 -41.11 10.44
N PRO D 223 4.86 -41.29 11.18
CA PRO D 223 3.80 -40.44 11.72
C PRO D 223 4.20 -39.61 12.93
N VAL D 224 3.24 -38.90 13.52
CA VAL D 224 3.47 -38.08 14.70
C VAL D 224 2.34 -38.30 15.70
N LYS D 225 2.57 -37.86 16.93
CA LYS D 225 1.54 -37.73 17.94
C LYS D 225 1.28 -36.26 18.20
N ILE D 226 0.05 -35.93 18.57
CA ILE D 226 -0.33 -34.56 18.90
C ILE D 226 -0.88 -34.50 20.32
N ARG D 227 -0.54 -33.41 21.01
CA ARG D 227 -1.01 -33.15 22.36
C ARG D 227 -2.38 -32.51 22.32
N ILE D 228 -3.36 -33.16 22.92
CA ILE D 228 -4.76 -32.77 22.81
C ILE D 228 -5.15 -31.91 24.00
N GLU D 229 -6.35 -31.31 23.92
CA GLU D 229 -6.79 -30.29 24.87
C GLU D 229 -6.57 -30.69 26.32
N THR D 230 -6.82 -31.96 26.66
CA THR D 230 -6.59 -32.45 28.02
C THR D 230 -5.13 -32.62 28.37
N GLY D 231 -4.20 -32.30 27.46
CA GLY D 231 -2.79 -32.48 27.69
C GLY D 231 -2.23 -33.83 27.34
N GLU D 232 -3.07 -34.78 26.92
CA GLU D 232 -2.59 -36.12 26.63
C GLU D 232 -1.93 -36.14 25.25
N TRP D 233 -1.10 -37.15 25.01
CA TRP D 233 -0.52 -37.35 23.69
C TRP D 233 -1.22 -38.53 23.03
N GLU D 234 -1.78 -38.29 21.85
CA GLU D 234 -2.61 -39.26 21.14
C GLU D 234 -1.87 -39.77 19.92
N LYS D 235 -1.79 -41.10 19.78
CA LYS D 235 -1.20 -41.61 18.56
C LYS D 235 -2.25 -41.64 17.47
N GLY D 236 -1.83 -41.91 16.24
CA GLY D 236 -2.78 -42.04 15.16
C GLY D 236 -2.88 -40.86 14.21
N TRP D 237 -1.92 -39.94 14.24
CA TRP D 237 -1.96 -38.79 13.36
C TRP D 237 -0.73 -38.74 12.47
N ASN D 238 -0.87 -38.11 11.31
CA ASN D 238 0.22 -37.86 10.40
C ASN D 238 0.20 -36.38 10.02
N VAL D 239 1.38 -35.77 9.86
CA VAL D 239 1.46 -34.35 9.58
C VAL D 239 1.63 -34.14 8.08
N LEU D 240 0.83 -33.24 7.51
CA LEU D 240 0.80 -32.96 6.08
C LEU D 240 1.41 -31.62 5.69
N VAL D 241 1.38 -30.63 6.58
CA VAL D 241 1.93 -29.30 6.34
C VAL D 241 2.58 -28.78 7.63
N TRP D 242 3.77 -28.22 7.49
CA TRP D 242 4.49 -27.60 8.61
C TRP D 242 4.94 -26.23 8.14
N GLY D 243 4.15 -25.20 8.47
CA GLY D 243 4.46 -23.85 8.11
C GLY D 243 5.13 -23.10 9.24
N ARG D 244 5.29 -21.79 9.04
CA ARG D 244 5.95 -20.95 10.03
C ARG D 244 5.04 -20.80 11.24
N GLY D 245 5.32 -21.53 12.30
CA GLY D 245 4.49 -21.39 13.48
C GLY D 245 3.56 -22.54 13.78
N TYR D 246 2.93 -23.12 12.75
CA TYR D 246 1.85 -24.08 12.93
C TYR D 246 2.05 -25.27 12.02
N ALA D 247 1.39 -26.37 12.35
CA ALA D 247 1.41 -27.58 11.52
C ALA D 247 0.01 -28.09 11.27
N ALA D 248 -0.20 -28.62 10.07
CA ALA D 248 -1.43 -29.32 9.69
C ALA D 248 -1.22 -30.82 9.86
N VAL D 249 -2.04 -31.46 10.68
CA VAL D 249 -1.93 -32.88 10.96
C VAL D 249 -3.26 -33.55 10.63
N LYS D 250 -3.18 -34.79 10.13
CA LYS D 250 -4.33 -35.53 9.65
C LYS D 250 -4.53 -36.79 10.49
N ASN D 251 -5.76 -37.01 10.93
CA ASN D 251 -6.13 -38.22 11.66
C ASN D 251 -6.29 -39.39 10.69
N ARG D 252 -5.63 -40.50 11.01
CA ARG D 252 -5.57 -41.63 10.07
C ARG D 252 -6.94 -42.28 9.89
N ASP D 253 -7.78 -42.26 10.92
CA ASP D 253 -9.08 -42.94 10.84
C ASP D 253 -10.12 -42.10 10.10
N THR D 254 -10.46 -40.92 10.63
CA THR D 254 -11.54 -40.12 10.07
C THR D 254 -11.11 -39.28 8.88
N ASP D 255 -9.79 -39.06 8.71
CA ASP D 255 -9.19 -38.18 7.71
C ASP D 255 -9.47 -36.70 8.00
N LYS D 256 -9.97 -36.37 9.19
CA LYS D 256 -10.10 -34.99 9.60
C LYS D 256 -8.71 -34.37 9.79
N VAL D 257 -8.53 -33.16 9.27
CA VAL D 257 -7.27 -32.43 9.34
C VAL D 257 -7.47 -31.20 10.20
N ILE D 258 -6.57 -30.99 11.16
CA ILE D 258 -6.58 -29.82 12.03
C ILE D 258 -5.17 -29.22 12.07
N TRP D 259 -5.12 -27.93 12.38
CA TRP D 259 -3.87 -27.21 12.54
C TRP D 259 -3.57 -27.01 14.02
N VAL D 260 -2.34 -27.29 14.42
CA VAL D 260 -1.94 -27.24 15.82
C VAL D 260 -0.57 -26.59 15.93
N PRO D 261 -0.24 -26.08 17.13
CA PRO D 261 1.08 -25.49 17.33
C PRO D 261 2.21 -26.50 17.23
N SER D 262 3.35 -26.05 16.73
CA SER D 262 4.50 -26.94 16.54
C SER D 262 4.85 -27.67 17.84
N ARG D 263 4.77 -26.96 18.96
CA ARG D 263 5.13 -27.50 20.27
C ARG D 263 4.25 -28.68 20.68
N LYS D 264 3.08 -28.83 20.08
CA LYS D 264 2.15 -29.91 20.40
C LYS D 264 2.33 -31.14 19.52
N VAL D 265 3.42 -31.21 18.76
CA VAL D 265 3.67 -32.35 17.89
C VAL D 265 5.06 -32.89 18.19
N LYS D 266 5.18 -34.21 18.24
CA LYS D 266 6.44 -34.92 18.36
C LYS D 266 6.38 -36.21 17.55
N PRO D 267 7.52 -36.72 17.11
CA PRO D 267 7.51 -37.96 16.31
C PRO D 267 6.89 -39.13 17.07
N ASP D 268 6.12 -39.93 16.35
CA ASP D 268 5.55 -41.16 16.89
C ASP D 268 6.52 -42.30 16.58
N ILE D 269 7.17 -42.79 17.63
CA ILE D 269 8.17 -43.86 17.53
C ILE D 269 9.38 -43.36 16.73
N PRO E 1 -5.96 -22.47 37.15
CA PRO E 1 -5.76 -21.38 36.19
C PRO E 1 -5.89 -21.68 34.69
N LEU E 2 -5.55 -22.89 34.23
CA LEU E 2 -5.64 -23.21 32.81
C LEU E 2 -7.09 -23.27 32.35
N ARG E 3 -7.96 -23.88 33.14
CA ARG E 3 -9.37 -23.96 32.76
C ARG E 3 -10.03 -22.60 32.90
N GLU E 4 -9.71 -21.86 33.97
CA GLU E 4 -10.27 -20.52 34.14
C GLU E 4 -9.87 -19.64 32.96
N ALA E 5 -8.60 -19.73 32.55
CA ALA E 5 -8.12 -18.93 31.43
C ALA E 5 -8.81 -19.34 30.15
N LYS E 6 -9.03 -20.65 29.94
CA LYS E 6 -9.72 -21.09 28.73
C LYS E 6 -11.13 -20.52 28.69
N ASP E 7 -11.82 -20.52 29.82
CA ASP E 7 -13.18 -19.98 29.85
C ASP E 7 -13.16 -18.49 29.56
N LEU E 8 -12.21 -17.78 30.18
CA LEU E 8 -12.08 -16.34 29.96
C LEU E 8 -11.88 -16.03 28.49
N HIS E 9 -10.98 -16.76 27.82
CA HIS E 9 -10.77 -16.49 26.41
C HIS E 9 -11.99 -16.87 25.59
N THR E 10 -12.66 -17.96 25.95
CA THR E 10 -13.87 -18.36 25.23
C THR E 10 -14.87 -17.21 25.17
N ALA E 11 -15.13 -16.59 26.33
CA ALA E 11 -16.10 -15.50 26.36
C ALA E 11 -15.56 -14.18 25.82
N LEU E 12 -14.44 -13.68 26.36
CA LEU E 12 -13.91 -12.38 25.96
C LEU E 12 -12.78 -12.40 24.94
N HIS E 13 -12.16 -13.55 24.68
CA HIS E 13 -11.05 -13.66 23.72
C HIS E 13 -9.91 -12.71 24.10
N ILE E 14 -9.57 -12.71 25.39
CA ILE E 14 -8.51 -11.88 25.93
C ILE E 14 -7.16 -12.34 25.38
N GLY E 15 -6.27 -11.38 25.07
CA GLY E 15 -4.97 -11.74 24.55
C GLY E 15 -4.17 -12.52 25.56
N PRO E 16 -3.06 -13.13 25.13
CA PRO E 16 -2.29 -13.95 26.08
C PRO E 16 -1.59 -13.23 27.22
N ARG E 17 -1.04 -12.02 27.02
CA ARG E 17 -0.37 -11.32 28.12
C ARG E 17 -1.31 -11.04 29.29
N ALA E 18 -2.53 -10.60 28.98
CA ALA E 18 -3.52 -10.30 30.02
C ALA E 18 -3.92 -11.54 30.79
N LEU E 19 -4.13 -12.66 30.09
CA LEU E 19 -4.52 -13.88 30.80
C LEU E 19 -3.35 -14.42 31.62
N SER E 20 -2.14 -14.28 31.09
CA SER E 20 -0.96 -14.75 31.82
C SER E 20 -0.78 -13.98 33.13
N LYS E 21 -0.96 -12.66 33.08
CA LYS E 21 -0.79 -11.84 34.27
C LYS E 21 -1.96 -12.01 35.25
N ALA E 22 -3.19 -11.93 34.74
CA ALA E 22 -4.38 -12.03 35.57
C ALA E 22 -4.50 -13.36 36.31
N SER E 23 -4.23 -14.47 35.63
CA SER E 23 -4.37 -15.79 36.24
C SER E 23 -3.05 -16.46 36.60
N ASN E 24 -1.95 -15.71 36.56
CA ASN E 24 -0.62 -16.22 36.91
C ASN E 24 -0.24 -17.47 36.11
N ILE E 25 -0.34 -17.36 34.79
CA ILE E 25 0.00 -18.43 33.87
C ILE E 25 1.23 -18.03 33.07
N SER E 26 2.10 -19.00 32.77
CA SER E 26 3.29 -18.72 31.99
C SER E 26 2.91 -18.35 30.57
N MSE E 27 3.77 -17.56 29.93
CA MSE E 27 3.47 -17.00 28.61
C MSE E 27 3.25 -18.05 27.54
O MSE E 27 2.37 -17.89 26.68
CB MSE E 27 4.58 -16.04 28.17
CG MSE E 27 4.37 -14.61 28.64
SE MSE E 27 2.67 -13.88 28.01
CE MSE E 27 3.02 -13.88 26.10
N GLN E 28 4.05 -19.12 27.56
CA GLN E 28 3.88 -20.20 26.59
C GLN E 28 2.48 -20.78 26.66
N GLN E 29 1.94 -20.94 27.87
CA GLN E 29 0.60 -21.50 28.03
C GLN E 29 -0.45 -20.54 27.51
N ALA E 30 -0.43 -19.28 27.98
CA ALA E 30 -1.41 -18.30 27.50
C ALA E 30 -1.39 -18.24 25.98
N ARG E 31 -0.19 -18.26 25.39
CA ARG E 31 -0.10 -18.21 23.94
C ARG E 31 -0.73 -19.47 23.38
N GLU E 32 -0.57 -20.59 24.10
CA GLU E 32 -1.15 -21.83 23.63
C GLU E 32 -2.67 -21.72 23.63
N VAL E 33 -3.23 -20.96 24.58
CA VAL E 33 -4.67 -20.78 24.62
C VAL E 33 -5.13 -19.98 23.41
N VAL E 34 -4.40 -18.90 23.07
CA VAL E 34 -4.80 -18.14 21.90
C VAL E 34 -4.65 -18.98 20.63
N GLN E 35 -3.60 -19.81 20.58
CA GLN E 35 -3.36 -20.67 19.42
C GLN E 35 -4.48 -21.69 19.25
N THR E 36 -4.86 -22.37 20.32
CA THR E 36 -5.92 -23.38 20.29
C THR E 36 -7.27 -22.80 19.92
N CYS E 37 -7.40 -21.46 19.86
CA CYS E 37 -8.70 -20.89 19.51
C CYS E 37 -8.81 -20.76 18.00
N PRO E 38 -9.93 -21.16 17.40
CA PRO E 38 -10.07 -21.05 15.94
C PRO E 38 -10.28 -19.64 15.40
N HIS E 39 -11.09 -18.81 16.05
CA HIS E 39 -11.38 -17.48 15.54
C HIS E 39 -10.27 -16.48 15.85
N CYS E 40 -9.52 -16.68 16.94
CA CYS E 40 -8.49 -15.74 17.34
C CYS E 40 -7.18 -15.91 16.58
N ASN E 41 -7.01 -16.99 15.84
CA ASN E 41 -5.79 -17.25 15.07
C ASN E 41 -5.88 -16.72 13.65
N SER E 42 -6.63 -15.65 13.44
CA SER E 42 -6.87 -15.04 12.14
C SER E 42 -5.64 -14.32 11.58
N ALA E 43 -4.44 -14.44 12.14
CA ALA E 43 -3.26 -13.80 11.56
C ALA E 43 -2.03 -14.70 11.69
N PRO E 44 -1.96 -15.77 10.89
CA PRO E 44 -0.68 -16.42 10.63
C PRO E 44 -0.02 -15.86 9.38
N ALA E 45 1.30 -15.93 9.33
CA ALA E 45 2.04 -15.30 8.23
C ALA E 45 1.94 -16.09 6.94
N LEU E 46 2.53 -17.29 6.92
CA LEU E 46 2.52 -18.19 5.76
C LEU E 46 2.89 -17.44 4.47
N GLU E 47 4.14 -17.00 4.44
CA GLU E 47 4.66 -16.20 3.34
C GLU E 47 5.89 -16.86 2.73
N ALA E 48 6.02 -16.78 1.40
CA ALA E 48 7.14 -17.34 0.66
C ALA E 48 7.08 -16.81 -0.77
N GLY E 49 7.94 -17.34 -1.63
CA GLY E 49 7.89 -17.04 -3.06
C GLY E 49 9.19 -16.52 -3.65
N VAL E 50 9.71 -17.22 -4.66
CA VAL E 50 10.93 -16.84 -5.36
C VAL E 50 10.57 -16.56 -6.81
N ASN E 51 11.14 -15.48 -7.36
CA ASN E 51 10.68 -14.91 -8.63
C ASN E 51 10.42 -15.91 -9.78
N PRO E 52 11.37 -16.82 -10.08
CA PRO E 52 12.76 -17.04 -9.69
C PRO E 52 13.73 -16.46 -10.71
N ARG E 53 15.01 -16.79 -10.59
CA ARG E 53 16.02 -16.33 -11.52
C ARG E 53 16.66 -17.51 -12.24
N GLY E 54 17.35 -17.22 -13.34
CA GLY E 54 18.07 -18.23 -14.08
C GLY E 54 19.52 -18.35 -13.65
N LEU E 55 20.05 -19.57 -13.76
CA LEU E 55 21.45 -19.79 -13.41
C LEU E 55 22.41 -19.17 -14.42
N GLY E 56 21.90 -18.79 -15.60
CA GLY E 56 22.71 -18.14 -16.61
C GLY E 56 21.86 -17.28 -17.52
N PRO E 57 22.52 -16.38 -18.27
CA PRO E 57 21.77 -15.52 -19.19
C PRO E 57 21.17 -16.31 -20.34
N LEU E 58 20.24 -15.65 -21.04
CA LEU E 58 19.51 -16.24 -22.17
C LEU E 58 18.77 -17.50 -21.75
N GLN E 59 18.34 -17.57 -20.49
CA GLN E 59 17.60 -18.72 -19.98
C GLN E 59 16.20 -18.36 -19.53
N ILE E 60 16.04 -17.34 -18.68
CA ILE E 60 14.74 -16.90 -18.20
C ILE E 60 14.55 -15.44 -18.57
N TRP E 61 13.52 -15.15 -19.36
CA TRP E 61 13.13 -13.80 -19.68
C TRP E 61 11.78 -13.49 -19.05
N GLN E 62 11.53 -12.20 -18.83
CA GLN E 62 10.25 -11.72 -18.34
C GLN E 62 9.81 -10.54 -19.20
N THR E 63 8.52 -10.47 -19.50
CA THR E 63 7.99 -9.48 -20.42
C THR E 63 6.63 -9.01 -19.95
N ASP E 64 6.40 -7.70 -20.01
CA ASP E 64 5.10 -7.13 -19.68
C ASP E 64 4.99 -5.76 -20.33
N PHE E 65 3.76 -5.34 -20.56
CA PHE E 65 3.47 -4.01 -21.09
C PHE E 65 3.28 -3.01 -19.95
N THR E 66 3.70 -1.77 -20.19
CA THR E 66 3.48 -0.67 -19.26
C THR E 66 3.19 0.59 -20.07
N LEU E 67 2.40 1.49 -19.47
CA LEU E 67 1.87 2.65 -20.17
C LEU E 67 2.62 3.91 -19.73
N GLU E 68 3.38 4.49 -20.66
CA GLU E 68 4.06 5.76 -20.44
C GLU E 68 3.52 6.78 -21.44
N PRO E 69 2.61 7.67 -21.04
CA PRO E 69 1.98 8.58 -22.01
C PRO E 69 2.94 9.55 -22.68
N ARG E 70 4.18 9.69 -22.18
CA ARG E 70 5.13 10.61 -22.80
C ARG E 70 5.53 10.17 -24.21
N MSE E 71 5.31 8.91 -24.56
CA MSE E 71 5.73 8.40 -25.86
C MSE E 71 4.61 8.45 -26.89
O MSE E 71 4.72 7.86 -27.97
CB MSE E 71 6.24 6.96 -25.72
CG MSE E 71 7.40 6.80 -24.75
SE MSE E 71 9.03 7.63 -25.42
CE MSE E 71 9.34 6.47 -26.96
N ALA E 72 3.53 9.16 -26.55
CA ALA E 72 2.39 9.31 -27.44
C ALA E 72 2.82 9.81 -28.82
N PRO E 73 2.14 9.35 -29.89
CA PRO E 73 0.96 8.47 -29.92
C PRO E 73 1.24 7.02 -29.51
N ARG E 74 2.41 6.48 -29.84
CA ARG E 74 2.76 5.11 -29.48
C ARG E 74 3.21 5.09 -28.02
N SER E 75 2.21 5.02 -27.12
CA SER E 75 2.43 5.22 -25.70
C SER E 75 2.64 3.92 -24.92
N TRP E 76 2.52 2.76 -25.57
CA TRP E 76 2.70 1.49 -24.89
C TRP E 76 4.16 1.04 -24.98
N LEU E 77 4.76 0.73 -23.83
CA LEU E 77 6.15 0.31 -23.74
C LEU E 77 6.20 -1.16 -23.36
N ALA E 78 6.66 -2.00 -24.28
CA ALA E 78 6.89 -3.42 -24.00
C ALA E 78 8.30 -3.56 -23.45
N VAL E 79 8.42 -4.12 -22.25
CA VAL E 79 9.68 -4.21 -21.54
C VAL E 79 10.04 -5.68 -21.33
N THR E 80 11.31 -6.01 -21.56
CA THR E 80 11.81 -7.37 -21.40
C THR E 80 13.17 -7.32 -20.71
N VAL E 81 13.42 -8.28 -19.82
CA VAL E 81 14.66 -8.33 -19.05
C VAL E 81 15.03 -9.79 -18.82
N ASP E 82 16.32 -10.08 -18.88
CA ASP E 82 16.85 -11.39 -18.53
C ASP E 82 17.13 -11.44 -17.03
N THR E 83 16.68 -12.52 -16.38
CA THR E 83 16.77 -12.60 -14.93
C THR E 83 18.21 -12.70 -14.44
N ALA E 84 19.10 -13.27 -15.25
CA ALA E 84 20.49 -13.43 -14.81
C ALA E 84 21.32 -12.18 -15.10
N SER E 85 21.13 -11.59 -16.27
CA SER E 85 21.93 -10.44 -16.68
C SER E 85 21.38 -9.11 -16.18
N SER E 86 20.09 -9.04 -15.87
CA SER E 86 19.42 -7.79 -15.49
C SER E 86 19.59 -6.72 -16.57
N ALA E 87 19.67 -7.13 -17.83
CA ALA E 87 19.74 -6.21 -18.96
C ALA E 87 18.34 -5.98 -19.51
N ILE E 88 18.10 -4.75 -19.95
CA ILE E 88 16.76 -4.29 -20.32
C ILE E 88 16.71 -4.00 -21.81
N VAL E 89 15.63 -4.45 -22.45
CA VAL E 89 15.31 -4.12 -23.84
C VAL E 89 13.87 -3.67 -23.88
N VAL E 90 13.59 -2.63 -24.66
CA VAL E 90 12.25 -2.03 -24.69
C VAL E 90 11.98 -1.48 -26.08
N THR E 91 10.73 -1.59 -26.52
CA THR E 91 10.27 -1.00 -27.77
C THR E 91 8.93 -0.32 -27.52
N GLN E 92 8.54 0.55 -28.45
CA GLN E 92 7.29 1.28 -28.38
C GLN E 92 6.26 0.67 -29.33
N HIS E 93 5.00 0.75 -28.93
CA HIS E 93 3.90 0.22 -29.72
C HIS E 93 2.67 1.08 -29.50
N GLY E 94 1.79 1.11 -30.50
CA GLY E 94 0.57 1.90 -30.41
C GLY E 94 -0.59 1.11 -29.86
N ARG E 95 -0.59 -0.21 -30.07
CA ARG E 95 -1.63 -1.09 -29.58
C ARG E 95 -0.98 -2.34 -28.99
N VAL E 96 -1.60 -2.88 -27.94
CA VAL E 96 -1.08 -4.06 -27.25
C VAL E 96 -1.71 -5.27 -27.96
N THR E 97 -1.03 -5.76 -28.99
CA THR E 97 -1.47 -6.92 -29.74
C THR E 97 -0.37 -7.99 -29.72
N SER E 98 -0.74 -9.20 -30.12
CA SER E 98 0.25 -10.26 -30.25
C SER E 98 1.31 -9.89 -31.28
N VAL E 99 0.93 -9.10 -32.29
CA VAL E 99 1.90 -8.59 -33.25
C VAL E 99 2.97 -7.76 -32.54
N ALA E 100 2.56 -6.99 -31.53
CA ALA E 100 3.52 -6.21 -30.76
C ALA E 100 4.37 -7.09 -29.86
N VAL E 101 3.81 -8.22 -29.39
CA VAL E 101 4.58 -9.11 -28.53
C VAL E 101 5.65 -9.84 -29.33
N GLN E 102 5.31 -10.33 -30.52
CA GLN E 102 6.28 -11.01 -31.36
C GLN E 102 7.25 -10.03 -32.02
N HIS E 103 6.81 -8.80 -32.26
CA HIS E 103 7.71 -7.76 -32.76
C HIS E 103 8.73 -7.37 -31.71
N HIS E 104 8.25 -7.01 -30.50
CA HIS E 104 9.15 -6.66 -29.41
C HIS E 104 10.10 -7.80 -29.08
N TRP E 105 9.56 -9.02 -28.97
CA TRP E 105 10.40 -10.19 -28.74
C TRP E 105 11.41 -10.38 -29.85
N ALA E 106 11.01 -10.11 -31.10
CA ALA E 106 11.96 -10.20 -32.20
C ALA E 106 13.11 -9.20 -32.04
N THR E 107 12.80 -8.00 -31.55
CA THR E 107 13.86 -7.02 -31.33
C THR E 107 14.78 -7.45 -30.19
N ALA E 108 14.20 -7.86 -29.06
CA ALA E 108 15.01 -8.27 -27.91
C ALA E 108 15.89 -9.46 -28.26
N ILE E 109 15.39 -10.40 -29.06
CA ILE E 109 16.21 -11.50 -29.55
C ILE E 109 17.29 -10.98 -30.49
N ALA E 110 16.94 -9.99 -31.33
CA ALA E 110 17.91 -9.41 -32.24
C ALA E 110 19.05 -8.72 -31.50
N VAL E 111 18.83 -8.28 -30.25
CA VAL E 111 19.88 -7.64 -29.48
C VAL E 111 20.65 -8.65 -28.64
N MSE E 112 19.94 -9.39 -27.79
CA MSE E 112 20.59 -10.23 -26.79
C MSE E 112 20.70 -11.70 -27.17
O MSE E 112 21.45 -12.46 -26.55
CB MSE E 112 19.85 -10.13 -25.46
CG MSE E 112 19.95 -8.78 -24.79
SE MSE E 112 18.70 -8.66 -23.31
CE MSE E 112 19.01 -10.42 -22.53
N GLY E 113 19.96 -12.11 -28.20
CA GLY E 113 19.92 -13.51 -28.58
C GLY E 113 18.65 -14.19 -28.13
N ARG E 114 18.60 -15.49 -28.40
CA ARG E 114 17.40 -16.27 -28.18
C ARG E 114 17.39 -16.86 -26.77
N PRO E 115 16.33 -16.66 -26.00
CA PRO E 115 16.26 -17.21 -24.65
C PRO E 115 15.64 -18.60 -24.62
N LYS E 116 15.90 -19.30 -23.51
CA LYS E 116 15.30 -20.62 -23.32
C LYS E 116 13.80 -20.53 -23.08
N ALA E 117 13.37 -19.53 -22.30
CA ALA E 117 11.96 -19.39 -21.99
C ALA E 117 11.67 -17.94 -21.63
N ILE E 118 10.46 -17.50 -21.97
CA ILE E 118 9.98 -16.16 -21.63
C ILE E 118 8.81 -16.31 -20.67
N LYS E 119 8.85 -15.56 -19.57
CA LYS E 119 7.87 -15.64 -18.50
C LYS E 119 6.99 -14.39 -18.56
N THR E 120 5.73 -14.56 -18.93
CA THR E 120 4.81 -13.45 -19.10
C THR E 120 3.66 -13.56 -18.09
N ASP E 121 2.68 -12.69 -18.23
CA ASP E 121 1.48 -12.72 -17.41
C ASP E 121 0.34 -13.37 -18.19
N ASN E 122 -0.87 -13.31 -17.64
CA ASN E 122 -2.03 -13.95 -18.24
C ASN E 122 -2.75 -13.04 -19.22
N GLY E 123 -2.06 -12.07 -19.80
CA GLY E 123 -2.70 -11.15 -20.73
C GLY E 123 -3.19 -11.86 -21.99
N SER E 124 -4.20 -11.24 -22.61
CA SER E 124 -4.81 -11.84 -23.79
C SER E 124 -3.87 -11.85 -24.98
N CYS E 125 -2.96 -10.86 -25.06
CA CYS E 125 -2.01 -10.84 -26.17
C CYS E 125 -0.91 -11.88 -26.00
N PHE E 126 -0.64 -12.31 -24.77
CA PHE E 126 0.36 -13.36 -24.53
C PHE E 126 -0.23 -14.75 -24.62
N THR E 127 -1.51 -14.92 -24.26
CA THR E 127 -2.18 -16.20 -24.30
C THR E 127 -2.87 -16.49 -25.62
N SER E 128 -2.64 -15.66 -26.64
CA SER E 128 -3.29 -15.85 -27.92
C SER E 128 -2.70 -17.08 -28.64
N LYS E 129 -3.49 -17.62 -29.58
CA LYS E 129 -3.01 -18.72 -30.39
C LYS E 129 -1.82 -18.30 -31.25
N SER E 130 -1.84 -17.06 -31.75
CA SER E 130 -0.77 -16.58 -32.60
C SER E 130 0.55 -16.51 -31.84
N THR E 131 0.52 -16.08 -30.57
CA THR E 131 1.73 -16.02 -29.78
C THR E 131 2.27 -17.40 -29.47
N ARG E 132 1.38 -18.34 -29.11
CA ARG E 132 1.80 -19.72 -28.90
C ARG E 132 2.41 -20.31 -30.17
N GLU E 133 1.90 -19.91 -31.34
CA GLU E 133 2.48 -20.37 -32.60
C GLU E 133 3.84 -19.73 -32.83
N TRP E 134 4.00 -18.46 -32.43
CA TRP E 134 5.28 -17.78 -32.63
C TRP E 134 6.38 -18.42 -31.78
N MSE E 135 6.12 -18.57 -30.49
CA MSE E 135 7.10 -19.21 -29.61
C MSE E 135 7.25 -20.70 -29.95
O MSE E 135 8.28 -21.31 -29.66
CB MSE E 135 6.71 -19.04 -28.15
CG MSE E 135 7.12 -17.70 -27.56
SE MSE E 135 6.56 -17.52 -25.71
CE MSE E 135 4.64 -17.59 -25.99
N ALA E 136 6.20 -21.26 -30.55
CA ALA E 136 6.32 -22.61 -31.09
C ALA E 136 7.29 -22.65 -32.27
N ARG E 137 7.38 -21.56 -33.01
CA ARG E 137 8.31 -21.49 -34.13
C ARG E 137 9.74 -21.21 -33.66
N TRP E 138 9.90 -20.29 -32.73
CA TRP E 138 11.21 -19.90 -32.23
C TRP E 138 11.70 -20.79 -31.09
N GLY E 139 10.92 -21.78 -30.68
CA GLY E 139 11.35 -22.72 -29.66
C GLY E 139 11.62 -22.10 -28.30
N ILE E 140 10.70 -21.25 -27.84
CA ILE E 140 10.82 -20.58 -26.55
C ILE E 140 9.65 -21.01 -25.68
N ALA E 141 9.96 -21.65 -24.55
CA ALA E 141 8.91 -22.09 -23.63
C ALA E 141 8.19 -20.89 -23.03
N HIS E 142 6.91 -21.08 -22.74
CA HIS E 142 6.04 -20.02 -22.25
C HIS E 142 5.61 -20.34 -20.82
N THR E 143 5.70 -19.35 -19.94
CA THR E 143 5.31 -19.50 -18.55
C THR E 143 4.50 -18.27 -18.14
N THR E 144 3.26 -18.50 -17.75
CA THR E 144 2.38 -17.41 -17.34
C THR E 144 2.51 -17.20 -15.82
N GLY E 145 1.58 -16.45 -15.24
CA GLY E 145 1.61 -16.20 -13.81
C GLY E 145 0.25 -16.25 -13.15
N ILE E 146 0.19 -15.83 -11.89
CA ILE E 146 -1.08 -15.84 -11.15
C ILE E 146 -2.02 -14.81 -11.78
N PRO E 147 -3.32 -15.06 -11.82
CA PRO E 147 -4.23 -14.10 -12.44
C PRO E 147 -4.47 -12.87 -11.59
N GLY E 148 -3.58 -11.89 -11.68
CA GLY E 148 -3.72 -10.62 -10.99
C GLY E 148 -2.61 -10.32 -10.00
N ASN E 149 -1.75 -11.27 -9.66
CA ASN E 149 -0.64 -11.04 -8.73
C ASN E 149 0.66 -11.03 -9.53
N SER E 150 1.12 -9.82 -9.86
CA SER E 150 2.36 -9.65 -10.60
C SER E 150 3.60 -9.76 -9.71
N GLN E 151 3.44 -10.20 -8.46
CA GLN E 151 4.59 -10.36 -7.58
C GLN E 151 5.62 -11.31 -8.17
N GLY E 152 5.15 -12.41 -8.77
CA GLY E 152 6.06 -13.33 -9.42
C GLY E 152 6.73 -12.73 -10.65
N GLN E 153 6.10 -11.73 -11.27
CA GLN E 153 6.71 -10.97 -12.35
C GLN E 153 7.60 -9.84 -11.83
N ALA E 154 7.93 -9.86 -10.54
CA ALA E 154 8.60 -8.74 -9.87
C ALA E 154 9.71 -8.12 -10.70
N MSE E 155 10.70 -8.91 -11.07
CA MSE E 155 11.92 -8.35 -11.64
C MSE E 155 11.78 -7.98 -13.12
O MSE E 155 12.78 -7.77 -13.80
CB MSE E 155 13.09 -9.31 -11.44
CG MSE E 155 12.96 -10.67 -12.09
SE MSE E 155 14.36 -11.87 -11.47
CE MSE E 155 15.90 -10.74 -11.83
N VAL E 156 10.55 -7.92 -13.63
CA VAL E 156 10.26 -7.17 -14.84
C VAL E 156 9.53 -5.87 -14.53
N GLU E 157 8.58 -5.91 -13.58
CA GLU E 157 7.93 -4.68 -13.16
C GLU E 157 8.91 -3.76 -12.45
N ARG E 158 9.89 -4.34 -11.76
CA ARG E 158 10.99 -3.56 -11.23
C ARG E 158 11.69 -2.79 -12.34
N ALA E 159 11.85 -3.43 -13.51
CA ALA E 159 12.41 -2.71 -14.65
C ALA E 159 11.54 -1.53 -15.02
N ASN E 160 10.22 -1.70 -14.93
CA ASN E 160 9.31 -0.60 -15.22
C ASN E 160 9.52 0.59 -14.30
N ARG E 161 10.23 0.42 -13.18
CA ARG E 161 10.70 1.57 -12.43
C ARG E 161 11.66 2.39 -13.28
N MSE E 162 12.80 1.79 -13.62
CA MSE E 162 13.89 2.48 -14.30
C MSE E 162 13.40 3.09 -15.60
O MSE E 162 13.52 4.29 -15.82
CB MSE E 162 15.05 1.53 -14.57
CG MSE E 162 15.42 0.65 -13.37
SE MSE E 162 16.99 -0.46 -13.72
CE MSE E 162 18.29 0.97 -14.04
N MSE E 163 12.82 2.24 -16.45
CA MSE E 163 12.29 2.66 -17.74
C MSE E 163 11.35 3.85 -17.65
O MSE E 163 11.22 4.62 -18.60
CB MSE E 163 11.59 1.49 -18.41
CG MSE E 163 12.48 0.71 -19.34
SE MSE E 163 13.31 1.93 -20.62
CE MSE E 163 11.70 2.64 -21.43
N LYS E 164 10.69 4.02 -16.51
CA LYS E 164 9.80 5.15 -16.32
C LYS E 164 10.43 6.26 -15.48
N ASP E 165 11.41 5.94 -14.64
CA ASP E 165 12.11 6.97 -13.89
C ASP E 165 13.29 7.54 -14.67
N LYS E 166 13.85 6.77 -15.60
CA LYS E 166 14.92 7.30 -16.44
C LYS E 166 14.37 8.12 -17.59
N ILE E 167 13.26 7.67 -18.19
CA ILE E 167 12.65 8.43 -19.27
C ILE E 167 12.15 9.78 -18.76
N ARG E 168 11.67 9.81 -17.51
CA ARG E 168 11.23 11.08 -16.93
C ARG E 168 12.40 12.04 -16.79
N VAL E 169 13.51 11.57 -16.24
CA VAL E 169 14.64 12.46 -15.98
C VAL E 169 15.31 12.88 -17.28
N LEU E 170 15.50 11.95 -18.21
CA LEU E 170 16.12 12.29 -19.49
C LEU E 170 15.22 13.21 -20.30
N ALA E 171 13.90 12.99 -20.25
CA ALA E 171 12.98 13.85 -20.98
C ALA E 171 12.94 15.25 -20.40
N GLU E 172 12.98 15.35 -19.06
CA GLU E 172 13.04 16.66 -18.43
C GLU E 172 14.38 17.34 -18.68
N GLY E 173 15.44 16.55 -18.90
CA GLY E 173 16.74 17.14 -19.16
C GLY E 173 16.82 17.84 -20.50
N ASP E 174 16.23 17.26 -21.54
CA ASP E 174 16.19 17.87 -22.86
C ASP E 174 15.06 18.88 -23.01
N GLY E 175 14.37 19.22 -21.93
CA GLY E 175 13.32 20.23 -21.98
C GLY E 175 12.01 19.76 -22.57
N PHE E 176 11.55 18.57 -22.21
CA PHE E 176 10.27 18.04 -22.66
C PHE E 176 9.44 17.67 -21.45
N MSE E 177 8.22 18.19 -21.37
CA MSE E 177 7.43 18.07 -20.16
C MSE E 177 6.15 17.24 -20.28
O MSE E 177 5.95 16.29 -19.54
CB MSE E 177 7.07 19.47 -19.65
CG MSE E 177 8.27 20.32 -19.25
SE MSE E 177 9.29 19.54 -17.78
CE MSE E 177 7.85 19.44 -16.46
N LYS E 178 5.29 17.60 -21.23
CA LYS E 178 3.98 16.96 -21.34
C LYS E 178 3.99 15.76 -22.27
N ARG E 179 4.70 15.87 -23.39
CA ARG E 179 4.81 14.76 -24.34
C ARG E 179 6.14 14.89 -25.06
N ILE E 180 6.88 13.78 -25.14
CA ILE E 180 8.17 13.79 -25.81
C ILE E 180 7.95 13.95 -27.32
N PRO E 181 8.67 14.87 -27.99
CA PRO E 181 8.46 15.03 -29.43
C PRO E 181 8.82 13.77 -30.20
N THR E 182 8.02 13.48 -31.23
CA THR E 182 8.16 12.21 -31.95
C THR E 182 9.52 12.10 -32.63
N SER E 183 10.11 13.22 -33.03
CA SER E 183 11.41 13.16 -33.70
C SER E 183 12.51 12.72 -32.73
N LYS E 184 12.39 13.05 -31.45
CA LYS E 184 13.41 12.74 -30.46
C LYS E 184 13.08 11.52 -29.62
N GLN E 185 11.95 10.85 -29.88
CA GLN E 185 11.59 9.68 -29.07
C GLN E 185 12.62 8.56 -29.23
N GLY E 186 13.06 8.31 -30.46
CA GLY E 186 14.07 7.29 -30.68
C GLY E 186 15.37 7.58 -29.96
N GLU E 187 15.81 8.85 -29.99
CA GLU E 187 17.02 9.24 -29.27
C GLU E 187 16.83 9.04 -27.77
N MSE E 188 15.70 9.49 -27.24
CA MSE E 188 15.36 9.31 -25.83
C MSE E 188 15.45 7.86 -25.39
O MSE E 188 16.08 7.53 -24.39
CB MSE E 188 13.94 9.84 -25.57
CG MSE E 188 13.83 11.36 -25.54
SE MSE E 188 14.55 12.06 -23.88
CE MSE E 188 13.77 10.74 -22.67
N MSE E 189 14.81 6.99 -26.17
CA MSE E 189 14.78 5.56 -25.86
C MSE E 189 16.16 4.92 -25.94
O MSE E 189 16.58 4.20 -25.03
CB MSE E 189 13.82 4.85 -26.81
CG MSE E 189 13.17 3.60 -26.25
SE MSE E 189 11.79 2.93 -27.44
CE MSE E 189 12.89 2.51 -28.99
N ALA E 190 16.87 5.22 -27.03
CA ALA E 190 18.19 4.64 -27.26
C ALA E 190 19.16 5.04 -26.15
N LYS E 191 19.24 6.32 -25.83
CA LYS E 191 20.07 6.76 -24.72
C LYS E 191 19.59 6.16 -23.40
N ALA E 192 18.27 6.02 -23.26
CA ALA E 192 17.70 5.47 -22.02
C ALA E 192 18.20 4.06 -21.75
N MSE E 193 17.96 3.14 -22.68
CA MSE E 193 18.40 1.76 -22.47
C MSE E 193 19.91 1.63 -22.68
O MSE E 193 20.49 0.59 -22.39
CB MSE E 193 17.63 0.80 -23.39
CG MSE E 193 17.73 1.09 -24.88
SE MSE E 193 16.76 -0.25 -25.93
CE MSE E 193 16.93 0.54 -27.69
N TYR E 194 20.54 2.70 -23.18
CA TYR E 194 22.00 2.72 -23.28
C TYR E 194 22.63 2.98 -21.93
N ALA E 195 22.00 3.81 -21.09
CA ALA E 195 22.56 4.13 -19.79
C ALA E 195 22.38 3.01 -18.78
N LEU E 196 21.47 2.06 -19.02
CA LEU E 196 21.10 1.06 -18.03
C LEU E 196 21.75 -0.29 -18.28
N ASN E 197 22.55 -0.44 -19.33
CA ASN E 197 23.19 -1.71 -19.64
C ASN E 197 24.70 -1.66 -19.62
N HIS E 198 25.30 -0.59 -20.17
CA HIS E 198 26.75 -0.47 -20.18
C HIS E 198 27.31 0.08 -18.88
N PHE E 199 26.47 0.58 -17.99
CA PHE E 199 26.90 1.20 -16.74
C PHE E 199 26.31 0.45 -15.56
N GLU E 200 27.01 0.50 -14.43
CA GLU E 200 26.60 -0.24 -13.25
C GLU E 200 25.24 0.22 -12.75
N ARG E 201 24.60 -0.64 -11.96
CA ARG E 201 23.29 -0.38 -11.39
C ARG E 201 23.48 -0.12 -9.89
N GLY E 202 23.77 1.12 -9.55
CA GLY E 202 23.97 1.47 -8.15
C GLY E 202 25.13 0.68 -7.56
N GLU E 203 24.84 -0.06 -6.48
CA GLU E 203 25.84 -0.86 -5.81
C GLU E 203 26.22 -2.12 -6.58
N ASN E 204 25.65 -2.35 -7.75
CA ASN E 204 25.98 -3.55 -8.53
C ASN E 204 27.46 -3.54 -8.91
N THR E 205 28.13 -4.67 -8.68
CA THR E 205 29.57 -4.73 -8.85
C THR E 205 29.98 -4.67 -10.32
N LYS E 206 29.18 -5.27 -11.21
CA LYS E 206 29.48 -5.32 -12.63
C LYS E 206 28.39 -4.58 -13.41
N THR E 207 28.61 -4.45 -14.72
CA THR E 207 27.58 -3.88 -15.56
C THR E 207 26.65 -4.98 -16.06
N PRO E 208 25.37 -4.67 -16.29
CA PRO E 208 24.45 -5.70 -16.80
C PRO E 208 24.89 -6.29 -18.13
N ILE E 209 25.58 -5.52 -18.98
CA ILE E 209 26.06 -6.07 -20.23
C ILE E 209 27.26 -6.98 -19.99
N GLN E 210 28.06 -6.69 -18.97
CA GLN E 210 29.15 -7.60 -18.60
C GLN E 210 28.61 -8.87 -17.96
N LYS E 211 27.62 -8.73 -17.07
CA LYS E 211 26.96 -9.90 -16.52
C LYS E 211 26.19 -10.68 -17.57
N HIS E 212 25.88 -10.07 -18.71
CA HIS E 212 25.24 -10.78 -19.80
C HIS E 212 26.25 -11.55 -20.63
N TRP E 213 27.21 -10.85 -21.23
CA TRP E 213 28.16 -11.51 -22.13
C TRP E 213 29.29 -12.23 -21.39
N ARG E 214 29.54 -11.88 -20.14
CA ARG E 214 30.57 -12.52 -19.32
C ARG E 214 29.98 -12.89 -17.96
N PRO E 215 29.07 -13.87 -17.92
CA PRO E 215 28.42 -14.22 -16.67
C PRO E 215 29.34 -15.04 -15.77
N THR E 216 28.97 -15.08 -14.49
CA THR E 216 29.71 -15.82 -13.48
C THR E 216 28.89 -17.04 -13.09
N VAL E 217 29.35 -18.23 -13.48
CA VAL E 217 28.69 -19.49 -13.18
C VAL E 217 29.67 -20.37 -12.42
N LEU E 218 29.39 -20.64 -11.16
CA LEU E 218 30.23 -21.52 -10.38
C LEU E 218 30.06 -22.96 -10.85
N THR E 219 31.19 -23.66 -11.04
CA THR E 219 31.13 -25.06 -11.43
C THR E 219 30.47 -25.89 -10.32
N GLU E 220 31.06 -25.88 -9.14
CA GLU E 220 30.47 -26.48 -7.94
C GLU E 220 30.62 -25.50 -6.80
N GLY E 221 29.51 -25.17 -6.14
CA GLY E 221 29.52 -24.12 -5.16
C GLY E 221 30.02 -24.58 -3.80
N PRO E 222 30.13 -23.61 -2.89
CA PRO E 222 30.51 -23.92 -1.51
C PRO E 222 29.36 -24.50 -0.73
N PRO E 223 29.64 -25.24 0.34
CA PRO E 223 28.55 -25.91 1.06
C PRO E 223 27.75 -24.93 1.91
N VAL E 224 26.44 -25.14 1.95
CA VAL E 224 25.51 -24.33 2.73
C VAL E 224 24.52 -25.25 3.44
N LYS E 225 23.82 -24.67 4.41
CA LYS E 225 22.66 -25.29 5.02
C LYS E 225 21.42 -24.51 4.59
N ILE E 226 20.30 -25.23 4.48
CA ILE E 226 19.01 -24.63 4.15
C ILE E 226 18.02 -24.96 5.25
N ARG E 227 17.14 -24.00 5.56
CA ARG E 227 16.12 -24.23 6.57
C ARG E 227 14.95 -24.93 5.92
N ILE E 228 14.64 -26.13 6.39
CA ILE E 228 13.67 -27.00 5.76
C ILE E 228 12.34 -26.82 6.47
N GLU E 229 11.27 -27.27 5.82
CA GLU E 229 9.88 -27.02 6.19
C GLU E 229 9.62 -27.09 7.68
N THR E 230 10.23 -28.06 8.37
CA THR E 230 10.12 -28.21 9.82
C THR E 230 10.89 -27.16 10.60
N GLY E 231 11.57 -26.23 9.94
CA GLY E 231 12.40 -25.23 10.60
C GLY E 231 13.83 -25.65 10.88
N GLU E 232 14.19 -26.88 10.58
CA GLU E 232 15.53 -27.37 10.88
C GLU E 232 16.51 -26.88 9.82
N TRP E 233 17.79 -26.90 10.14
CA TRP E 233 18.82 -26.58 9.16
C TRP E 233 19.50 -27.87 8.72
N GLU E 234 19.51 -28.12 7.42
CA GLU E 234 19.97 -29.37 6.83
C GLU E 234 21.27 -29.17 6.07
N LYS E 235 22.27 -29.99 6.39
CA LYS E 235 23.51 -29.94 5.63
C LYS E 235 23.35 -30.75 4.34
N GLY E 236 24.34 -30.64 3.46
CA GLY E 236 24.32 -31.42 2.24
C GLY E 236 23.94 -30.66 0.99
N TRP E 237 23.94 -29.33 1.05
CA TRP E 237 23.60 -28.46 -0.06
C TRP E 237 24.77 -27.55 -0.38
N ASN E 238 24.84 -27.11 -1.64
CA ASN E 238 25.84 -26.14 -2.06
C ASN E 238 25.13 -25.00 -2.80
N VAL E 239 25.63 -23.78 -2.61
CA VAL E 239 25.00 -22.59 -3.17
C VAL E 239 25.70 -22.20 -4.46
N LEU E 240 24.92 -21.93 -5.51
CA LEU E 240 25.44 -21.60 -6.82
C LEU E 240 25.25 -20.13 -7.15
N VAL E 241 24.22 -19.51 -6.59
CA VAL E 241 23.91 -18.10 -6.75
C VAL E 241 23.39 -17.60 -5.40
N TRP E 242 23.92 -16.48 -4.92
CA TRP E 242 23.45 -15.85 -3.68
C TRP E 242 23.23 -14.37 -3.95
N GLY E 243 21.98 -13.99 -4.21
CA GLY E 243 21.61 -12.62 -4.47
C GLY E 243 21.10 -11.91 -3.23
N ARG E 244 20.57 -10.71 -3.46
CA ARG E 244 20.10 -9.90 -2.33
C ARG E 244 18.85 -10.49 -1.70
N GLY E 245 17.84 -10.80 -2.51
CA GLY E 245 16.64 -11.41 -1.96
C GLY E 245 16.68 -12.90 -1.80
N TYR E 246 17.23 -13.59 -2.79
CA TYR E 246 17.13 -15.05 -2.86
C TYR E 246 18.47 -15.66 -3.22
N ALA E 247 18.60 -16.96 -2.95
CA ALA E 247 19.78 -17.74 -3.30
C ALA E 247 19.37 -19.02 -4.01
N ALA E 248 20.18 -19.43 -4.99
CA ALA E 248 20.05 -20.71 -5.66
C ALA E 248 20.98 -21.73 -5.02
N VAL E 249 20.42 -22.83 -4.52
CA VAL E 249 21.20 -23.87 -3.86
C VAL E 249 20.96 -25.21 -4.56
N LYS E 250 22.01 -26.03 -4.61
CA LYS E 250 22.01 -27.30 -5.31
C LYS E 250 22.24 -28.43 -4.32
N ASN E 251 21.41 -29.46 -4.41
CA ASN E 251 21.57 -30.64 -3.56
C ASN E 251 22.71 -31.52 -4.04
N ARG E 252 23.59 -31.88 -3.11
CA ARG E 252 24.83 -32.57 -3.45
C ARG E 252 24.58 -33.99 -3.96
N ASP E 253 23.52 -34.64 -3.50
CA ASP E 253 23.25 -36.02 -3.88
C ASP E 253 22.59 -36.16 -5.25
N THR E 254 21.91 -35.13 -5.76
CA THR E 254 21.16 -35.24 -7.00
C THR E 254 21.53 -34.21 -8.05
N ASP E 255 22.19 -33.12 -7.68
CA ASP E 255 22.50 -31.97 -8.52
C ASP E 255 21.26 -31.17 -8.90
N LYS E 256 20.13 -31.44 -8.27
CA LYS E 256 18.94 -30.61 -8.44
C LYS E 256 19.21 -29.22 -7.86
N VAL E 257 18.81 -28.19 -8.61
CA VAL E 257 19.01 -26.80 -8.19
C VAL E 257 17.64 -26.19 -7.92
N ILE E 258 17.51 -25.55 -6.76
CA ILE E 258 16.29 -24.87 -6.36
C ILE E 258 16.63 -23.48 -5.84
N TRP E 259 15.66 -22.57 -5.94
CA TRP E 259 15.79 -21.22 -5.42
C TRP E 259 15.02 -21.07 -4.11
N VAL E 260 15.65 -20.47 -3.11
CA VAL E 260 15.08 -20.33 -1.77
C VAL E 260 15.38 -18.94 -1.24
N PRO E 261 14.63 -18.48 -0.24
CA PRO E 261 14.90 -17.15 0.32
C PRO E 261 16.24 -17.08 1.03
N SER E 262 16.87 -15.91 0.94
CA SER E 262 18.19 -15.71 1.53
C SER E 262 18.19 -16.07 3.01
N ARG E 263 17.13 -15.70 3.72
CA ARG E 263 17.07 -15.95 5.16
C ARG E 263 17.11 -17.43 5.50
N LYS E 264 16.79 -18.29 4.53
CA LYS E 264 16.78 -19.73 4.70
C LYS E 264 18.10 -20.41 4.33
N VAL E 265 19.17 -19.65 4.13
CA VAL E 265 20.47 -20.20 3.78
C VAL E 265 21.51 -19.67 4.75
N LYS E 266 22.41 -20.56 5.18
CA LYS E 266 23.57 -20.19 5.99
C LYS E 266 24.74 -21.08 5.62
N PRO E 267 25.98 -20.60 5.81
CA PRO E 267 27.15 -21.42 5.46
C PRO E 267 27.19 -22.74 6.21
N ASP E 268 27.60 -23.79 5.49
CA ASP E 268 27.82 -25.11 6.09
C ASP E 268 29.29 -25.21 6.46
N ILE E 269 29.57 -25.18 7.78
CA ILE E 269 30.93 -25.23 8.32
C ILE E 269 31.70 -23.97 7.92
N PRO F 1 19.19 -33.69 -39.98
CA PRO F 1 19.87 -32.41 -40.18
C PRO F 1 19.55 -31.61 -41.46
N LEU F 2 19.25 -32.29 -42.58
CA LEU F 2 18.96 -31.59 -43.83
C LEU F 2 17.64 -30.82 -43.75
N ARG F 3 16.61 -31.42 -43.14
CA ARG F 3 15.33 -30.73 -43.03
C ARG F 3 15.40 -29.60 -42.02
N GLU F 4 16.09 -29.79 -40.88
CA GLU F 4 16.21 -28.68 -39.93
C GLU F 4 16.88 -27.49 -40.59
N ALA F 5 17.94 -27.72 -41.34
CA ALA F 5 18.65 -26.63 -42.02
C ALA F 5 17.76 -26.00 -43.08
N LYS F 6 17.00 -26.81 -43.83
CA LYS F 6 16.11 -26.25 -44.83
C LYS F 6 15.07 -25.35 -44.20
N ASP F 7 14.49 -25.77 -43.07
CA ASP F 7 13.48 -24.95 -42.40
C ASP F 7 14.10 -23.65 -41.91
N LEU F 8 15.29 -23.76 -41.30
CA LEU F 8 15.99 -22.57 -40.81
C LEU F 8 16.21 -21.58 -41.94
N HIS F 9 16.67 -22.07 -43.10
CA HIS F 9 16.90 -21.15 -44.21
C HIS F 9 15.56 -20.61 -44.74
N THR F 10 14.51 -21.44 -44.75
CA THR F 10 13.22 -20.95 -45.20
C THR F 10 12.81 -19.70 -44.42
N ALA F 11 12.91 -19.76 -43.09
CA ALA F 11 12.51 -18.60 -42.31
C ALA F 11 13.55 -17.48 -42.29
N LEU F 12 14.79 -17.78 -41.90
CA LEU F 12 15.84 -16.77 -41.77
C LEU F 12 16.81 -16.67 -42.94
N HIS F 13 16.84 -17.66 -43.84
CA HIS F 13 17.76 -17.66 -44.98
C HIS F 13 19.21 -17.55 -44.52
N ILE F 14 19.53 -18.37 -43.52
CA ILE F 14 20.86 -18.43 -42.93
C ILE F 14 21.83 -19.01 -43.96
N GLY F 15 23.06 -18.47 -44.01
CA GLY F 15 24.02 -18.97 -44.98
C GLY F 15 24.37 -20.43 -44.75
N PRO F 16 25.04 -21.04 -45.74
CA PRO F 16 25.36 -22.47 -45.61
C PRO F 16 26.34 -22.84 -44.51
N ARG F 17 27.36 -22.02 -44.26
CA ARG F 17 28.33 -22.35 -43.21
C ARG F 17 27.67 -22.44 -41.84
N ALA F 18 26.78 -21.49 -41.53
CA ALA F 18 26.08 -21.49 -40.25
C ALA F 18 25.16 -22.70 -40.11
N LEU F 19 24.42 -23.05 -41.17
CA LEU F 19 23.51 -24.19 -41.09
C LEU F 19 24.30 -25.49 -41.01
N SER F 20 25.42 -25.57 -41.74
CA SER F 20 26.25 -26.76 -41.71
C SER F 20 26.81 -27.01 -40.31
N LYS F 21 27.26 -25.95 -39.65
CA LYS F 21 27.83 -26.08 -38.32
C LYS F 21 26.74 -26.32 -37.27
N ALA F 22 25.67 -25.53 -37.33
CA ALA F 22 24.57 -25.65 -36.37
C ALA F 22 23.89 -27.01 -36.43
N SER F 23 23.63 -27.52 -37.63
CA SER F 23 22.92 -28.79 -37.78
C SER F 23 23.81 -29.96 -38.18
N ASN F 24 25.13 -29.81 -38.10
CA ASN F 24 26.10 -30.88 -38.41
C ASN F 24 25.90 -31.47 -39.81
N ILE F 25 25.89 -30.61 -40.82
CA ILE F 25 25.73 -31.01 -42.21
C ILE F 25 27.06 -30.75 -42.93
N SER F 26 27.40 -31.64 -43.86
CA SER F 26 28.62 -31.44 -44.63
C SER F 26 28.47 -30.22 -45.53
N MSE F 27 29.60 -29.68 -45.96
CA MSE F 27 29.62 -28.43 -46.72
C MSE F 27 28.74 -28.47 -47.96
O MSE F 27 27.91 -27.58 -48.18
CB MSE F 27 31.05 -28.06 -47.10
CG MSE F 27 31.99 -27.92 -45.92
SE MSE F 27 31.43 -26.54 -44.65
CE MSE F 27 31.58 -24.99 -45.82
N GLN F 28 28.90 -29.52 -48.77
CA GLN F 28 28.21 -29.60 -50.06
C GLN F 28 26.70 -29.62 -49.89
N GLN F 29 26.19 -30.34 -48.89
CA GLN F 29 24.75 -30.41 -48.69
C GLN F 29 24.19 -29.07 -48.23
N ALA F 30 24.75 -28.50 -47.16
CA ALA F 30 24.27 -27.19 -46.68
C ALA F 30 24.30 -26.17 -47.82
N ARG F 31 25.37 -26.20 -48.61
CA ARG F 31 25.45 -25.25 -49.70
C ARG F 31 24.36 -25.55 -50.71
N GLU F 32 24.03 -26.84 -50.88
CA GLU F 32 22.98 -27.20 -51.81
C GLU F 32 21.65 -26.64 -51.33
N VAL F 33 21.45 -26.58 -50.01
CA VAL F 33 20.21 -26.04 -49.47
C VAL F 33 20.13 -24.55 -49.77
N VAL F 34 21.23 -23.81 -49.57
CA VAL F 34 21.20 -22.38 -49.87
C VAL F 34 21.01 -22.14 -51.37
N GLN F 35 21.60 -23.02 -52.19
CA GLN F 35 21.52 -22.96 -53.65
C GLN F 35 20.09 -23.10 -54.16
N THR F 36 19.35 -24.08 -53.65
CA THR F 36 17.98 -24.30 -54.12
C THR F 36 17.07 -23.12 -53.85
N CYS F 37 17.51 -22.11 -53.09
CA CYS F 37 16.59 -21.00 -52.89
C CYS F 37 16.82 -19.99 -54.01
N PRO F 38 15.77 -19.47 -54.66
CA PRO F 38 16.01 -18.52 -55.76
C PRO F 38 16.47 -17.13 -55.35
N HIS F 39 15.89 -16.54 -54.30
CA HIS F 39 16.26 -15.18 -53.89
C HIS F 39 17.55 -15.11 -53.09
N CYS F 40 18.26 -16.22 -52.92
CA CYS F 40 19.54 -16.19 -52.20
C CYS F 40 20.63 -15.53 -53.05
N GLY F 56 41.20 -4.21 -33.74
CA GLY F 56 40.46 -4.49 -32.52
C GLY F 56 38.99 -4.13 -32.60
N PRO F 57 38.18 -4.71 -31.72
CA PRO F 57 36.75 -4.41 -31.73
C PRO F 57 36.47 -3.00 -31.22
N LEU F 58 35.41 -2.41 -31.77
CA LEU F 58 34.94 -1.08 -31.36
C LEU F 58 36.03 -0.03 -31.52
N GLN F 59 36.66 -0.01 -32.69
CA GLN F 59 37.71 0.96 -33.01
C GLN F 59 37.29 1.92 -34.11
N ILE F 60 36.80 1.41 -35.24
CA ILE F 60 36.38 2.22 -36.36
C ILE F 60 35.03 1.71 -36.85
N TRP F 61 34.09 2.64 -37.03
CA TRP F 61 32.77 2.34 -37.56
C TRP F 61 32.62 2.93 -38.96
N GLN F 62 31.59 2.46 -39.67
CA GLN F 62 31.30 2.93 -41.02
C GLN F 62 29.80 3.10 -41.15
N THR F 63 29.37 4.30 -41.55
CA THR F 63 27.96 4.64 -41.66
C THR F 63 27.64 5.03 -43.11
N ASP F 64 26.44 4.67 -43.56
CA ASP F 64 26.03 4.96 -44.92
C ASP F 64 24.51 4.93 -45.01
N PHE F 65 23.97 5.76 -45.90
CA PHE F 65 22.55 5.78 -46.20
C PHE F 65 22.27 4.99 -47.48
N THR F 66 21.07 4.43 -47.56
CA THR F 66 20.67 3.67 -48.73
C THR F 66 19.16 3.76 -48.90
N LEU F 67 18.70 3.60 -50.13
CA LEU F 67 17.28 3.69 -50.45
C LEU F 67 16.61 2.34 -50.27
N GLU F 68 15.33 2.38 -49.90
CA GLU F 68 14.51 1.18 -49.75
C GLU F 68 13.04 1.55 -49.89
N PRO F 69 12.50 1.53 -51.11
CA PRO F 69 11.09 1.92 -51.29
C PRO F 69 10.10 0.94 -50.68
N ARG F 70 10.53 -0.27 -50.38
CA ARG F 70 9.63 -1.27 -49.79
C ARG F 70 9.42 -1.06 -48.29
N MSE F 71 10.21 -0.19 -47.66
CA MSE F 71 10.04 0.08 -46.23
C MSE F 71 9.29 1.39 -45.99
O MSE F 71 9.34 1.93 -44.89
CB MSE F 71 11.42 0.14 -45.55
CG MSE F 71 12.04 -1.23 -45.31
SE MSE F 71 11.21 -2.18 -43.82
CE MSE F 71 11.67 -0.93 -42.39
N ALA F 72 8.59 1.86 -47.01
CA ALA F 72 7.80 3.09 -46.93
C ALA F 72 6.80 3.01 -45.77
N PRO F 73 6.48 4.17 -45.14
CA PRO F 73 6.93 5.53 -45.47
C PRO F 73 8.39 5.82 -45.08
N ARG F 74 8.88 5.15 -44.04
CA ARG F 74 10.26 5.32 -43.58
C ARG F 74 11.17 4.50 -44.49
N SER F 75 11.52 5.08 -45.63
CA SER F 75 12.21 4.34 -46.69
C SER F 75 13.72 4.35 -46.51
N TRP F 76 14.30 5.49 -46.17
CA TRP F 76 15.75 5.59 -46.05
C TRP F 76 16.25 4.75 -44.89
N LEU F 77 17.26 3.93 -45.15
CA LEU F 77 17.86 3.06 -44.15
C LEU F 77 19.29 3.49 -43.88
N ALA F 78 19.61 3.69 -42.60
CA ALA F 78 20.96 4.02 -42.18
C ALA F 78 21.63 2.78 -41.62
N VAL F 79 22.82 2.46 -42.13
CA VAL F 79 23.54 1.25 -41.77
C VAL F 79 24.86 1.62 -41.15
N THR F 80 25.25 0.91 -40.09
CA THR F 80 26.54 1.10 -39.43
C THR F 80 27.16 -0.26 -39.16
N VAL F 81 28.47 -0.36 -39.41
CA VAL F 81 29.19 -1.63 -39.26
C VAL F 81 30.54 -1.38 -38.61
N ASP F 82 30.99 -2.34 -37.81
CA ASP F 82 32.30 -2.31 -37.19
C ASP F 82 33.30 -3.03 -38.07
N THR F 83 34.56 -2.59 -38.01
CA THR F 83 35.59 -3.12 -38.89
C THR F 83 36.03 -4.51 -38.48
N ALA F 84 36.30 -4.73 -37.20
CA ALA F 84 36.87 -5.99 -36.74
C ALA F 84 35.81 -7.01 -36.35
N SER F 85 34.70 -6.58 -35.76
CA SER F 85 33.68 -7.49 -35.27
C SER F 85 32.66 -7.87 -36.33
N SER F 86 32.61 -7.14 -37.45
CA SER F 86 31.67 -7.41 -38.54
C SER F 86 30.21 -7.32 -38.12
N ALA F 87 29.93 -6.58 -37.05
CA ALA F 87 28.55 -6.38 -36.63
C ALA F 87 27.86 -5.39 -37.54
N ILE F 88 26.53 -5.30 -37.43
CA ILE F 88 25.73 -4.43 -38.28
C ILE F 88 24.49 -3.99 -37.51
N VAL F 89 24.21 -2.69 -37.57
CA VAL F 89 23.04 -2.10 -36.94
C VAL F 89 22.34 -1.22 -37.97
N VAL F 90 21.01 -1.29 -38.03
CA VAL F 90 20.24 -0.58 -39.03
C VAL F 90 19.06 0.14 -38.38
N THR F 91 18.63 1.23 -39.01
CA THR F 91 17.52 2.04 -38.53
C THR F 91 16.82 2.66 -39.72
N GLN F 92 15.49 2.60 -39.72
CA GLN F 92 14.69 3.19 -40.79
C GLN F 92 14.33 4.63 -40.46
N HIS F 93 14.25 5.45 -41.51
CA HIS F 93 13.94 6.87 -41.37
C HIS F 93 13.09 7.31 -42.54
N GLY F 94 12.28 8.36 -42.32
CA GLY F 94 11.44 8.87 -43.37
C GLY F 94 12.16 9.75 -44.36
N ARG F 95 13.25 10.39 -43.92
CA ARG F 95 14.05 11.24 -44.81
C ARG F 95 15.42 11.40 -44.19
N VAL F 96 16.38 11.80 -45.03
CA VAL F 96 17.76 11.96 -44.59
C VAL F 96 17.90 13.33 -43.93
N THR F 97 18.05 13.33 -42.61
CA THR F 97 18.26 14.56 -41.85
C THR F 97 19.34 14.31 -40.81
N SER F 98 19.82 15.40 -40.21
CA SER F 98 20.86 15.28 -39.18
C SER F 98 20.32 14.55 -37.95
N VAL F 99 19.08 14.83 -37.57
CA VAL F 99 18.48 14.15 -36.42
C VAL F 99 18.30 12.66 -36.72
N ALA F 100 18.14 12.30 -38.00
CA ALA F 100 18.07 10.88 -38.34
C ALA F 100 19.41 10.20 -38.18
N VAL F 101 20.49 10.87 -38.58
CA VAL F 101 21.83 10.31 -38.40
C VAL F 101 22.15 10.17 -36.92
N GLN F 102 21.83 11.19 -36.12
CA GLN F 102 22.10 11.12 -34.69
C GLN F 102 21.24 10.07 -34.01
N HIS F 103 20.00 9.88 -34.47
CA HIS F 103 19.15 8.83 -33.93
C HIS F 103 19.74 7.45 -34.24
N HIS F 104 20.08 7.21 -35.51
CA HIS F 104 20.67 5.92 -35.88
C HIS F 104 21.95 5.66 -35.12
N TRP F 105 22.77 6.69 -34.91
CA TRP F 105 24.01 6.50 -34.16
C TRP F 105 23.73 6.25 -32.68
N ALA F 106 22.69 6.86 -32.13
CA ALA F 106 22.33 6.60 -30.75
C ALA F 106 21.82 5.17 -30.56
N THR F 107 21.10 4.65 -31.56
CA THR F 107 20.69 3.25 -31.52
C THR F 107 21.89 2.33 -31.66
N ALA F 108 22.84 2.69 -32.55
CA ALA F 108 24.02 1.86 -32.75
C ALA F 108 24.85 1.77 -31.47
N ILE F 109 25.14 2.92 -30.85
CA ILE F 109 25.85 2.91 -29.58
C ILE F 109 25.00 2.30 -28.47
N ALA F 110 23.68 2.27 -28.65
CA ALA F 110 22.83 1.61 -27.66
C ALA F 110 22.96 0.10 -27.73
N VAL F 111 23.11 -0.44 -28.93
CA VAL F 111 23.24 -1.88 -29.09
C VAL F 111 24.68 -2.35 -28.86
N MSE F 112 25.66 -1.53 -29.22
CA MSE F 112 27.05 -1.96 -29.18
C MSE F 112 27.93 -1.21 -28.18
O MSE F 112 28.72 -1.82 -27.45
CB MSE F 112 27.67 -1.85 -30.58
CG MSE F 112 26.97 -2.69 -31.62
SE MSE F 112 27.62 -2.38 -33.44
CE MSE F 112 29.49 -2.85 -33.16
N GLY F 113 27.80 0.11 -28.13
CA GLY F 113 28.61 0.93 -27.26
C GLY F 113 29.29 2.06 -28.01
N ARG F 114 29.82 2.99 -27.23
CA ARG F 114 30.41 4.21 -27.78
C ARG F 114 31.75 3.90 -28.43
N PRO F 115 31.91 4.12 -29.74
CA PRO F 115 33.18 3.80 -30.41
C PRO F 115 34.17 4.96 -30.37
N LYS F 116 35.31 4.78 -31.02
CA LYS F 116 36.32 5.83 -31.12
C LYS F 116 36.18 6.64 -32.41
N ALA F 117 36.16 5.97 -33.56
CA ALA F 117 36.09 6.64 -34.85
C ALA F 117 34.98 6.05 -35.70
N ILE F 118 34.38 6.90 -36.54
CA ILE F 118 33.33 6.51 -37.46
C ILE F 118 33.64 7.13 -38.83
N LYS F 119 33.65 6.31 -39.86
CA LYS F 119 33.94 6.76 -41.22
C LYS F 119 32.64 6.96 -41.98
N THR F 120 32.41 8.19 -42.44
CA THR F 120 31.26 8.54 -43.25
C THR F 120 31.73 9.14 -44.58
N ASP F 121 30.79 9.65 -45.36
CA ASP F 121 31.09 10.30 -46.62
C ASP F 121 31.10 11.82 -46.43
N ASN F 122 31.21 12.55 -47.54
CA ASN F 122 31.20 14.01 -47.52
C ASN F 122 29.80 14.58 -47.63
N GLY F 123 28.77 13.80 -47.28
CA GLY F 123 27.41 14.26 -47.42
C GLY F 123 27.08 15.43 -46.50
N SER F 124 25.95 16.07 -46.80
CA SER F 124 25.55 17.26 -46.05
C SER F 124 25.09 16.90 -44.64
N CYS F 125 24.44 15.75 -44.48
CA CYS F 125 23.96 15.37 -43.15
C CYS F 125 25.11 15.04 -42.21
N PHE F 126 26.24 14.59 -42.74
CA PHE F 126 27.39 14.25 -41.92
C PHE F 126 28.35 15.41 -41.71
N THR F 127 28.26 16.46 -42.53
CA THR F 127 29.09 17.64 -42.40
C THR F 127 28.32 18.85 -41.88
N SER F 128 27.05 18.67 -41.50
CA SER F 128 26.25 19.76 -40.98
C SER F 128 26.69 20.11 -39.57
N LYS F 129 26.08 21.16 -39.01
CA LYS F 129 26.45 21.62 -37.69
C LYS F 129 25.86 20.74 -36.58
N SER F 130 24.55 20.47 -36.66
CA SER F 130 23.90 19.66 -35.64
C SER F 130 24.54 18.28 -35.54
N THR F 131 25.07 17.76 -36.65
CA THR F 131 25.83 16.52 -36.60
C THR F 131 27.25 16.76 -36.09
N ARG F 132 27.82 17.93 -36.35
CA ARG F 132 29.18 18.23 -35.91
C ARG F 132 29.28 18.30 -34.40
N GLU F 133 28.46 19.16 -33.78
CA GLU F 133 28.56 19.36 -32.34
C GLU F 133 28.14 18.12 -31.55
N TRP F 134 27.41 17.20 -32.17
CA TRP F 134 27.06 15.95 -31.48
C TRP F 134 28.27 15.04 -31.31
N MSE F 135 29.34 15.26 -32.07
CA MSE F 135 30.55 14.45 -31.98
C MSE F 135 31.39 14.86 -30.77
O MSE F 135 32.10 14.04 -30.19
CB MSE F 135 31.37 14.57 -33.26
CG MSE F 135 30.66 14.09 -34.50
SE MSE F 135 30.63 12.15 -34.64
CE MSE F 135 32.48 11.86 -35.16
N ALA F 136 31.34 16.15 -30.42
CA ALA F 136 32.18 16.66 -29.35
C ALA F 136 31.74 16.15 -27.99
N ARG F 137 30.43 16.13 -27.73
CA ARG F 137 29.95 15.70 -26.43
C ARG F 137 30.21 14.22 -26.21
N TRP F 138 29.92 13.39 -27.21
CA TRP F 138 30.11 11.95 -27.08
C TRP F 138 31.55 11.51 -27.35
N GLY F 139 32.39 12.39 -27.92
CA GLY F 139 33.78 12.06 -28.09
C GLY F 139 34.07 10.98 -29.12
N ILE F 140 33.73 11.26 -30.38
CA ILE F 140 33.98 10.33 -31.48
C ILE F 140 34.76 11.08 -32.56
N ALA F 141 35.66 10.37 -33.22
CA ALA F 141 36.47 10.94 -34.28
C ALA F 141 35.81 10.69 -35.64
N HIS F 142 36.02 11.64 -36.55
CA HIS F 142 35.43 11.58 -37.88
C HIS F 142 36.51 11.66 -38.95
N THR F 143 36.26 11.03 -40.09
CA THR F 143 37.16 11.04 -41.22
C THR F 143 36.36 11.13 -42.51
N THR F 144 36.78 12.02 -43.41
CA THR F 144 36.14 12.16 -44.71
C THR F 144 37.16 12.05 -45.83
N GLY F 145 36.74 12.27 -47.07
CA GLY F 145 37.64 12.22 -48.20
C GLY F 145 36.95 12.30 -49.54
N ILE F 146 37.38 11.45 -50.46
CA ILE F 146 36.75 11.36 -51.79
C ILE F 146 35.28 10.99 -51.61
N PRO F 147 34.37 11.52 -52.43
CA PRO F 147 32.95 11.15 -52.28
C PRO F 147 32.67 9.74 -52.76
N GLY F 148 32.88 8.76 -51.88
CA GLY F 148 32.76 7.36 -52.24
C GLY F 148 34.07 6.75 -52.71
N ASN F 149 35.10 6.86 -51.88
CA ASN F 149 36.39 6.24 -52.18
C ASN F 149 36.30 4.73 -51.95
N SER F 150 37.43 4.05 -52.16
CA SER F 150 37.47 2.60 -52.11
C SER F 150 37.96 2.05 -50.77
N GLN F 151 38.52 2.89 -49.89
CA GLN F 151 39.00 2.42 -48.61
C GLN F 151 38.08 2.77 -47.45
N GLY F 152 37.25 3.80 -47.59
CA GLY F 152 36.36 4.21 -46.53
C GLY F 152 34.92 3.84 -46.77
N GLN F 153 34.55 3.67 -48.04
CA GLN F 153 33.17 3.37 -48.42
C GLN F 153 33.02 1.97 -49.03
N ALA F 154 33.93 1.06 -48.71
CA ALA F 154 33.89 -0.27 -49.32
C ALA F 154 32.95 -1.21 -48.58
N MSE F 155 33.19 -1.40 -47.29
CA MSE F 155 32.46 -2.40 -46.51
C MSE F 155 31.02 -1.98 -46.20
O MSE F 155 30.14 -2.82 -46.03
CB MSE F 155 33.22 -2.70 -45.22
CG MSE F 155 32.76 -3.95 -44.48
SE MSE F 155 33.87 -4.33 -42.92
CE MSE F 155 33.05 -6.00 -42.36
N VAL F 156 30.80 -0.66 -46.12
CA VAL F 156 29.45 -0.16 -45.86
C VAL F 156 28.51 -0.52 -47.00
N GLU F 157 29.03 -0.53 -48.23
CA GLU F 157 28.23 -0.99 -49.36
C GLU F 157 27.97 -2.49 -49.29
N ARG F 158 28.94 -3.26 -48.78
CA ARG F 158 28.70 -4.67 -48.53
C ARG F 158 27.54 -4.86 -47.56
N ALA F 159 27.53 -4.08 -46.48
CA ALA F 159 26.41 -4.13 -45.53
C ALA F 159 25.11 -3.72 -46.20
N ASN F 160 25.17 -2.73 -47.10
CA ASN F 160 23.98 -2.34 -47.85
C ASN F 160 23.44 -3.52 -48.66
N ARG F 161 24.33 -4.29 -49.29
CA ARG F 161 23.89 -5.50 -49.98
C ARG F 161 23.30 -6.51 -49.00
N MSE F 162 23.93 -6.66 -47.83
CA MSE F 162 23.45 -7.58 -46.80
C MSE F 162 22.00 -7.30 -46.42
O MSE F 162 21.15 -8.20 -46.44
CB MSE F 162 24.33 -7.48 -45.55
CG MSE F 162 25.78 -7.85 -45.75
SE MSE F 162 26.05 -9.73 -46.21
CE MSE F 162 25.04 -10.53 -44.76
N MSE F 163 21.71 -6.06 -46.06
CA MSE F 163 20.39 -5.67 -45.58
C MSE F 163 19.37 -5.58 -46.70
O MSE F 163 18.23 -6.03 -46.54
CB MSE F 163 20.47 -4.36 -44.82
CG MSE F 163 20.98 -4.50 -43.41
SE MSE F 163 19.70 -5.46 -42.29
CE MSE F 163 18.15 -4.32 -42.60
N LYS F 164 19.75 -4.98 -47.83
CA LYS F 164 18.83 -4.87 -48.95
C LYS F 164 18.48 -6.22 -49.53
N ASP F 165 19.36 -7.22 -49.37
CA ASP F 165 19.00 -8.58 -49.73
C ASP F 165 18.15 -9.23 -48.66
N LYS F 166 18.57 -9.12 -47.39
CA LYS F 166 17.91 -9.85 -46.32
C LYS F 166 16.46 -9.41 -46.14
N ILE F 167 16.22 -8.10 -46.11
CA ILE F 167 14.86 -7.59 -45.94
C ILE F 167 13.96 -8.09 -47.07
N ARG F 168 14.45 -7.99 -48.31
CA ARG F 168 13.66 -8.43 -49.45
C ARG F 168 13.32 -9.92 -49.35
N VAL F 169 14.34 -10.76 -49.11
CA VAL F 169 14.14 -12.20 -49.17
C VAL F 169 13.28 -12.68 -48.01
N LEU F 170 13.49 -12.13 -46.81
CA LEU F 170 12.67 -12.52 -45.67
C LEU F 170 11.23 -12.03 -45.85
N ALA F 171 11.06 -10.80 -46.34
CA ALA F 171 9.72 -10.27 -46.56
C ALA F 171 8.97 -11.10 -47.59
N GLU F 172 9.66 -11.54 -48.64
CA GLU F 172 9.05 -12.48 -49.56
C GLU F 172 8.79 -13.83 -48.90
N GLY F 173 9.60 -14.19 -47.89
CA GLY F 173 9.42 -15.44 -47.21
C GLY F 173 8.25 -15.48 -46.24
N ASP F 174 7.81 -14.32 -45.77
CA ASP F 174 6.64 -14.25 -44.89
C ASP F 174 5.37 -13.86 -45.62
N GLY F 175 5.43 -13.62 -46.92
CA GLY F 175 4.25 -13.37 -47.72
C GLY F 175 4.05 -11.94 -48.18
N PHE F 176 5.05 -11.07 -48.04
CA PHE F 176 4.96 -9.68 -48.48
C PHE F 176 5.81 -9.48 -49.71
N MSE F 177 5.24 -8.87 -50.74
CA MSE F 177 5.93 -8.74 -52.01
C MSE F 177 6.25 -7.30 -52.44
O MSE F 177 7.40 -6.96 -52.67
CB MSE F 177 5.12 -9.41 -53.13
CG MSE F 177 4.96 -10.92 -52.96
SE MSE F 177 6.68 -11.83 -52.95
CE MSE F 177 7.36 -11.19 -54.66
N LYS F 178 5.21 -6.45 -52.52
CA LYS F 178 5.41 -5.10 -53.05
C LYS F 178 5.95 -4.16 -51.97
N ARG F 179 5.18 -3.95 -50.91
CA ARG F 179 5.57 -3.02 -49.86
C ARG F 179 5.28 -3.65 -48.51
N ILE F 180 6.28 -3.64 -47.64
CA ILE F 180 6.11 -4.20 -46.29
C ILE F 180 5.18 -3.29 -45.50
N PRO F 181 4.12 -3.82 -44.89
CA PRO F 181 3.20 -2.96 -44.12
C PRO F 181 3.92 -2.31 -42.94
N THR F 182 3.34 -1.19 -42.49
CA THR F 182 3.98 -0.39 -41.45
C THR F 182 4.18 -1.17 -40.17
N SER F 183 3.31 -2.14 -39.88
CA SER F 183 3.41 -2.88 -38.62
C SER F 183 4.63 -3.81 -38.64
N LYS F 184 4.76 -4.64 -39.68
CA LYS F 184 5.79 -5.66 -39.72
C LYS F 184 7.18 -5.13 -40.00
N GLN F 185 7.32 -3.83 -40.30
CA GLN F 185 8.61 -3.30 -40.73
C GLN F 185 9.69 -3.53 -39.66
N GLY F 186 9.42 -3.08 -38.43
CA GLY F 186 10.38 -3.29 -37.36
C GLY F 186 10.69 -4.76 -37.12
N GLU F 187 9.68 -5.62 -37.30
CA GLU F 187 9.92 -7.06 -37.18
C GLU F 187 10.87 -7.54 -38.27
N MSE F 188 10.79 -6.96 -39.46
CA MSE F 188 11.71 -7.28 -40.54
C MSE F 188 13.12 -6.84 -40.17
O MSE F 188 14.10 -7.55 -40.42
CB MSE F 188 11.27 -6.61 -41.85
CG MSE F 188 9.87 -6.99 -42.30
SE MSE F 188 9.61 -8.92 -42.41
CE MSE F 188 11.21 -9.35 -43.43
N MSE F 189 13.22 -5.64 -39.61
CA MSE F 189 14.49 -5.12 -39.08
C MSE F 189 15.12 -6.13 -38.13
O MSE F 189 16.26 -6.54 -38.30
CB MSE F 189 14.28 -3.79 -38.36
CG MSE F 189 15.24 -2.69 -38.77
SE MSE F 189 14.69 -1.83 -40.44
CE MSE F 189 16.19 -0.62 -40.67
N ALA F 190 14.34 -6.51 -37.11
CA ALA F 190 14.85 -7.38 -36.07
C ALA F 190 15.23 -8.76 -36.62
N LYS F 191 14.42 -9.32 -37.52
CA LYS F 191 14.73 -10.63 -38.07
C LYS F 191 15.98 -10.56 -38.94
N ALA F 192 16.17 -9.48 -39.70
CA ALA F 192 17.37 -9.34 -40.50
C ALA F 192 18.61 -9.21 -39.63
N MSE F 193 18.55 -8.35 -38.62
CA MSE F 193 19.67 -8.15 -37.71
C MSE F 193 20.00 -9.42 -36.93
O MSE F 193 21.15 -9.65 -36.56
CB MSE F 193 19.38 -7.00 -36.74
CG MSE F 193 19.38 -5.63 -37.40
SE MSE F 193 19.43 -4.19 -36.09
CE MSE F 193 21.04 -4.71 -35.12
N TYR F 194 18.97 -10.24 -36.67
CA TYR F 194 19.22 -11.53 -36.05
C TYR F 194 19.88 -12.49 -37.02
N ALA F 195 19.49 -12.44 -38.29
CA ALA F 195 20.08 -13.30 -39.31
C ALA F 195 21.50 -12.88 -39.67
N LEU F 196 21.91 -11.66 -39.30
CA LEU F 196 23.24 -11.16 -39.65
C LEU F 196 24.20 -11.13 -38.48
N ASN F 197 23.76 -10.63 -37.31
CA ASN F 197 24.65 -10.51 -36.17
C ASN F 197 24.99 -11.87 -35.57
N HIS F 198 23.96 -12.67 -35.26
CA HIS F 198 24.14 -13.89 -34.49
C HIS F 198 24.47 -15.11 -35.34
N PHE F 199 24.57 -14.96 -36.66
CA PHE F 199 24.82 -16.10 -37.54
C PHE F 199 26.04 -15.81 -38.41
N GLU F 200 26.66 -16.89 -38.88
CA GLU F 200 27.96 -16.83 -39.53
C GLU F 200 27.78 -16.73 -41.04
N ARG F 201 28.26 -15.63 -41.61
CA ARG F 201 28.30 -15.43 -43.06
C ARG F 201 29.68 -15.74 -43.65
N GLY F 202 30.62 -16.21 -42.82
CA GLY F 202 31.94 -16.54 -43.29
C GLY F 202 32.37 -17.92 -42.81
N GLU F 203 33.53 -18.35 -43.31
CA GLU F 203 34.04 -19.67 -42.97
C GLU F 203 34.49 -19.79 -41.52
N ASN F 204 34.66 -18.66 -40.83
CA ASN F 204 35.08 -18.70 -39.44
C ASN F 204 33.97 -19.26 -38.56
N THR F 205 34.37 -19.99 -37.52
CA THR F 205 33.43 -20.53 -36.56
C THR F 205 32.90 -19.48 -35.59
N LYS F 206 33.38 -18.24 -35.68
CA LYS F 206 32.98 -17.17 -34.77
C LYS F 206 31.92 -16.31 -35.46
N THR F 207 30.78 -16.17 -34.81
CA THR F 207 29.74 -15.29 -35.33
C THR F 207 30.16 -13.83 -35.14
N PRO F 208 29.54 -12.91 -35.89
CA PRO F 208 29.82 -11.48 -35.65
C PRO F 208 29.56 -11.05 -34.22
N ILE F 209 28.56 -11.64 -33.55
CA ILE F 209 28.32 -11.34 -32.15
C ILE F 209 29.48 -11.86 -31.29
N GLN F 210 29.93 -13.09 -31.57
CA GLN F 210 31.04 -13.65 -30.80
C GLN F 210 32.32 -12.85 -31.00
N LYS F 211 32.60 -12.45 -32.25
CA LYS F 211 33.78 -11.64 -32.54
C LYS F 211 33.69 -10.24 -31.98
N HIS F 212 32.57 -9.84 -31.39
CA HIS F 212 32.37 -8.48 -30.89
C HIS F 212 32.61 -8.39 -29.39
N TRP F 213 31.91 -9.19 -28.60
CA TRP F 213 32.00 -9.11 -27.14
C TRP F 213 32.99 -10.09 -26.55
N ARG F 214 33.49 -11.04 -27.34
CA ARG F 214 34.32 -12.14 -26.85
C ARG F 214 33.59 -12.85 -25.70
N PRO F 215 32.45 -13.49 -25.96
CA PRO F 215 31.66 -14.05 -24.86
C PRO F 215 32.36 -15.23 -24.21
N THR F 216 32.40 -15.22 -22.88
CA THR F 216 32.95 -16.31 -22.10
C THR F 216 32.16 -16.41 -20.81
N VAL F 217 32.59 -17.33 -19.94
CA VAL F 217 31.93 -17.54 -18.65
C VAL F 217 32.99 -17.50 -17.55
N LEU F 218 32.70 -16.74 -16.49
CA LEU F 218 33.61 -16.64 -15.34
C LEU F 218 33.54 -17.94 -14.56
N THR F 219 34.54 -18.80 -14.76
CA THR F 219 34.58 -20.07 -14.03
C THR F 219 34.71 -19.85 -12.53
N GLU F 220 35.39 -18.78 -12.12
CA GLU F 220 35.60 -18.48 -10.71
C GLU F 220 35.48 -16.98 -10.51
N GLY F 221 35.85 -16.53 -9.32
CA GLY F 221 35.74 -15.14 -8.93
C GLY F 221 37.02 -14.37 -9.12
N PRO F 222 36.98 -13.07 -8.85
CA PRO F 222 38.19 -12.26 -8.92
C PRO F 222 39.06 -12.52 -7.70
N PRO F 223 40.36 -12.24 -7.77
CA PRO F 223 41.24 -12.61 -6.66
C PRO F 223 41.07 -11.69 -5.46
N VAL F 224 41.11 -12.29 -4.28
CA VAL F 224 40.99 -11.60 -3.01
C VAL F 224 42.03 -12.16 -2.04
N LYS F 225 42.25 -11.42 -0.96
CA LYS F 225 43.00 -11.92 0.19
C LYS F 225 42.02 -12.14 1.34
N ILE F 226 42.33 -13.12 2.19
CA ILE F 226 41.54 -13.41 3.37
C ILE F 226 42.40 -13.31 4.61
N ARG F 227 41.80 -12.80 5.68
CA ARG F 227 42.48 -12.67 6.97
C ARG F 227 42.37 -13.99 7.74
N ILE F 228 43.50 -14.58 8.05
CA ILE F 228 43.56 -15.92 8.61
C ILE F 228 43.70 -15.78 10.12
N GLU F 229 43.42 -16.86 10.84
CA GLU F 229 43.27 -16.90 12.30
C GLU F 229 44.28 -16.02 13.03
N THR F 230 45.54 -16.03 12.58
CA THR F 230 46.58 -15.20 13.17
C THR F 230 46.45 -13.71 12.83
N GLY F 231 45.43 -13.32 12.08
CA GLY F 231 45.25 -11.94 11.66
C GLY F 231 45.96 -11.52 10.39
N GLU F 232 46.76 -12.39 9.78
CA GLU F 232 47.52 -12.01 8.60
C GLU F 232 46.62 -12.06 7.37
N TRP F 233 47.05 -11.36 6.31
CA TRP F 233 46.36 -11.41 5.04
C TRP F 233 47.16 -12.28 4.07
N GLU F 234 46.52 -13.30 3.52
CA GLU F 234 47.18 -14.30 2.70
C GLU F 234 46.73 -14.15 1.25
N LYS F 235 47.68 -14.05 0.33
CA LYS F 235 47.27 -14.02 -1.06
C LYS F 235 47.04 -15.45 -1.56
N GLY F 236 46.49 -15.56 -2.77
CA GLY F 236 46.30 -16.85 -3.38
C GLY F 236 44.89 -17.39 -3.33
N TRP F 237 43.90 -16.56 -3.02
CA TRP F 237 42.52 -16.98 -2.94
C TRP F 237 41.66 -16.17 -3.91
N ASN F 238 40.54 -16.79 -4.33
CA ASN F 238 39.53 -16.13 -5.13
C ASN F 238 38.19 -16.38 -4.46
N VAL F 239 37.30 -15.39 -4.51
CA VAL F 239 36.02 -15.48 -3.81
C VAL F 239 34.95 -15.91 -4.81
N LEU F 240 34.15 -16.91 -4.41
CA LEU F 240 33.12 -17.50 -5.25
C LEU F 240 31.70 -17.13 -4.83
N VAL F 241 31.48 -16.86 -3.56
CA VAL F 241 30.18 -16.49 -2.99
C VAL F 241 30.37 -15.40 -1.93
N TRP F 242 29.52 -14.38 -1.99
CA TRP F 242 29.50 -13.31 -0.99
C TRP F 242 28.05 -13.18 -0.56
N GLY F 243 27.74 -13.84 0.55
CA GLY F 243 26.41 -13.81 1.13
C GLY F 243 26.30 -12.84 2.28
N ARG F 244 25.16 -12.89 2.96
CA ARG F 244 24.87 -12.00 4.07
C ARG F 244 25.77 -12.38 5.24
N GLY F 245 26.70 -11.50 5.60
CA GLY F 245 27.60 -11.75 6.72
C GLY F 245 28.93 -12.39 6.42
N TYR F 246 28.96 -13.37 5.52
CA TYR F 246 30.13 -14.21 5.30
C TYR F 246 30.39 -14.36 3.81
N ALA F 247 31.62 -14.77 3.48
CA ALA F 247 32.02 -15.04 2.11
C ALA F 247 32.70 -16.40 2.02
N ALA F 248 32.45 -17.08 0.91
CA ALA F 248 33.12 -18.33 0.55
C ALA F 248 34.28 -18.03 -0.40
N VAL F 249 35.49 -18.42 -0.01
CA VAL F 249 36.68 -18.18 -0.81
C VAL F 249 37.38 -19.50 -1.08
N LYS F 250 37.98 -19.58 -2.28
CA LYS F 250 38.61 -20.80 -2.79
C LYS F 250 40.09 -20.53 -2.99
N ASN F 251 40.93 -21.45 -2.50
CA ASN F 251 42.37 -21.36 -2.71
C ASN F 251 42.73 -21.79 -4.12
N ARG F 252 43.52 -20.96 -4.80
CA ARG F 252 43.80 -21.19 -6.21
C ARG F 252 44.65 -22.43 -6.44
N ASP F 253 45.54 -22.76 -5.50
CA ASP F 253 46.44 -23.90 -5.67
C ASP F 253 45.79 -25.24 -5.38
N THR F 254 44.73 -25.28 -4.57
CA THR F 254 44.15 -26.55 -4.16
C THR F 254 42.65 -26.69 -4.44
N ASP F 255 41.94 -25.59 -4.67
CA ASP F 255 40.48 -25.53 -4.84
C ASP F 255 39.72 -25.83 -3.55
N LYS F 256 40.39 -25.86 -2.40
CA LYS F 256 39.68 -25.97 -1.13
C LYS F 256 38.87 -24.70 -0.89
N VAL F 257 37.63 -24.87 -0.45
CA VAL F 257 36.71 -23.76 -0.18
C VAL F 257 36.39 -23.70 1.30
N ILE F 258 36.52 -22.51 1.88
CA ILE F 258 36.19 -22.24 3.28
C ILE F 258 35.32 -20.99 3.34
N TRP F 259 34.54 -20.89 4.41
CA TRP F 259 33.71 -19.72 4.67
C TRP F 259 34.33 -18.84 5.75
N VAL F 260 34.36 -17.54 5.50
CA VAL F 260 35.00 -16.57 6.39
C VAL F 260 34.11 -15.34 6.46
N PRO F 261 34.27 -14.53 7.52
CA PRO F 261 33.47 -13.31 7.63
C PRO F 261 33.80 -12.30 6.54
N SER F 262 32.77 -11.56 6.12
CA SER F 262 32.94 -10.58 5.05
C SER F 262 34.06 -9.59 5.37
N ARG F 263 34.14 -9.15 6.62
CA ARG F 263 35.12 -8.15 7.03
C ARG F 263 36.55 -8.64 6.86
N LYS F 264 36.75 -9.95 6.76
CA LYS F 264 38.06 -10.57 6.61
C LYS F 264 38.48 -10.78 5.17
N VAL F 265 37.78 -10.19 4.20
CA VAL F 265 38.13 -10.34 2.79
C VAL F 265 38.26 -8.95 2.17
N LYS F 266 39.28 -8.79 1.34
CA LYS F 266 39.53 -7.61 0.53
C LYS F 266 40.13 -8.02 -0.81
N PRO F 267 39.94 -7.20 -1.86
CA PRO F 267 40.51 -7.55 -3.17
C PRO F 267 42.02 -7.69 -3.11
N ASP F 268 42.54 -8.69 -3.81
CA ASP F 268 43.99 -8.89 -3.96
C ASP F 268 44.49 -8.16 -5.19
N ILE F 269 45.24 -7.08 -4.97
CA ILE F 269 45.77 -6.23 -6.03
C ILE F 269 44.64 -5.56 -6.80
N PRO G 1 5.69 42.53 37.07
CA PRO G 1 4.63 42.24 36.10
C PRO G 1 3.18 42.51 36.52
N LEU G 2 2.83 42.35 37.80
CA LEU G 2 1.46 42.56 38.27
C LEU G 2 1.08 44.03 38.18
N ARG G 3 1.99 44.92 38.57
CA ARG G 3 1.70 46.35 38.51
C ARG G 3 1.64 46.86 37.09
N GLU G 4 2.55 46.42 36.22
CA GLU G 4 2.50 46.86 34.84
C GLU G 4 1.17 46.48 34.19
N ALA G 5 0.72 45.24 34.41
CA ALA G 5 -0.53 44.79 33.83
C ALA G 5 -1.71 45.55 34.42
N LYS G 6 -1.69 45.78 35.74
CA LYS G 6 -2.80 46.51 36.35
C LYS G 6 -2.90 47.93 35.81
N ASP G 7 -1.76 48.62 35.66
CA ASP G 7 -1.81 49.98 35.14
C ASP G 7 -2.30 50.00 33.69
N LEU G 8 -1.78 49.09 32.87
CA LEU G 8 -2.19 49.01 31.47
C LEU G 8 -3.69 48.79 31.38
N HIS G 9 -4.24 47.86 32.17
CA HIS G 9 -5.67 47.61 32.09
C HIS G 9 -6.46 48.81 32.64
N THR G 10 -5.94 49.46 33.68
CA THR G 10 -6.62 50.63 34.23
C THR G 10 -6.86 51.66 33.13
N ALA G 11 -5.82 51.98 32.36
CA ALA G 11 -6.00 52.98 31.32
C ALA G 11 -6.74 52.46 30.08
N LEU G 12 -6.23 51.38 29.48
CA LEU G 12 -6.80 50.84 28.24
C LEU G 12 -7.75 49.66 28.39
N HIS G 13 -7.82 49.02 29.57
CA HIS G 13 -8.68 47.86 29.79
C HIS G 13 -8.34 46.76 28.78
N ILE G 14 -7.02 46.54 28.65
CA ILE G 14 -6.47 45.55 27.74
C ILE G 14 -6.83 44.14 28.18
N GLY G 15 -7.14 43.27 27.23
CA GLY G 15 -7.50 41.90 27.52
C GLY G 15 -6.33 41.15 28.15
N PRO G 16 -6.60 39.96 28.69
CA PRO G 16 -5.53 39.21 29.36
C PRO G 16 -4.38 38.71 28.49
N ARG G 17 -4.62 38.27 27.25
CA ARG G 17 -3.52 37.78 26.41
C ARG G 17 -2.46 38.85 26.16
N ALA G 18 -2.89 40.07 25.86
CA ALA G 18 -1.95 41.17 25.61
C ALA G 18 -1.13 41.51 26.85
N LEU G 19 -1.78 41.54 28.02
CA LEU G 19 -1.06 41.85 29.24
C LEU G 19 -0.11 40.72 29.59
N SER G 20 -0.54 39.48 29.33
CA SER G 20 0.30 38.33 29.59
C SER G 20 1.58 38.39 28.76
N LYS G 21 1.45 38.75 27.49
CA LYS G 21 2.64 38.80 26.64
C LYS G 21 3.51 40.01 26.97
N ALA G 22 2.90 41.19 27.10
CA ALA G 22 3.65 42.40 27.39
C ALA G 22 4.39 42.35 28.72
N SER G 23 3.74 41.87 29.78
CA SER G 23 4.36 41.83 31.09
C SER G 23 4.80 40.45 31.56
N ASN G 24 4.79 39.44 30.68
CA ASN G 24 5.23 38.08 31.02
C ASN G 24 4.49 37.51 32.22
N ILE G 25 3.16 37.54 32.16
CA ILE G 25 2.32 37.02 33.24
C ILE G 25 1.58 35.77 32.75
N SER G 26 1.41 34.80 33.65
CA SER G 26 0.68 33.59 33.32
C SER G 26 -0.79 33.94 33.12
N MSE G 27 -1.51 33.03 32.46
CA MSE G 27 -2.91 33.30 32.09
C MSE G 27 -3.84 33.50 33.29
O MSE G 27 -4.83 34.23 33.19
CB MSE G 27 -3.46 32.18 31.22
CG MSE G 27 -3.44 32.51 29.73
SE MSE G 27 -4.51 34.08 29.30
CE MSE G 27 -6.28 33.38 29.68
N GLN G 28 -3.52 32.87 34.42
CA GLN G 28 -4.43 32.91 35.56
C GLN G 28 -4.45 34.30 36.21
N GLN G 29 -3.29 34.94 36.34
CA GLN G 29 -3.24 36.26 36.95
C GLN G 29 -3.90 37.28 36.04
N ALA G 30 -3.47 37.35 34.78
CA ALA G 30 -4.07 38.28 33.83
C ALA G 30 -5.57 38.09 33.77
N ARG G 31 -6.02 36.83 33.75
CA ARG G 31 -7.45 36.59 33.69
C ARG G 31 -8.11 37.10 34.95
N GLU G 32 -7.43 36.98 36.10
CA GLU G 32 -8.01 37.48 37.33
C GLU G 32 -8.15 38.99 37.25
N VAL G 33 -7.21 39.65 36.56
CA VAL G 33 -7.25 41.09 36.39
C VAL G 33 -8.45 41.48 35.54
N VAL G 34 -8.69 40.75 34.45
CA VAL G 34 -9.83 41.04 33.59
C VAL G 34 -11.13 40.82 34.36
N GLN G 35 -11.17 39.81 35.23
CA GLN G 35 -12.36 39.54 36.03
C GLN G 35 -12.68 40.72 36.94
N THR G 36 -11.67 41.21 37.66
CA THR G 36 -11.80 42.33 38.58
C THR G 36 -12.20 43.63 37.91
N CYS G 37 -12.22 43.69 36.58
CA CYS G 37 -12.59 44.94 35.93
C CYS G 37 -14.10 44.99 35.73
N PRO G 38 -14.76 46.11 36.06
CA PRO G 38 -16.22 46.17 35.89
C PRO G 38 -16.72 46.29 34.45
N HIS G 39 -16.07 47.09 33.61
CA HIS G 39 -16.54 47.28 32.24
C HIS G 39 -16.11 46.14 31.31
N CYS G 40 -15.66 45.01 31.86
CA CYS G 40 -15.26 43.86 31.07
C CYS G 40 -15.92 42.60 31.59
N PRO G 52 -15.29 28.92 9.67
CA PRO G 52 -15.28 29.75 10.87
C PRO G 52 -13.88 30.22 11.23
N ARG G 53 -12.90 29.88 10.40
CA ARG G 53 -11.50 30.21 10.65
C ARG G 53 -10.90 31.10 9.57
N GLY G 54 -11.03 30.72 8.30
CA GLY G 54 -10.48 31.47 7.20
C GLY G 54 -9.19 30.86 6.68
N LEU G 55 -8.91 31.12 5.40
CA LEU G 55 -7.75 30.53 4.74
C LEU G 55 -6.82 31.54 4.09
N GLY G 56 -7.21 32.81 3.98
CA GLY G 56 -6.37 33.80 3.36
C GLY G 56 -6.84 35.22 3.59
N PRO G 57 -5.90 36.12 3.85
CA PRO G 57 -6.27 37.53 4.10
C PRO G 57 -6.48 38.28 2.79
N LEU G 58 -7.13 39.45 2.92
CA LEU G 58 -7.42 40.34 1.80
C LEU G 58 -8.22 39.65 0.69
N GLN G 59 -9.02 38.65 1.06
CA GLN G 59 -9.81 37.89 0.09
C GLN G 59 -11.30 38.08 0.27
N ILE G 60 -11.81 37.88 1.49
CA ILE G 60 -13.23 38.08 1.78
C ILE G 60 -13.34 39.03 2.96
N TRP G 61 -14.07 40.12 2.76
CA TRP G 61 -14.39 41.08 3.81
C TRP G 61 -15.87 41.01 4.14
N GLN G 62 -16.24 41.60 5.28
CA GLN G 62 -17.62 41.60 5.73
C GLN G 62 -17.90 42.98 6.32
N THR G 63 -18.76 43.75 5.65
CA THR G 63 -19.08 45.11 6.07
C THR G 63 -20.51 45.18 6.58
N ASP G 64 -20.74 46.06 7.54
CA ASP G 64 -22.05 46.20 8.16
C ASP G 64 -22.13 47.56 8.82
N PHE G 65 -23.33 48.14 8.80
CA PHE G 65 -23.59 49.42 9.45
C PHE G 65 -23.97 49.20 10.92
N THR G 66 -23.75 50.24 11.72
CA THR G 66 -24.14 50.23 13.12
C THR G 66 -24.36 51.66 13.57
N LEU G 67 -25.32 51.84 14.48
CA LEU G 67 -25.73 53.15 14.95
C LEU G 67 -25.25 53.38 16.38
N GLU G 68 -24.73 54.58 16.63
CA GLU G 68 -24.31 54.99 17.97
C GLU G 68 -24.67 56.46 18.14
N PRO G 69 -25.79 56.75 18.79
CA PRO G 69 -26.19 58.17 18.97
C PRO G 69 -25.22 58.98 19.79
N ARG G 70 -24.23 58.35 20.44
CA ARG G 70 -23.19 59.10 21.14
C ARG G 70 -22.26 59.82 20.19
N MSE G 71 -22.27 59.46 18.91
CA MSE G 71 -21.36 60.06 17.93
C MSE G 71 -22.03 61.15 17.10
O MSE G 71 -21.55 61.50 16.02
CB MSE G 71 -20.80 58.97 17.00
CG MSE G 71 -19.85 58.01 17.69
SE MSE G 71 -18.11 58.84 18.04
CE MSE G 71 -17.47 58.95 16.20
N ALA G 72 -23.13 61.68 17.61
CA ALA G 72 -23.86 62.77 16.94
C ALA G 72 -22.94 63.95 16.65
N PRO G 73 -23.25 64.74 15.60
CA PRO G 73 -24.38 64.62 14.66
C PRO G 73 -24.20 63.51 13.63
N ARG G 74 -22.98 63.00 13.49
CA ARG G 74 -22.70 61.91 12.57
C ARG G 74 -22.78 60.60 13.36
N SER G 75 -24.02 60.18 13.62
CA SER G 75 -24.28 59.08 14.53
C SER G 75 -24.04 57.71 13.90
N TRP G 76 -24.02 57.62 12.58
CA TRP G 76 -23.84 56.33 11.93
C TRP G 76 -22.37 55.95 11.86
N LEU G 77 -22.11 54.64 11.90
CA LEU G 77 -20.77 54.09 11.77
C LEU G 77 -20.75 53.11 10.60
N ALA G 78 -19.58 52.52 10.36
CA ALA G 78 -19.41 51.55 9.28
C ALA G 78 -18.22 50.69 9.62
N VAL G 79 -18.45 49.39 9.79
CA VAL G 79 -17.42 48.45 10.23
C VAL G 79 -17.23 47.39 9.15
N THR G 80 -15.98 47.20 8.73
CA THR G 80 -15.60 46.16 7.79
C THR G 80 -14.53 45.29 8.43
N VAL G 81 -14.62 43.98 8.21
CA VAL G 81 -13.79 43.00 8.90
C VAL G 81 -13.20 42.03 7.89
N ASP G 82 -11.88 41.83 7.96
CA ASP G 82 -11.23 40.75 7.24
C ASP G 82 -11.42 39.48 8.04
N THR G 83 -12.20 38.54 7.50
CA THR G 83 -12.63 37.39 8.29
C THR G 83 -11.50 36.41 8.60
N ALA G 84 -10.47 36.37 7.74
CA ALA G 84 -9.39 35.40 7.95
C ALA G 84 -8.35 35.92 8.93
N SER G 85 -7.85 37.13 8.72
CA SER G 85 -6.80 37.69 9.55
C SER G 85 -7.32 38.34 10.82
N SER G 86 -8.64 38.31 11.06
CA SER G 86 -9.25 38.90 12.26
C SER G 86 -8.94 40.40 12.34
N ALA G 87 -9.07 41.09 11.22
CA ALA G 87 -8.84 42.52 11.15
C ALA G 87 -10.17 43.27 11.19
N ILE G 88 -10.09 44.57 11.46
CA ILE G 88 -11.28 45.40 11.60
C ILE G 88 -10.91 46.84 11.27
N VAL G 89 -11.88 47.58 10.72
CA VAL G 89 -11.72 48.98 10.39
C VAL G 89 -13.08 49.66 10.52
N VAL G 90 -13.09 50.89 11.04
CA VAL G 90 -14.33 51.59 11.33
C VAL G 90 -14.19 53.05 10.93
N THR G 91 -15.30 53.62 10.43
CA THR G 91 -15.39 55.03 10.10
C THR G 91 -16.70 55.58 10.64
N GLN G 92 -16.93 56.88 10.45
CA GLN G 92 -18.14 57.55 10.91
C GLN G 92 -18.78 58.30 9.75
N HIS G 93 -20.12 58.31 9.74
CA HIS G 93 -20.87 59.02 8.71
C HIS G 93 -22.13 59.60 9.34
N GLY G 94 -22.68 60.61 8.68
CA GLY G 94 -23.84 61.30 9.19
C GLY G 94 -25.16 60.67 8.77
N ARG G 95 -25.32 60.46 7.47
CA ARG G 95 -26.51 59.85 6.89
C ARG G 95 -26.16 58.52 6.23
N VAL G 96 -27.17 57.88 5.64
CA VAL G 96 -26.99 56.58 5.01
C VAL G 96 -27.19 56.74 3.51
N THR G 97 -26.08 56.93 2.79
CA THR G 97 -26.13 57.09 1.34
C THR G 97 -25.12 56.17 0.65
N SER G 98 -25.00 56.31 -0.68
CA SER G 98 -24.06 55.49 -1.42
C SER G 98 -22.65 56.05 -1.38
N VAL G 99 -22.52 57.37 -1.45
CA VAL G 99 -21.20 58.00 -1.43
C VAL G 99 -20.50 57.74 -0.11
N ALA G 100 -21.27 57.53 0.96
CA ALA G 100 -20.67 57.15 2.24
C ALA G 100 -20.10 55.75 2.18
N VAL G 101 -20.79 54.83 1.52
CA VAL G 101 -20.29 53.46 1.39
C VAL G 101 -19.03 53.44 0.54
N GLN G 102 -19.08 54.05 -0.65
CA GLN G 102 -17.90 54.11 -1.51
C GLN G 102 -16.76 54.84 -0.83
N HIS G 103 -17.06 55.83 0.00
CA HIS G 103 -16.03 56.55 0.74
C HIS G 103 -15.36 55.62 1.77
N HIS G 104 -16.16 54.94 2.56
CA HIS G 104 -15.61 54.05 3.59
C HIS G 104 -14.80 52.92 2.97
N TRP G 105 -15.33 52.30 1.92
CA TRP G 105 -14.58 51.24 1.24
C TRP G 105 -13.29 51.78 0.65
N ALA G 106 -13.35 52.97 0.04
CA ALA G 106 -12.14 53.60 -0.49
C ALA G 106 -11.13 53.87 0.61
N THR G 107 -11.59 54.06 1.85
CA THR G 107 -10.66 54.25 2.96
C THR G 107 -10.07 52.92 3.42
N ALA G 108 -10.92 51.89 3.61
CA ALA G 108 -10.45 50.61 4.10
C ALA G 108 -9.52 49.92 3.11
N ILE G 109 -9.68 50.21 1.81
CA ILE G 109 -8.74 49.68 0.83
C ILE G 109 -7.34 50.22 1.11
N ALA G 110 -7.23 51.53 1.34
CA ALA G 110 -5.94 52.10 1.71
C ALA G 110 -5.47 51.59 3.06
N VAL G 111 -6.39 51.23 3.95
CA VAL G 111 -6.01 50.73 5.26
C VAL G 111 -5.37 49.35 5.15
N MSE G 112 -5.95 48.48 4.32
CA MSE G 112 -5.53 47.07 4.28
C MSE G 112 -4.97 46.63 2.94
O MSE G 112 -3.99 45.88 2.88
CB MSE G 112 -6.70 46.17 4.66
CG MSE G 112 -7.30 46.47 6.03
SE MSE G 112 -8.99 45.53 6.34
CE MSE G 112 -9.26 46.01 8.20
N GLY G 113 -5.60 47.09 1.85
CA GLY G 113 -5.24 46.63 0.52
C GLY G 113 -6.45 46.15 -0.23
N ARG G 114 -6.38 46.15 -1.56
CA ARG G 114 -7.52 45.83 -2.42
C ARG G 114 -7.99 44.40 -2.18
N PRO G 115 -9.19 44.20 -1.65
CA PRO G 115 -9.69 42.85 -1.42
C PRO G 115 -10.30 42.27 -2.70
N LYS G 116 -10.42 40.94 -2.69
CA LYS G 116 -10.98 40.25 -3.86
C LYS G 116 -12.50 40.26 -3.82
N ALA G 117 -13.09 39.98 -2.66
CA ALA G 117 -14.54 39.94 -2.51
C ALA G 117 -14.92 40.56 -1.18
N ILE G 118 -16.12 41.16 -1.13
CA ILE G 118 -16.65 41.80 0.06
C ILE G 118 -18.10 41.39 0.23
N LYS G 119 -18.42 40.76 1.36
CA LYS G 119 -19.79 40.39 1.68
C LYS G 119 -20.48 41.56 2.39
N THR G 120 -21.67 41.90 1.94
CA THR G 120 -22.46 42.98 2.53
C THR G 120 -23.79 42.42 3.05
N ASP G 121 -24.65 43.33 3.50
CA ASP G 121 -25.96 42.99 4.03
C ASP G 121 -27.05 43.48 3.09
N ASN G 122 -28.30 43.28 3.51
CA ASN G 122 -29.45 43.78 2.78
C ASN G 122 -29.59 45.27 3.02
N GLY G 123 -29.40 46.07 1.98
CA GLY G 123 -29.47 47.51 2.10
C GLY G 123 -29.51 48.23 0.78
N SER G 124 -30.14 49.40 0.76
CA SER G 124 -30.27 50.18 -0.47
C SER G 124 -28.97 50.86 -0.88
N CYS G 125 -28.05 51.10 0.06
CA CYS G 125 -26.80 51.78 -0.27
C CYS G 125 -25.83 50.84 -0.98
N PHE G 126 -25.94 49.54 -0.75
CA PHE G 126 -25.01 48.59 -1.38
C PHE G 126 -25.45 48.20 -2.79
N THR G 127 -26.70 48.45 -3.16
CA THR G 127 -27.22 48.05 -4.46
C THR G 127 -27.35 49.21 -5.44
N SER G 128 -27.04 50.44 -5.02
CA SER G 128 -27.19 51.58 -5.89
C SER G 128 -26.24 51.47 -7.09
N LYS G 129 -26.63 52.12 -8.18
CA LYS G 129 -25.87 52.05 -9.43
C LYS G 129 -24.41 52.44 -9.22
N SER G 130 -24.17 53.59 -8.57
CA SER G 130 -22.81 54.05 -8.34
C SER G 130 -22.04 53.07 -7.47
N THR G 131 -22.66 52.57 -6.39
CA THR G 131 -22.02 51.56 -5.57
C THR G 131 -21.90 50.24 -6.31
N ARG G 132 -22.84 49.95 -7.22
CA ARG G 132 -22.78 48.71 -7.99
C ARG G 132 -21.54 48.68 -8.87
N GLU G 133 -21.32 49.73 -9.65
CA GLU G 133 -20.17 49.76 -10.55
C GLU G 133 -18.90 50.25 -9.86
N TRP G 134 -18.98 50.71 -8.61
CA TRP G 134 -17.79 51.17 -7.92
C TRP G 134 -16.86 50.01 -7.58
N MSE G 135 -17.42 48.91 -7.08
CA MSE G 135 -16.63 47.74 -6.74
C MSE G 135 -16.10 47.07 -8.01
O MSE G 135 -14.97 46.56 -8.03
CB MSE G 135 -17.46 46.75 -5.93
CG MSE G 135 -18.18 47.37 -4.75
SE MSE G 135 -19.48 46.16 -3.97
CE MSE G 135 -18.28 44.70 -3.50
N ALA G 136 -16.92 47.07 -9.06
CA ALA G 136 -16.47 46.54 -10.34
C ALA G 136 -15.33 47.38 -10.91
N ARG G 137 -15.34 48.69 -10.65
CA ARG G 137 -14.24 49.54 -11.08
C ARG G 137 -12.94 49.14 -10.39
N TRP G 138 -13.02 48.79 -9.10
CA TRP G 138 -11.87 48.29 -8.37
C TRP G 138 -11.69 46.79 -8.50
N GLY G 139 -12.56 46.11 -9.25
CA GLY G 139 -12.48 44.67 -9.40
C GLY G 139 -12.70 43.92 -8.09
N ILE G 140 -13.88 44.11 -7.49
CA ILE G 140 -14.24 43.45 -6.24
C ILE G 140 -15.59 42.78 -6.42
N ALA G 141 -15.71 41.56 -5.94
CA ALA G 141 -16.94 40.79 -6.08
C ALA G 141 -17.96 41.18 -5.02
N HIS G 142 -19.24 41.09 -5.39
CA HIS G 142 -20.35 41.43 -4.50
C HIS G 142 -21.23 40.20 -4.33
N THR G 143 -21.47 39.82 -3.08
CA THR G 143 -22.23 38.62 -2.77
C THR G 143 -23.51 38.89 -1.97
N THR G 144 -23.46 39.79 -0.99
CA THR G 144 -24.59 40.12 -0.14
C THR G 144 -25.13 38.87 0.57
N GLY G 145 -24.29 38.29 1.41
CA GLY G 145 -24.65 37.10 2.15
C GLY G 145 -25.12 37.39 3.57
N ALA G 154 -24.30 36.54 10.57
CA ALA G 154 -24.40 35.77 11.81
C ALA G 154 -23.32 36.19 12.80
N MSE G 155 -22.08 36.17 12.35
CA MSE G 155 -20.96 36.55 13.20
C MSE G 155 -20.34 37.88 12.76
O MSE G 155 -19.21 38.20 13.10
CB MSE G 155 -19.89 35.46 13.20
CG MSE G 155 -20.31 34.18 13.90
SE MSE G 155 -18.93 32.81 13.86
CE MSE G 155 -19.75 31.51 15.06
N VAL G 156 -21.11 38.66 12.00
CA VAL G 156 -20.62 39.96 11.53
C VAL G 156 -20.83 41.04 12.58
N GLU G 157 -21.96 41.00 13.29
CA GLU G 157 -22.29 42.04 14.26
C GLU G 157 -21.43 42.00 15.51
N ARG G 158 -20.52 41.01 15.64
CA ARG G 158 -19.62 40.98 16.78
C ARG G 158 -18.70 42.21 16.80
N ALA G 159 -18.34 42.71 15.62
CA ALA G 159 -17.43 43.86 15.54
C ALA G 159 -18.09 45.14 16.03
N ASN G 160 -19.42 45.24 15.90
CA ASN G 160 -20.12 46.45 16.34
C ASN G 160 -20.05 46.60 17.85
N ARG G 161 -20.52 45.58 18.58
CA ARG G 161 -20.40 45.60 20.04
C ARG G 161 -18.94 45.61 20.47
N MSE G 162 -18.08 44.96 19.69
CA MSE G 162 -16.63 45.02 19.92
C MSE G 162 -16.15 46.47 19.95
O MSE G 162 -15.33 46.84 20.79
CB MSE G 162 -15.88 44.26 18.83
CG MSE G 162 -15.42 42.87 19.23
SE MSE G 162 -13.50 42.64 18.99
CE MSE G 162 -13.37 43.15 17.10
N MSE G 163 -16.67 47.28 19.05
CA MSE G 163 -16.29 48.68 18.96
C MSE G 163 -16.92 49.50 20.08
O MSE G 163 -16.26 50.34 20.69
CB MSE G 163 -16.68 49.25 17.60
CG MSE G 163 -16.07 50.62 17.30
SE MSE G 163 -14.13 50.56 17.20
CE MSE G 163 -13.94 49.21 15.80
N LYS G 164 -18.20 49.26 20.33
CA LYS G 164 -18.93 50.06 21.31
C LYS G 164 -18.41 49.84 22.72
N ASP G 165 -18.07 48.61 23.08
CA ASP G 165 -17.57 48.35 24.43
C ASP G 165 -16.22 49.02 24.65
N LYS G 166 -15.33 48.97 23.66
CA LYS G 166 -14.04 49.63 23.79
C LYS G 166 -14.20 51.14 23.80
N ILE G 167 -15.16 51.67 23.03
CA ILE G 167 -15.42 53.11 23.04
C ILE G 167 -15.91 53.56 24.40
N ARG G 168 -16.80 52.76 25.02
CA ARG G 168 -17.21 53.07 26.39
C ARG G 168 -16.04 52.95 27.36
N VAL G 169 -15.14 52.00 27.11
CA VAL G 169 -14.02 51.77 28.03
C VAL G 169 -13.07 52.96 28.01
N LEU G 170 -12.70 53.45 26.82
CA LEU G 170 -11.77 54.56 26.75
C LEU G 170 -12.44 55.89 27.04
N ALA G 171 -13.70 56.06 26.64
CA ALA G 171 -14.44 57.28 26.96
C ALA G 171 -14.60 57.44 28.46
N GLU G 172 -15.01 56.37 29.15
CA GLU G 172 -15.05 56.40 30.60
C GLU G 172 -13.65 56.35 31.23
N GLY G 173 -12.63 56.04 30.43
CA GLY G 173 -11.27 56.08 30.92
C GLY G 173 -10.72 57.50 31.01
N ASP G 174 -10.98 58.31 29.98
CA ASP G 174 -10.55 59.70 29.96
C ASP G 174 -11.54 60.64 30.63
N GLY G 175 -12.69 60.13 31.09
CA GLY G 175 -13.67 60.95 31.78
C GLY G 175 -14.85 61.40 30.94
N PHE G 176 -14.97 60.93 29.70
CA PHE G 176 -16.07 61.31 28.82
C PHE G 176 -17.26 60.42 29.10
N MSE G 177 -18.29 60.99 29.73
CA MSE G 177 -19.51 60.24 30.04
C MSE G 177 -20.64 60.67 29.12
O MSE G 177 -21.37 59.84 28.59
CB MSE G 177 -19.92 60.47 31.50
CG MSE G 177 -18.88 60.04 32.52
SE MSE G 177 -18.65 58.11 32.57
CE MSE G 177 -20.45 57.60 33.10
N LYS G 178 -20.78 61.98 28.92
CA LYS G 178 -21.86 62.54 28.13
C LYS G 178 -21.51 62.46 26.65
N ARG G 179 -22.28 63.15 25.82
CA ARG G 179 -22.02 63.19 24.39
C ARG G 179 -20.63 63.76 24.11
N ILE G 180 -19.93 63.15 23.17
CA ILE G 180 -18.53 63.51 22.90
C ILE G 180 -18.50 64.60 21.83
N PRO G 181 -17.72 65.66 22.01
CA PRO G 181 -17.69 66.74 21.02
C PRO G 181 -17.17 66.26 19.67
N THR G 182 -17.47 67.05 18.63
CA THR G 182 -17.06 66.70 17.28
C THR G 182 -15.53 66.67 17.15
N SER G 183 -14.84 67.58 17.84
CA SER G 183 -13.39 67.68 17.75
C SER G 183 -12.66 66.63 18.59
N LYS G 184 -13.38 65.67 19.18
CA LYS G 184 -12.77 64.65 20.02
C LYS G 184 -13.09 63.24 19.55
N GLN G 185 -13.92 63.09 18.52
CA GLN G 185 -14.39 61.77 18.12
C GLN G 185 -13.28 60.97 17.43
N GLY G 186 -12.58 61.59 16.48
CA GLY G 186 -11.59 60.87 15.70
C GLY G 186 -10.48 60.28 16.54
N GLU G 187 -9.96 61.06 17.49
CA GLU G 187 -8.89 60.58 18.36
C GLU G 187 -9.32 59.33 19.12
N MSE G 188 -10.58 59.27 19.54
CA MSE G 188 -11.09 58.12 20.28
C MSE G 188 -11.34 56.94 19.34
O MSE G 188 -11.23 55.79 19.75
CB MSE G 188 -12.37 58.49 21.01
CG MSE G 188 -12.21 59.66 21.98
SE MSE G 188 -10.89 59.31 23.38
CE MSE G 188 -11.86 57.94 24.36
N MSE G 189 -11.68 57.23 18.08
CA MSE G 189 -11.81 56.18 17.09
C MSE G 189 -10.47 55.48 16.87
O MSE G 189 -10.38 54.26 16.91
CB MSE G 189 -12.32 56.74 15.76
CG MSE G 189 -13.76 57.23 15.78
SE MSE G 189 -14.72 56.75 14.16
CE MSE G 189 -13.34 57.18 12.85
N ALA G 190 -9.43 56.29 16.65
CA ALA G 190 -8.09 55.74 16.47
C ALA G 190 -7.63 55.03 17.72
N LYS G 191 -7.94 55.58 18.90
CA LYS G 191 -7.61 54.90 20.15
C LYS G 191 -8.32 53.55 20.25
N ALA G 192 -9.52 53.44 19.68
CA ALA G 192 -10.24 52.16 19.72
C ALA G 192 -9.64 51.16 18.76
N MSE G 193 -9.43 51.56 17.51
CA MSE G 193 -8.86 50.66 16.51
C MSE G 193 -7.47 50.19 16.92
O MSE G 193 -7.11 49.04 16.69
CB MSE G 193 -8.79 51.34 15.14
CG MSE G 193 -10.13 51.44 14.44
SE MSE G 193 -9.95 52.01 12.58
CE MSE G 193 -9.13 53.75 12.88
N TYR G 194 -6.68 51.08 17.51
CA TYR G 194 -5.40 50.66 18.07
C TYR G 194 -5.61 49.75 19.28
N ALA G 195 -6.62 50.04 20.10
CA ALA G 195 -6.92 49.21 21.26
C ALA G 195 -7.52 47.85 20.90
N LEU G 196 -7.79 47.60 19.62
CA LEU G 196 -8.31 46.31 19.19
C LEU G 196 -7.37 45.55 18.26
N ASN G 197 -6.67 46.24 17.37
CA ASN G 197 -5.85 45.58 16.36
C ASN G 197 -4.53 45.09 16.94
N HIS G 198 -3.87 45.91 17.75
CA HIS G 198 -2.52 45.64 18.20
C HIS G 198 -2.44 44.79 19.46
N PHE G 199 -3.55 44.64 20.19
CA PHE G 199 -3.51 43.97 21.49
C PHE G 199 -3.87 42.49 21.40
N GLU G 200 -5.09 42.16 20.95
CA GLU G 200 -5.59 40.79 20.98
C GLU G 200 -6.96 40.70 20.32
N ARG G 201 -7.47 39.46 20.21
CA ARG G 201 -8.87 39.22 19.88
C ARG G 201 -9.59 38.47 20.99
N GLY G 202 -9.00 38.43 22.18
CA GLY G 202 -9.63 37.85 23.35
C GLY G 202 -9.13 36.48 23.74
N GLU G 203 -8.86 35.61 22.76
CA GLU G 203 -8.45 34.24 23.04
C GLU G 203 -7.26 33.75 22.22
N ASN G 204 -6.84 34.49 21.20
CA ASN G 204 -5.92 33.94 20.22
C ASN G 204 -4.47 33.99 20.71
N THR G 205 -3.57 33.44 19.90
CA THR G 205 -2.15 33.37 20.23
C THR G 205 -1.28 34.31 19.42
N LYS G 206 -1.82 34.93 18.37
CA LYS G 206 -1.05 35.83 17.51
C LYS G 206 -1.89 37.04 17.19
N THR G 207 -1.25 38.21 17.16
CA THR G 207 -1.96 39.46 16.92
C THR G 207 -2.52 39.48 15.49
N PRO G 208 -3.65 40.16 15.29
CA PRO G 208 -4.24 40.22 13.94
C PRO G 208 -3.33 40.86 12.90
N ILE G 209 -2.34 41.66 13.31
CA ILE G 209 -1.43 42.28 12.35
C ILE G 209 -0.58 41.21 11.67
N GLN G 210 0.09 40.38 12.46
CA GLN G 210 0.90 39.31 11.89
C GLN G 210 0.05 38.33 11.10
N LYS G 211 -1.22 38.17 11.47
CA LYS G 211 -2.14 37.36 10.67
C LYS G 211 -2.45 38.02 9.33
N HIS G 212 -2.29 39.34 9.22
CA HIS G 212 -2.60 40.08 8.01
C HIS G 212 -1.37 40.62 7.31
N TRP G 213 -0.49 41.30 8.03
CA TRP G 213 0.63 41.99 7.39
C TRP G 213 1.89 41.15 7.29
N ARG G 214 2.04 40.11 8.10
CA ARG G 214 3.28 39.34 7.97
C ARG G 214 3.05 37.85 7.72
N PRO G 215 2.06 37.45 6.90
CA PRO G 215 2.29 36.29 6.02
C PRO G 215 2.72 36.78 4.64
N THR G 216 2.46 38.06 4.39
CA THR G 216 2.64 38.68 3.08
C THR G 216 4.05 39.16 2.83
N VAL G 217 4.78 39.50 3.90
CA VAL G 217 6.12 40.06 3.73
C VAL G 217 7.12 39.01 3.29
N LEU G 218 6.78 37.73 3.42
CA LEU G 218 7.62 36.65 2.88
C LEU G 218 7.60 36.73 1.36
N THR G 219 8.72 37.15 0.78
CA THR G 219 8.78 37.37 -0.67
C THR G 219 8.44 36.10 -1.43
N GLU G 220 9.19 35.02 -1.20
CA GLU G 220 8.89 33.75 -1.84
C GLU G 220 9.53 32.63 -1.03
N GLY G 221 8.77 31.57 -0.78
CA GLY G 221 9.28 30.42 -0.07
C GLY G 221 10.14 29.55 -0.95
N PRO G 222 10.72 28.52 -0.35
CA PRO G 222 11.52 27.57 -1.12
C PRO G 222 10.63 26.63 -1.93
N PRO G 223 11.15 26.06 -3.00
CA PRO G 223 10.32 25.22 -3.88
C PRO G 223 10.09 23.86 -3.24
N VAL G 224 8.87 23.34 -3.38
CA VAL G 224 8.55 22.02 -2.85
C VAL G 224 7.75 21.24 -3.89
N LYS G 225 7.68 19.92 -3.67
CA LYS G 225 6.76 19.05 -4.36
C LYS G 225 5.70 18.55 -3.38
N ILE G 226 4.49 18.30 -3.90
CA ILE G 226 3.40 17.75 -3.10
C ILE G 226 2.92 16.46 -3.75
N ARG G 227 2.57 15.48 -2.92
CA ARG G 227 2.05 14.21 -3.40
C ARG G 227 0.54 14.32 -3.63
N ILE G 228 0.12 14.12 -4.87
CA ILE G 228 -1.25 14.36 -5.29
C ILE G 228 -1.98 13.02 -5.25
N GLU G 229 -3.33 13.08 -5.35
CA GLU G 229 -4.19 11.92 -5.11
C GLU G 229 -3.69 10.67 -5.85
N THR G 230 -3.23 10.83 -7.08
CA THR G 230 -2.70 9.71 -7.85
C THR G 230 -1.34 9.22 -7.38
N GLY G 231 -0.78 9.80 -6.32
CA GLY G 231 0.54 9.42 -5.86
C GLY G 231 1.70 10.14 -6.51
N GLU G 232 1.45 10.99 -7.49
CA GLU G 232 2.51 11.65 -8.21
C GLU G 232 3.06 12.82 -7.38
N TRP G 233 4.27 13.23 -7.70
CA TRP G 233 4.87 14.42 -7.10
C TRP G 233 4.84 15.56 -8.12
N GLU G 234 4.24 16.68 -7.74
CA GLU G 234 3.99 17.78 -8.64
C GLU G 234 4.89 18.96 -8.28
N LYS G 235 5.61 19.48 -9.27
CA LYS G 235 6.41 20.67 -9.04
C LYS G 235 5.52 21.90 -9.17
N GLY G 236 6.06 23.07 -8.84
CA GLY G 236 5.33 24.29 -9.00
C GLY G 236 4.75 24.90 -7.74
N TRP G 237 5.19 24.47 -6.56
CA TRP G 237 4.68 25.01 -5.31
C TRP G 237 5.80 25.64 -4.51
N ASN G 238 5.43 26.61 -3.68
CA ASN G 238 6.31 27.27 -2.72
C ASN G 238 5.66 27.26 -1.36
N VAL G 239 6.47 27.10 -0.31
CA VAL G 239 5.97 26.99 1.06
C VAL G 239 6.03 28.36 1.73
N LEU G 240 4.92 28.74 2.38
CA LEU G 240 4.74 30.02 3.02
C LEU G 240 4.79 29.96 4.54
N VAL G 241 4.45 28.80 5.12
CA VAL G 241 4.50 28.56 6.55
C VAL G 241 4.99 27.13 6.70
N TRP G 242 5.97 26.93 7.57
CA TRP G 242 6.49 25.60 7.86
C TRP G 242 6.62 25.32 9.36
N GLY G 243 5.62 24.62 9.89
CA GLY G 243 5.56 24.25 11.28
C GLY G 243 6.08 22.82 11.47
N ARG G 244 5.89 22.32 12.69
CA ARG G 244 6.39 20.98 12.99
C ARG G 244 5.61 19.90 12.24
N GLY G 245 4.29 19.96 12.32
CA GLY G 245 3.45 19.00 11.63
C GLY G 245 3.13 19.28 10.18
N TYR G 246 2.86 20.53 9.84
CA TYR G 246 2.32 20.88 8.53
C TYR G 246 3.03 22.09 7.94
N ALA G 247 2.86 22.22 6.63
CA ALA G 247 3.37 23.34 5.86
C ALA G 247 2.24 23.90 5.00
N ALA G 248 2.23 25.22 4.84
CA ALA G 248 1.34 25.91 3.93
C ALA G 248 2.11 26.15 2.64
N VAL G 249 1.59 25.62 1.52
CA VAL G 249 2.28 25.77 0.24
C VAL G 249 1.36 26.44 -0.77
N LYS G 250 1.97 27.25 -1.62
CA LYS G 250 1.28 28.07 -2.61
C LYS G 250 1.68 27.63 -4.01
N ASN G 251 0.70 27.42 -4.88
CA ASN G 251 0.98 27.09 -6.27
C ASN G 251 1.41 28.34 -7.03
N ARG G 252 2.53 28.23 -7.75
CA ARG G 252 3.09 29.42 -8.38
C ARG G 252 2.21 29.94 -9.50
N ASP G 253 1.51 29.04 -10.19
CA ASP G 253 0.68 29.43 -11.33
C ASP G 253 -0.68 30.00 -10.93
N THR G 254 -1.18 29.67 -9.73
CA THR G 254 -2.53 30.08 -9.34
C THR G 254 -2.61 30.84 -8.03
N ASP G 255 -1.60 30.76 -7.16
CA ASP G 255 -1.59 31.33 -5.81
C ASP G 255 -2.53 30.62 -4.85
N LYS G 256 -3.07 29.46 -5.21
CA LYS G 256 -3.82 28.65 -4.27
C LYS G 256 -2.93 28.14 -3.16
N VAL G 257 -3.41 28.23 -1.91
CA VAL G 257 -2.68 27.80 -0.74
C VAL G 257 -3.41 26.62 -0.12
N ILE G 258 -2.66 25.54 0.14
CA ILE G 258 -3.21 24.35 0.78
C ILE G 258 -2.27 23.93 1.92
N TRP G 259 -2.84 23.22 2.90
CA TRP G 259 -2.07 22.66 4.00
C TRP G 259 -1.92 21.17 3.78
N VAL G 260 -0.70 20.65 3.94
CA VAL G 260 -0.45 19.25 3.65
C VAL G 260 0.46 18.67 4.72
N PRO G 261 0.45 17.34 4.88
CA PRO G 261 1.34 16.71 5.88
C PRO G 261 2.80 16.81 5.49
N SER G 262 3.65 16.95 6.50
CA SER G 262 5.09 17.09 6.24
C SER G 262 5.60 15.94 5.38
N ARG G 263 5.14 14.72 5.68
CA ARG G 263 5.61 13.51 4.99
C ARG G 263 5.30 13.52 3.50
N LYS G 264 4.33 14.33 3.07
CA LYS G 264 3.90 14.44 1.69
C LYS G 264 4.61 15.54 0.92
N VAL G 265 5.69 16.10 1.47
CA VAL G 265 6.45 17.17 0.84
C VAL G 265 7.92 16.77 0.77
N LYS G 266 8.55 17.08 -0.36
CA LYS G 266 9.99 16.91 -0.53
C LYS G 266 10.53 18.05 -1.39
N PRO G 267 11.82 18.37 -1.23
CA PRO G 267 12.41 19.48 -2.02
C PRO G 267 12.34 19.30 -3.53
N ASP G 268 12.06 20.42 -4.19
CA ASP G 268 12.04 20.61 -5.63
C ASP G 268 13.41 21.10 -6.10
N ILE G 269 14.12 20.26 -6.84
CA ILE G 269 15.47 20.56 -7.31
C ILE G 269 16.41 20.61 -6.13
N PRO H 1 1.17 43.34 -22.48
CA PRO H 1 0.70 44.07 -21.30
C PRO H 1 1.14 45.54 -21.23
N LEU H 2 1.57 46.08 -22.38
CA LEU H 2 2.02 47.47 -22.44
C LEU H 2 0.87 48.44 -22.22
N ARG H 3 -0.28 48.16 -22.84
CA ARG H 3 -1.44 49.03 -22.70
C ARG H 3 -2.05 48.93 -21.31
N GLU H 4 -2.14 47.72 -20.75
CA GLU H 4 -2.66 47.58 -19.40
C GLU H 4 -1.84 48.40 -18.41
N ALA H 5 -0.51 48.33 -18.54
CA ALA H 5 0.37 49.08 -17.64
C ALA H 5 0.19 50.57 -17.86
N LYS H 6 0.05 51.00 -19.12
CA LYS H 6 -0.15 52.42 -19.40
C LYS H 6 -1.43 52.91 -18.74
N ASP H 7 -2.49 52.11 -18.82
CA ASP H 7 -3.76 52.49 -18.21
C ASP H 7 -3.61 52.58 -16.70
N LEU H 8 -2.92 51.60 -16.11
CA LEU H 8 -2.69 51.60 -14.66
C LEU H 8 -2.00 52.89 -14.24
N HIS H 9 -0.96 53.31 -14.97
CA HIS H 9 -0.29 54.53 -14.57
C HIS H 9 -1.19 55.74 -14.82
N THR H 10 -1.98 55.71 -15.90
CA THR H 10 -2.88 56.83 -16.16
C THR H 10 -3.78 57.09 -14.96
N ALA H 11 -4.40 56.03 -14.42
CA ALA H 11 -5.29 56.23 -13.28
C ALA H 11 -4.56 56.43 -11.96
N LEU H 12 -3.66 55.52 -11.57
CA LEU H 12 -2.99 55.63 -10.28
C LEU H 12 -1.58 56.23 -10.31
N HIS H 13 -0.96 56.37 -11.49
CA HIS H 13 0.40 56.91 -11.60
C HIS H 13 1.37 56.10 -10.74
N ILE H 14 1.26 54.79 -10.89
CA ILE H 14 2.08 53.82 -10.18
C ILE H 14 3.52 53.92 -10.67
N GLY H 15 4.49 53.78 -9.74
CA GLY H 15 5.88 53.87 -10.09
C GLY H 15 6.29 52.76 -11.04
N PRO H 16 7.49 52.87 -11.65
CA PRO H 16 7.90 51.86 -12.62
C PRO H 16 8.13 50.46 -12.08
N ARG H 17 8.69 50.31 -10.87
CA ARG H 17 8.91 48.97 -10.33
C ARG H 17 7.61 48.19 -10.17
N ALA H 18 6.59 48.86 -9.63
CA ALA H 18 5.29 48.23 -9.42
C ALA H 18 4.62 47.85 -10.73
N LEU H 19 4.68 48.73 -11.74
CA LEU H 19 4.04 48.40 -13.02
C LEU H 19 4.81 47.30 -13.72
N SER H 20 6.15 47.31 -13.57
CA SER H 20 6.97 46.28 -14.18
C SER H 20 6.62 44.91 -13.60
N LYS H 21 6.43 44.85 -12.29
CA LYS H 21 6.10 43.58 -11.65
C LYS H 21 4.65 43.17 -11.95
N ALA H 22 3.71 44.10 -11.81
CA ALA H 22 2.29 43.81 -12.04
C ALA H 22 2.01 43.37 -13.48
N SER H 23 2.57 44.05 -14.47
CA SER H 23 2.28 43.70 -15.86
C SER H 23 3.41 42.97 -16.57
N ASN H 24 4.43 42.51 -15.84
CA ASN H 24 5.55 41.75 -16.39
C ASN H 24 6.25 42.48 -17.55
N ILE H 25 6.63 43.73 -17.30
CA ILE H 25 7.32 44.56 -18.28
C ILE H 25 8.75 44.80 -17.79
N SER H 26 9.70 44.83 -18.73
CA SER H 26 11.08 45.08 -18.36
C SER H 26 11.25 46.51 -17.84
N MSE H 27 12.29 46.69 -17.05
CA MSE H 27 12.52 47.96 -16.34
C MSE H 27 12.66 49.16 -17.28
O MSE H 27 12.09 50.21 -17.01
CB MSE H 27 13.77 47.85 -15.46
CG MSE H 27 13.54 47.10 -14.16
SE MSE H 27 12.36 48.04 -12.92
CE MSE H 27 13.48 49.59 -12.56
N GLN H 28 13.40 48.99 -18.38
CA GLN H 28 13.67 50.11 -19.28
C GLN H 28 12.38 50.70 -19.83
N GLN H 29 11.42 49.83 -20.18
CA GLN H 29 10.15 50.30 -20.73
C GLN H 29 9.35 51.04 -19.67
N ALA H 30 9.15 50.41 -18.51
CA ALA H 30 8.41 51.04 -17.42
C ALA H 30 9.01 52.41 -17.11
N ARG H 31 10.35 52.49 -17.08
CA ARG H 31 10.99 53.76 -16.76
C ARG H 31 10.69 54.77 -17.86
N GLU H 32 10.61 54.30 -19.11
CA GLU H 32 10.28 55.22 -20.20
C GLU H 32 8.87 55.75 -20.02
N VAL H 33 7.98 54.90 -19.48
CA VAL H 33 6.60 55.30 -19.25
C VAL H 33 6.54 56.37 -18.17
N VAL H 34 7.31 56.19 -17.10
CA VAL H 34 7.32 57.20 -16.04
C VAL H 34 7.89 58.51 -16.59
N GLN H 35 8.89 58.41 -17.47
CA GLN H 35 9.48 59.60 -18.08
C GLN H 35 8.44 60.36 -18.90
N THR H 36 7.70 59.65 -19.75
CA THR H 36 6.67 60.25 -20.60
C THR H 36 5.52 60.89 -19.83
N CYS H 37 5.44 60.70 -18.52
CA CYS H 37 4.33 61.30 -17.77
C CYS H 37 4.73 62.69 -17.30
N PRO H 38 3.84 63.69 -17.44
CA PRO H 38 4.23 65.05 -17.01
C PRO H 38 4.26 65.27 -15.50
N HIS H 39 3.30 64.73 -14.73
CA HIS H 39 3.31 64.96 -13.30
C HIS H 39 4.31 64.07 -12.58
N CYS H 40 4.77 63.00 -13.21
CA CYS H 40 5.85 62.19 -12.68
C CYS H 40 7.22 62.81 -12.90
N ASN H 41 7.26 64.03 -13.45
CA ASN H 41 8.50 64.78 -13.63
C ASN H 41 8.55 66.03 -12.76
N SER H 42 7.57 66.23 -11.89
CA SER H 42 7.63 67.33 -10.93
C SER H 42 8.80 67.18 -9.93
N ALA H 43 9.07 65.97 -9.40
CA ALA H 43 8.13 64.87 -9.29
C ALA H 43 7.23 65.03 -8.05
N PRO H 44 7.80 65.22 -6.85
CA PRO H 44 9.18 65.13 -6.37
C PRO H 44 9.51 63.71 -5.92
N ALA H 45 10.74 63.48 -5.44
CA ALA H 45 11.16 62.16 -4.97
C ALA H 45 11.51 62.25 -3.49
N LEU H 46 10.87 61.39 -2.68
CA LEU H 46 11.10 61.40 -1.25
C LEU H 46 12.28 60.54 -0.83
N GLU H 47 12.54 59.46 -1.56
CA GLU H 47 13.63 58.56 -1.21
C GLU H 47 14.95 59.11 -1.77
N ALA H 48 15.90 59.38 -0.87
CA ALA H 48 17.19 59.92 -1.27
C ALA H 48 18.28 59.50 -0.30
N PRO H 52 19.29 56.53 3.73
CA PRO H 52 19.28 55.11 4.06
C PRO H 52 20.24 54.78 5.21
N ARG H 53 19.78 54.97 6.44
CA ARG H 53 20.59 54.69 7.62
C ARG H 53 20.45 53.21 7.98
N GLY H 54 20.96 52.83 9.15
CA GLY H 54 20.94 51.44 9.57
C GLY H 54 19.96 51.14 10.69
N LEU H 55 18.95 51.98 10.87
CA LEU H 55 17.94 51.77 11.89
C LEU H 55 16.68 51.20 11.27
N GLY H 56 15.96 50.40 12.08
CA GLY H 56 14.73 49.79 11.63
C GLY H 56 13.55 50.73 11.76
N PRO H 57 12.38 50.24 11.38
CA PRO H 57 11.17 51.07 11.46
C PRO H 57 10.80 51.38 12.90
N LEU H 58 9.96 52.41 13.05
CA LEU H 58 9.48 52.87 14.35
C LEU H 58 10.61 53.29 15.28
N GLN H 59 11.64 53.90 14.70
CA GLN H 59 12.74 54.46 15.47
C GLN H 59 12.67 55.98 15.57
N ILE H 60 12.57 56.66 14.43
CA ILE H 60 12.48 58.12 14.38
C ILE H 60 11.47 58.51 13.31
N TRP H 61 10.50 59.33 13.67
CA TRP H 61 9.48 59.83 12.76
C TRP H 61 9.76 61.30 12.43
N GLN H 62 8.95 61.84 11.52
CA GLN H 62 8.96 63.25 11.18
C GLN H 62 7.52 63.69 10.95
N THR H 63 7.18 64.89 11.44
CA THR H 63 5.82 65.39 11.36
C THR H 63 5.85 66.88 11.07
N ASP H 64 4.99 67.30 10.14
CA ASP H 64 4.87 68.70 9.77
C ASP H 64 3.45 68.94 9.25
N PHE H 65 3.15 70.19 8.94
CA PHE H 65 1.88 70.57 8.35
C PHE H 65 2.11 71.27 7.02
N THR H 66 1.22 71.04 6.06
CA THR H 66 1.28 71.70 4.77
C THR H 66 -0.10 72.19 4.37
N LEU H 67 -0.12 73.16 3.47
CA LEU H 67 -1.35 73.80 3.02
C LEU H 67 -1.81 73.18 1.70
N GLU H 68 -3.11 72.94 1.59
CA GLU H 68 -3.71 72.42 0.37
C GLU H 68 -5.07 73.08 0.17
N PRO H 69 -5.12 74.18 -0.58
CA PRO H 69 -6.40 74.89 -0.75
C PRO H 69 -7.44 74.11 -1.53
N ARG H 70 -7.04 73.10 -2.30
CA ARG H 70 -8.02 72.28 -2.99
C ARG H 70 -8.86 71.46 -2.01
N MSE H 71 -8.28 71.07 -0.88
CA MSE H 71 -8.96 70.26 0.12
C MSE H 71 -9.84 71.08 1.06
O MSE H 71 -10.25 70.58 2.11
CB MSE H 71 -7.95 69.45 0.93
CG MSE H 71 -7.38 68.23 0.22
SE MSE H 71 -8.77 66.99 -0.34
CE MSE H 71 -7.72 65.35 -0.34
N ALA H 72 -10.09 72.33 0.70
CA ALA H 72 -10.95 73.21 1.49
C ALA H 72 -12.32 72.57 1.71
N PRO H 73 -12.92 72.79 2.89
CA PRO H 73 -12.47 73.66 3.99
C PRO H 73 -11.34 73.08 4.84
N ARG H 74 -11.31 71.76 5.02
CA ARG H 74 -10.26 71.11 5.80
C ARG H 74 -9.00 71.07 4.95
N SER H 75 -8.33 72.24 4.89
CA SER H 75 -7.20 72.44 4.00
C SER H 75 -5.85 72.16 4.64
N TRP H 76 -5.78 72.01 5.96
CA TRP H 76 -4.52 71.76 6.66
C TRP H 76 -4.26 70.26 6.69
N LEU H 77 -3.22 69.83 5.98
CA LEU H 77 -2.84 68.42 5.90
C LEU H 77 -1.67 68.19 6.85
N ALA H 78 -1.90 67.37 7.88
CA ALA H 78 -0.85 66.98 8.82
C ALA H 78 -0.20 65.70 8.30
N VAL H 79 1.08 65.77 7.96
CA VAL H 79 1.80 64.67 7.33
C VAL H 79 2.82 64.11 8.32
N THR H 80 2.90 62.79 8.38
CA THR H 80 3.90 62.09 9.19
C THR H 80 4.50 60.96 8.37
N VAL H 81 5.83 60.91 8.31
CA VAL H 81 6.54 59.90 7.54
C VAL H 81 7.58 59.24 8.43
N ASP H 82 7.88 57.97 8.14
CA ASP H 82 8.89 57.23 8.87
C ASP H 82 10.24 57.39 8.18
N THR H 83 11.28 57.61 8.98
CA THR H 83 12.63 57.80 8.46
C THR H 83 13.31 56.49 8.09
N ALA H 84 12.65 55.36 8.28
CA ALA H 84 13.21 54.06 7.94
C ALA H 84 12.41 53.34 6.87
N SER H 85 11.11 53.19 7.05
CA SER H 85 10.27 52.46 6.11
C SER H 85 9.66 53.36 5.05
N SER H 86 9.71 54.68 5.23
CA SER H 86 9.15 55.65 4.29
C SER H 86 7.67 55.38 4.01
N ALA H 87 6.87 55.52 5.07
CA ALA H 87 5.43 55.38 4.99
C ALA H 87 4.78 56.70 5.39
N ILE H 88 3.87 57.19 4.56
CA ILE H 88 3.27 58.52 4.72
C ILE H 88 1.85 58.35 5.22
N VAL H 89 1.51 59.06 6.30
CA VAL H 89 0.17 59.12 6.84
C VAL H 89 -0.23 60.58 6.97
N VAL H 90 -1.46 60.90 6.59
CA VAL H 90 -1.92 62.29 6.54
C VAL H 90 -3.41 62.35 6.81
N THR H 91 -3.83 63.42 7.48
CA THR H 91 -5.23 63.71 7.72
C THR H 91 -5.47 65.20 7.56
N GLN H 92 -6.70 65.56 7.22
CA GLN H 92 -7.07 66.94 6.93
C GLN H 92 -7.71 67.61 8.14
N HIS H 93 -7.47 68.91 8.26
CA HIS H 93 -8.01 69.71 9.35
C HIS H 93 -8.31 71.12 8.84
N GLY H 94 -9.17 71.82 9.58
CA GLY H 94 -9.52 73.18 9.24
C GLY H 94 -8.53 74.19 9.75
N ARG H 95 -7.97 73.94 10.94
CA ARG H 95 -6.97 74.82 11.53
C ARG H 95 -5.93 73.97 12.25
N VAL H 96 -4.68 74.43 12.21
CA VAL H 96 -3.59 73.74 12.91
C VAL H 96 -3.73 74.01 14.40
N THR H 97 -4.21 73.01 15.15
CA THR H 97 -4.42 73.14 16.57
C THR H 97 -3.53 72.16 17.32
N SER H 98 -3.57 72.24 18.65
CA SER H 98 -2.83 71.29 19.48
C SER H 98 -3.54 69.94 19.61
N VAL H 99 -4.86 69.92 19.41
CA VAL H 99 -5.60 68.67 19.45
C VAL H 99 -5.58 67.95 18.10
N ALA H 100 -5.49 68.70 17.00
CA ALA H 100 -5.38 68.08 15.69
C ALA H 100 -4.12 67.25 15.55
N VAL H 101 -3.06 67.59 16.29
CA VAL H 101 -1.86 66.78 16.28
C VAL H 101 -2.06 65.51 17.09
N GLN H 102 -2.86 65.56 18.16
CA GLN H 102 -3.23 64.35 18.88
C GLN H 102 -4.11 63.44 18.04
N HIS H 103 -4.97 64.03 17.21
CA HIS H 103 -5.81 63.25 16.30
C HIS H 103 -4.97 62.63 15.20
N HIS H 104 -4.09 63.41 14.58
CA HIS H 104 -3.24 62.90 13.50
C HIS H 104 -2.30 61.81 14.02
N TRP H 105 -1.57 62.10 15.11
CA TRP H 105 -0.67 61.10 15.67
C TRP H 105 -1.44 59.88 16.16
N ALA H 106 -2.62 60.09 16.75
CA ALA H 106 -3.46 58.96 17.15
C ALA H 106 -3.81 58.09 15.95
N THR H 107 -4.04 58.71 14.79
CA THR H 107 -4.28 57.92 13.58
C THR H 107 -3.01 57.18 13.15
N ALA H 108 -1.86 57.85 13.21
CA ALA H 108 -0.61 57.22 12.80
C ALA H 108 -0.21 56.08 13.72
N ILE H 109 -0.72 56.06 14.96
CA ILE H 109 -0.42 54.96 15.87
C ILE H 109 -1.21 53.72 15.49
N ALA H 110 -2.47 53.90 15.08
CA ALA H 110 -3.33 52.77 14.77
C ALA H 110 -2.94 52.06 13.47
N VAL H 111 -2.11 52.66 12.64
CA VAL H 111 -1.75 52.08 11.35
C VAL H 111 -0.31 51.62 11.28
N MSE H 112 0.61 52.25 12.01
CA MSE H 112 2.01 51.89 11.95
C MSE H 112 2.59 51.50 13.31
O MSE H 112 3.78 51.19 13.41
CB MSE H 112 2.82 53.05 11.36
CG MSE H 112 2.60 53.29 9.87
SE MSE H 112 3.66 54.80 9.24
CE MSE H 112 5.37 54.30 10.01
N GLY H 113 1.76 51.52 14.34
CA GLY H 113 2.23 51.24 15.68
C GLY H 113 2.86 52.45 16.33
N ARG H 114 3.48 52.20 17.47
CA ARG H 114 4.08 53.26 18.28
C ARG H 114 5.57 53.37 18.00
N PRO H 115 6.06 54.55 17.64
CA PRO H 115 7.51 54.71 17.41
C PRO H 115 8.28 55.01 18.69
N LYS H 116 9.60 55.12 18.58
CA LYS H 116 10.40 55.49 19.74
C LYS H 116 10.42 57.01 19.94
N ALA H 117 10.47 57.76 18.85
CA ALA H 117 10.54 59.21 18.94
C ALA H 117 9.89 59.83 17.70
N ILE H 118 9.50 61.10 17.82
CA ILE H 118 8.92 61.86 16.73
C ILE H 118 9.58 63.23 16.72
N LYS H 119 10.27 63.55 15.62
CA LYS H 119 10.97 64.82 15.48
C LYS H 119 10.09 65.82 14.77
N THR H 120 9.72 66.89 15.46
CA THR H 120 8.93 67.98 14.89
C THR H 120 9.71 69.28 14.98
N ASP H 121 9.12 70.35 14.44
CA ASP H 121 9.74 71.66 14.43
C ASP H 121 9.29 72.44 15.67
N ASN H 122 9.55 73.75 15.66
CA ASN H 122 9.18 74.63 16.76
C ASN H 122 7.77 75.20 16.60
N GLY H 123 6.90 74.49 15.88
CA GLY H 123 5.55 74.99 15.67
C GLY H 123 4.80 75.18 16.97
N SER H 124 3.78 76.04 16.90
CA SER H 124 3.04 76.42 18.10
C SER H 124 2.32 75.24 18.74
N CYS H 125 1.84 74.30 17.92
CA CYS H 125 1.07 73.18 18.45
C CYS H 125 1.95 72.04 18.96
N PHE H 126 3.26 72.09 18.73
CA PHE H 126 4.15 71.02 19.16
C PHE H 126 4.72 71.24 20.55
N THR H 127 4.72 72.47 21.05
CA THR H 127 5.26 72.78 22.38
C THR H 127 4.16 73.19 23.36
N SER H 128 2.91 72.86 23.05
CA SER H 128 1.79 73.26 23.89
C SER H 128 1.68 72.33 25.11
N LYS H 129 0.73 72.64 25.99
CA LYS H 129 0.53 71.83 27.18
C LYS H 129 -0.31 70.59 26.90
N SER H 130 -1.32 70.72 26.02
CA SER H 130 -2.15 69.57 25.69
C SER H 130 -1.33 68.51 24.94
N THR H 131 -0.56 68.94 23.94
CA THR H 131 0.34 68.02 23.24
C THR H 131 1.34 67.39 24.20
N ARG H 132 1.78 68.15 25.21
CA ARG H 132 2.67 67.59 26.21
C ARG H 132 1.98 66.51 27.04
N GLU H 133 0.71 66.73 27.38
CA GLU H 133 -0.03 65.74 28.16
C GLU H 133 -0.26 64.47 27.35
N TRP H 134 -0.67 64.61 26.08
CA TRP H 134 -0.94 63.44 25.25
C TRP H 134 0.34 62.68 24.96
N MSE H 135 1.39 63.38 24.54
CA MSE H 135 2.69 62.79 24.26
C MSE H 135 3.25 62.09 25.49
O MSE H 135 3.85 61.03 25.41
CB MSE H 135 3.67 63.85 23.76
CG MSE H 135 5.01 63.29 23.32
SE MSE H 135 5.24 63.39 21.38
CE MSE H 135 5.19 65.33 21.19
N ALA H 136 3.04 62.72 26.66
CA ALA H 136 3.48 62.11 27.90
C ALA H 136 2.67 60.86 28.23
N ARG H 137 1.38 60.86 27.88
CA ARG H 137 0.57 59.67 28.11
C ARG H 137 0.97 58.52 27.19
N TRP H 138 1.44 58.83 25.99
CA TRP H 138 1.82 57.78 25.04
C TRP H 138 3.30 57.43 25.08
N GLY H 139 4.10 58.12 25.90
CA GLY H 139 5.47 57.70 26.12
C GLY H 139 6.38 57.73 24.91
N ILE H 140 6.05 58.56 23.92
CA ILE H 140 6.89 58.70 22.72
C ILE H 140 7.80 59.90 22.91
N ALA H 141 9.08 59.73 22.59
CA ALA H 141 10.04 60.83 22.73
C ALA H 141 9.79 61.89 21.65
N HIS H 142 10.32 63.09 21.91
CA HIS H 142 10.11 64.21 21.02
C HIS H 142 11.30 65.16 21.11
N THR H 143 11.66 65.75 19.97
CA THR H 143 12.75 66.72 19.89
C THR H 143 12.34 67.84 18.95
N THR H 144 12.51 69.07 19.40
CA THR H 144 12.22 70.25 18.58
C THR H 144 13.43 70.53 17.67
N GLY H 145 13.41 71.68 17.01
CA GLY H 145 14.51 72.04 16.14
C GLY H 145 14.21 73.31 15.37
N ILE H 146 15.08 73.59 14.41
CA ILE H 146 14.98 74.78 13.56
C ILE H 146 14.07 74.46 12.37
N PRO H 147 13.13 75.34 12.02
CA PRO H 147 12.17 75.01 10.97
C PRO H 147 12.73 75.13 9.56
N GLY H 148 13.38 74.07 9.08
CA GLY H 148 13.82 74.03 7.69
C GLY H 148 15.30 73.85 7.47
N ASN H 149 16.00 73.29 8.45
CA ASN H 149 17.43 73.02 8.31
C ASN H 149 17.62 71.74 7.50
N SER H 150 18.86 71.25 7.45
CA SER H 150 19.21 70.12 6.59
C SER H 150 19.32 68.80 7.35
N GLN H 151 19.24 68.81 8.68
CA GLN H 151 19.37 67.58 9.46
C GLN H 151 18.10 67.23 10.21
N GLY H 152 17.52 68.18 10.95
CA GLY H 152 16.34 67.86 11.75
C GLY H 152 15.09 67.65 10.92
N GLN H 153 14.88 68.51 9.92
CA GLN H 153 13.73 68.44 9.02
C GLN H 153 14.27 68.15 7.63
N ALA H 154 14.28 66.86 7.26
CA ALA H 154 14.90 66.43 6.00
C ALA H 154 13.90 65.79 5.04
N MSE H 155 13.14 64.80 5.49
CA MSE H 155 12.28 64.03 4.59
C MSE H 155 10.87 64.60 4.44
O MSE H 155 10.33 64.64 3.33
CB MSE H 155 12.19 62.58 5.05
CG MSE H 155 13.48 61.79 4.91
SE MSE H 155 13.22 59.88 5.21
CE MSE H 155 11.93 59.54 3.79
N VAL H 156 10.27 65.02 5.56
CA VAL H 156 8.88 65.46 5.53
C VAL H 156 8.72 66.68 4.63
N GLU H 157 9.76 67.51 4.50
CA GLU H 157 9.72 68.63 3.57
C GLU H 157 9.39 68.18 2.16
N ARG H 158 9.94 67.04 1.75
CA ARG H 158 9.59 66.46 0.45
C ARG H 158 8.30 65.66 0.52
N ALA H 159 7.98 65.10 1.68
CA ALA H 159 6.75 64.31 1.81
C ALA H 159 5.52 65.16 1.58
N ASN H 160 5.54 66.41 2.04
CA ASN H 160 4.40 67.31 1.82
C ASN H 160 4.12 67.48 0.33
N ARG H 161 5.15 67.83 -0.44
CA ARG H 161 4.98 68.02 -1.87
C ARG H 161 4.65 66.70 -2.57
N MSE H 162 5.13 65.59 -2.02
CA MSE H 162 4.72 64.27 -2.50
C MSE H 162 3.21 64.13 -2.44
O MSE H 162 2.54 63.87 -3.44
CB MSE H 162 5.39 63.17 -1.68
CG MSE H 162 6.84 62.89 -2.04
SE MSE H 162 7.02 61.27 -3.12
CE MSE H 162 5.92 60.08 -2.05
N MSE H 163 2.67 64.28 -1.23
CA MSE H 163 1.23 64.11 -1.01
C MSE H 163 0.40 65.09 -1.83
O MSE H 163 -0.59 64.70 -2.45
CB MSE H 163 0.91 64.30 0.48
CG MSE H 163 -0.45 63.72 0.86
SE MSE H 163 -0.52 61.85 0.32
CE MSE H 163 -2.39 61.46 0.66
N LYS H 164 0.81 66.36 -1.84
CA LYS H 164 0.05 67.38 -2.57
C LYS H 164 0.08 67.12 -4.06
N ASP H 165 1.27 66.91 -4.63
CA ASP H 165 1.41 66.59 -6.04
C ASP H 165 1.02 65.15 -6.37
N LYS H 166 0.46 64.41 -5.43
CA LYS H 166 -0.19 63.14 -5.70
C LYS H 166 -1.70 63.24 -5.70
N ILE H 167 -2.27 63.84 -4.66
CA ILE H 167 -3.72 64.06 -4.63
C ILE H 167 -4.15 64.99 -5.75
N ARG H 168 -3.34 66.01 -6.04
CA ARG H 168 -3.65 66.91 -7.14
C ARG H 168 -3.79 66.16 -8.45
N VAL H 169 -2.87 65.22 -8.71
CA VAL H 169 -2.88 64.51 -9.99
C VAL H 169 -4.00 63.48 -10.03
N LEU H 170 -4.19 62.72 -8.96
CA LEU H 170 -5.29 61.77 -8.94
C LEU H 170 -6.65 62.46 -9.00
N ALA H 171 -6.72 63.73 -8.58
CA ALA H 171 -7.98 64.46 -8.67
C ALA H 171 -8.17 65.08 -10.05
N GLU H 172 -7.09 65.54 -10.69
CA GLU H 172 -7.18 66.07 -12.03
C GLU H 172 -7.63 65.02 -13.03
N GLY H 173 -7.41 63.73 -12.72
CA GLY H 173 -7.85 62.67 -13.61
C GLY H 173 -9.35 62.41 -13.57
N ASP H 174 -10.02 62.81 -12.49
CA ASP H 174 -11.46 62.65 -12.36
C ASP H 174 -12.24 63.92 -12.68
N GLY H 175 -11.57 65.03 -12.92
CA GLY H 175 -12.21 66.26 -13.29
C GLY H 175 -12.27 67.34 -12.22
N PHE H 176 -11.43 67.25 -11.19
CA PHE H 176 -11.39 68.24 -10.12
C PHE H 176 -10.16 69.11 -10.33
N MSE H 177 -10.38 70.37 -10.72
CA MSE H 177 -9.28 71.25 -11.09
C MSE H 177 -9.06 72.38 -10.10
O MSE H 177 -7.96 72.54 -9.57
CB MSE H 177 -9.51 71.81 -12.49
CG MSE H 177 -9.84 70.77 -13.54
SE MSE H 177 -8.47 69.40 -13.67
CE MSE H 177 -6.93 70.56 -13.98
N LYS H 178 -10.10 73.16 -9.84
CA LYS H 178 -9.96 74.33 -8.98
C LYS H 178 -10.01 73.92 -7.51
N ARG H 179 -10.97 73.10 -7.13
CA ARG H 179 -11.22 72.78 -5.74
C ARG H 179 -11.83 71.40 -5.65
N ILE H 180 -11.24 70.54 -4.82
CA ILE H 180 -11.74 69.17 -4.64
C ILE H 180 -12.99 69.22 -3.76
N PRO H 181 -14.08 68.57 -4.15
CA PRO H 181 -15.28 68.56 -3.31
C PRO H 181 -15.01 67.87 -1.96
N THR H 182 -15.85 68.22 -0.99
CA THR H 182 -15.64 67.71 0.37
C THR H 182 -16.05 66.25 0.52
N SER H 183 -17.04 65.80 -0.26
CA SER H 183 -17.50 64.41 -0.14
C SER H 183 -16.45 63.41 -0.59
N LYS H 184 -15.48 63.84 -1.40
CA LYS H 184 -14.45 62.95 -1.92
C LYS H 184 -13.08 63.23 -1.31
N GLN H 185 -12.99 64.08 -0.29
CA GLN H 185 -11.71 64.42 0.31
C GLN H 185 -11.01 63.19 0.87
N GLY H 186 -11.66 62.50 1.82
CA GLY H 186 -11.06 61.31 2.40
C GLY H 186 -10.91 60.18 1.40
N GLU H 187 -11.82 60.08 0.43
CA GLU H 187 -11.71 59.06 -0.60
C GLU H 187 -10.49 59.29 -1.47
N MSE H 188 -10.30 60.53 -1.92
CA MSE H 188 -9.14 60.90 -2.73
C MSE H 188 -7.83 60.71 -1.99
O MSE H 188 -6.89 60.10 -2.49
CB MSE H 188 -9.28 62.36 -3.19
CG MSE H 188 -10.24 62.54 -4.36
SE MSE H 188 -9.50 61.72 -5.95
CE MSE H 188 -7.68 62.37 -5.71
N MSE H 189 -7.77 61.25 -0.77
CA MSE H 189 -6.62 61.10 0.10
C MSE H 189 -6.27 59.63 0.29
O MSE H 189 -5.11 59.23 0.26
CB MSE H 189 -6.89 61.78 1.45
CG MSE H 189 -5.67 61.99 2.32
SE MSE H 189 -6.10 62.93 3.98
CE MSE H 189 -6.94 64.51 3.20
N ALA H 190 -7.32 58.83 0.49
CA ALA H 190 -7.14 57.39 0.66
C ALA H 190 -6.57 56.75 -0.61
N LYS H 191 -7.07 57.16 -1.78
CA LYS H 191 -6.52 56.64 -3.03
C LYS H 191 -5.04 56.97 -3.16
N ALA H 192 -4.66 58.21 -2.80
CA ALA H 192 -3.26 58.60 -2.87
C ALA H 192 -2.41 57.77 -1.91
N MSE H 193 -2.91 57.55 -0.68
CA MSE H 193 -2.18 56.75 0.30
C MSE H 193 -1.98 55.32 -0.19
O MSE H 193 -0.88 54.77 -0.10
CB MSE H 193 -2.90 56.76 1.64
CG MSE H 193 -2.91 58.09 2.36
SE MSE H 193 -3.61 57.94 4.18
CE MSE H 193 -2.24 56.77 4.93
N TYR H 194 -3.05 54.72 -0.69
CA TYR H 194 -2.96 53.36 -1.24
C TYR H 194 -2.04 53.30 -2.45
N ALA H 195 -1.91 54.42 -3.18
CA ALA H 195 -1.02 54.44 -4.33
C ALA H 195 0.45 54.61 -3.92
N LEU H 196 0.71 55.27 -2.78
CA LEU H 196 2.08 55.57 -2.38
C LEU H 196 2.58 54.71 -1.22
N ASN H 197 1.77 53.77 -0.73
CA ASN H 197 2.19 52.92 0.38
C ASN H 197 2.25 51.44 0.00
N HIS H 198 1.16 50.90 -0.55
CA HIS H 198 1.09 49.47 -0.83
C HIS H 198 1.82 49.08 -2.10
N PHE H 199 2.20 50.04 -2.93
CA PHE H 199 2.87 49.78 -4.19
C PHE H 199 4.35 50.13 -4.10
N GLU H 200 5.16 49.45 -4.91
CA GLU H 200 6.57 49.79 -5.00
C GLU H 200 6.74 51.16 -5.64
N ARG H 201 7.63 51.96 -5.08
CA ARG H 201 7.97 53.27 -5.64
C ARG H 201 9.48 53.40 -5.71
N GLY H 202 9.96 54.07 -6.75
CA GLY H 202 11.39 54.12 -6.99
C GLY H 202 11.90 52.76 -7.43
N GLU H 203 13.10 52.41 -6.95
CA GLU H 203 13.73 51.13 -7.29
C GLU H 203 14.36 50.56 -6.02
N ASN H 204 13.69 49.59 -5.41
CA ASN H 204 14.15 48.95 -4.19
C ASN H 204 14.00 47.45 -4.33
N THR H 205 14.35 46.73 -3.26
CA THR H 205 14.19 45.28 -3.24
C THR H 205 12.88 44.83 -2.59
N LYS H 206 12.24 45.71 -1.81
CA LYS H 206 10.94 45.42 -1.23
C LYS H 206 10.07 46.67 -1.33
N THR H 207 8.76 46.47 -1.30
CA THR H 207 7.83 47.59 -1.27
C THR H 207 7.80 48.22 0.13
N PRO H 208 7.56 49.53 0.22
CA PRO H 208 7.58 50.19 1.54
C PRO H 208 6.71 49.53 2.59
N ILE H 209 5.50 49.10 2.22
CA ILE H 209 4.63 48.40 3.17
C ILE H 209 5.31 47.13 3.66
N GLN H 210 6.04 46.45 2.79
CA GLN H 210 6.86 45.32 3.24
C GLN H 210 8.05 45.79 4.05
N LYS H 211 8.63 46.93 3.67
CA LYS H 211 9.78 47.47 4.43
C LYS H 211 9.41 47.73 5.87
N HIS H 212 8.16 48.09 6.14
CA HIS H 212 7.75 48.39 7.51
C HIS H 212 7.41 47.14 8.32
N TRP H 213 7.07 46.04 7.66
CA TRP H 213 6.53 44.88 8.37
C TRP H 213 7.33 43.60 8.10
N ARG H 214 8.65 43.65 8.20
CA ARG H 214 9.48 42.44 8.19
C ARG H 214 10.49 42.42 9.33
N PRO H 215 10.04 42.54 10.62
CA PRO H 215 10.84 42.04 11.75
C PRO H 215 10.51 40.58 12.06
N THR H 216 10.47 39.74 11.04
CA THR H 216 10.02 38.36 11.16
C THR H 216 11.22 37.42 11.24
N GLU H 220 14.25 35.13 10.31
CA GLU H 220 15.26 35.32 9.28
C GLU H 220 16.42 34.38 9.54
N GLY H 221 17.42 34.43 8.65
CA GLY H 221 18.56 33.56 8.72
C GLY H 221 19.48 33.91 9.87
N PRO H 222 20.53 33.09 10.06
CA PRO H 222 21.58 33.29 11.06
C PRO H 222 22.64 34.36 10.74
N PRO H 223 23.09 34.54 9.48
CA PRO H 223 23.04 33.81 8.20
C PRO H 223 23.98 32.60 8.12
N VAL H 224 24.19 32.11 6.90
CA VAL H 224 25.09 30.99 6.63
C VAL H 224 25.92 31.31 5.40
N LYS H 225 26.99 30.53 5.23
CA LYS H 225 27.78 30.49 4.00
C LYS H 225 27.55 29.15 3.30
N ILE H 226 27.64 29.18 1.97
CA ILE H 226 27.51 27.98 1.14
C ILE H 226 28.76 27.81 0.30
N ARG H 227 29.18 26.56 0.13
CA ARG H 227 30.33 26.20 -0.68
C ARG H 227 29.91 26.06 -2.14
N ILE H 228 30.49 26.88 -3.01
CA ILE H 228 30.07 26.98 -4.40
C ILE H 228 30.98 26.09 -5.24
N GLU H 229 30.51 25.75 -6.45
CA GLU H 229 31.09 24.76 -7.34
C GLU H 229 32.62 24.79 -7.42
N THR H 230 33.18 26.00 -7.45
CA THR H 230 34.63 26.18 -7.48
C THR H 230 35.32 25.87 -6.16
N GLY H 231 34.57 25.44 -5.14
CA GLY H 231 35.10 25.17 -3.82
C GLY H 231 35.14 26.36 -2.89
N GLU H 232 34.77 27.54 -3.36
CA GLU H 232 34.83 28.75 -2.55
C GLU H 232 33.63 28.78 -1.60
N TRP H 233 33.76 29.58 -0.54
CA TRP H 233 32.64 29.83 0.36
C TRP H 233 32.12 31.23 0.08
N GLU H 234 30.82 31.32 -0.21
CA GLU H 234 30.21 32.57 -0.66
C GLU H 234 29.31 33.11 0.43
N LYS H 235 29.51 34.38 0.80
CA LYS H 235 28.63 35.02 1.75
C LYS H 235 27.38 35.56 1.03
N GLY H 236 26.41 35.99 1.81
CA GLY H 236 25.23 36.61 1.26
C GLY H 236 23.98 35.76 1.22
N TRP H 237 23.95 34.64 1.93
CA TRP H 237 22.78 33.78 1.93
C TRP H 237 22.28 33.61 3.36
N ASN H 238 20.98 33.36 3.50
CA ASN H 238 20.39 33.04 4.80
C ASN H 238 19.56 31.78 4.66
N VAL H 239 19.56 30.94 5.69
CA VAL H 239 18.87 29.66 5.64
C VAL H 239 17.51 29.83 6.32
N LEU H 240 16.45 29.38 5.65
CA LEU H 240 15.10 29.55 6.16
C LEU H 240 14.48 28.27 6.67
N VAL H 241 14.89 27.12 6.13
CA VAL H 241 14.42 25.81 6.52
C VAL H 241 15.61 24.86 6.46
N TRP H 242 15.80 24.06 7.50
CA TRP H 242 16.87 23.05 7.50
C TRP H 242 16.26 21.72 7.94
N GLY H 243 15.93 20.90 6.95
CA GLY H 243 15.36 19.59 7.15
C GLY H 243 16.40 18.49 7.07
N ARG H 244 15.90 17.26 7.06
CA ARG H 244 16.79 16.08 7.04
C ARG H 244 17.50 16.00 5.69
N GLY H 245 18.81 16.12 5.71
CA GLY H 245 19.63 16.04 4.51
C GLY H 245 19.98 17.33 3.80
N TYR H 246 19.04 18.27 3.71
CA TYR H 246 19.20 19.44 2.87
C TYR H 246 18.77 20.69 3.61
N ALA H 247 19.23 21.84 3.11
CA ALA H 247 18.84 23.15 3.64
C ALA H 247 18.39 24.06 2.51
N ALA H 248 17.39 24.88 2.81
CA ALA H 248 16.92 25.94 1.92
C ALA H 248 17.57 27.26 2.34
N VAL H 249 18.28 27.90 1.42
CA VAL H 249 18.98 29.15 1.69
C VAL H 249 18.51 30.20 0.69
N LYS H 250 18.44 31.44 1.18
CA LYS H 250 17.91 32.58 0.44
C LYS H 250 19.00 33.63 0.23
N ASN H 251 19.14 34.09 -1.01
CA ASN H 251 20.10 35.16 -1.31
C ASN H 251 19.53 36.51 -0.87
N ARG H 252 20.35 37.26 -0.12
CA ARG H 252 19.86 38.49 0.50
C ARG H 252 19.55 39.58 -0.52
N ASP H 253 20.25 39.61 -1.65
CA ASP H 253 20.06 40.68 -2.63
C ASP H 253 18.84 40.46 -3.52
N THR H 254 18.38 39.22 -3.68
CA THR H 254 17.30 38.92 -4.61
C THR H 254 16.14 38.18 -3.98
N ASP H 255 16.33 37.55 -2.82
CA ASP H 255 15.37 36.69 -2.14
C ASP H 255 15.13 35.38 -2.87
N LYS H 256 15.96 35.05 -3.85
CA LYS H 256 15.90 33.73 -4.47
C LYS H 256 16.31 32.67 -3.46
N VAL H 257 15.55 31.59 -3.41
CA VAL H 257 15.79 30.48 -2.48
C VAL H 257 16.16 29.23 -3.27
N ILE H 258 17.25 28.56 -2.84
CA ILE H 258 17.69 27.31 -3.44
C ILE H 258 17.95 26.30 -2.32
N TRP H 259 17.88 25.03 -2.68
CA TRP H 259 18.15 23.92 -1.77
C TRP H 259 19.52 23.31 -2.05
N VAL H 260 20.28 23.07 -0.98
CA VAL H 260 21.65 22.59 -1.10
C VAL H 260 21.89 21.52 -0.04
N PRO H 261 22.89 20.67 -0.24
CA PRO H 261 23.20 19.63 0.75
C PRO H 261 23.73 20.20 2.06
N SER H 262 23.39 19.50 3.15
CA SER H 262 23.78 19.95 4.48
C SER H 262 25.28 20.19 4.57
N ARG H 263 26.07 19.31 3.94
CA ARG H 263 27.53 19.39 4.01
C ARG H 263 28.06 20.69 3.43
N LYS H 264 27.26 21.36 2.60
CA LYS H 264 27.63 22.61 1.94
C LYS H 264 27.24 23.85 2.73
N VAL H 265 26.84 23.72 4.00
CA VAL H 265 26.47 24.88 4.79
C VAL H 265 27.27 24.88 6.07
N LYS H 266 27.74 26.07 6.45
CA LYS H 266 28.41 26.38 7.70
C LYS H 266 28.00 27.79 8.12
N PRO H 267 28.03 28.11 9.42
CA PRO H 267 27.66 29.47 9.83
C PRO H 267 28.56 30.51 9.17
N ASP H 268 27.95 31.63 8.78
CA ASP H 268 28.68 32.77 8.23
C ASP H 268 29.01 33.73 9.36
N ILE H 269 30.29 33.80 9.73
CA ILE H 269 30.79 34.63 10.82
C ILE H 269 30.21 34.15 12.15
ZN ZN Q . 20.58 13.94 -13.23
W W R . -36.51 0.69 13.22
W W S . -37.59 3.33 15.50
W W T . -34.55 -0.43 15.56
W W U . -36.58 -2.40 14.19
ZN ZN V . -33.33 22.67 38.66
W W W . -51.31 3.46 34.82
W W X . -51.43 3.97 29.86
W W Y . -54.80 7.93 33.06
W W Z . -50.02 9.01 33.05
W W AA . -52.30 8.82 30.60
W W BA . -53.76 3.30 32.13
W W CA . -49.05 4.28 32.61
W W DA . -49.48 7.11 30.38
W W EA . -49.44 6.10 35.14
W W FA . -52.56 8.16 35.38
W W GA . -54.30 5.48 35.10
W W HA . -54.19 5.72 30.20
W W IA . -35.46 2.27 17.83
W W JA . -41.20 0.42 16.87
W W KA . -38.01 -3.27 17.42
W W LA . -38.99 -0.81 19.49
W W MA . -35.78 -1.29 18.87
W W NA . -40.22 -2.00 14.94
W W OA . -40.06 1.04 13.92
W W PA . -38.69 2.64 18.33
ZN ZN QA . 15.04 -52.94 -26.49
ZN ZN RA . -29.97 -49.46 -7.75
ZN ZN SA . -10.39 -16.53 20.97
ZN ZN TA . 17.05 -18.51 -49.14
W W UA . 10.65 -0.02 -62.02
W W VA . 12.38 1.77 -57.70
W W WA . 7.32 -1.63 -57.38
W W XA . 11.41 -4.27 -57.90
W W YA . 10.35 -2.19 -55.49
W W ZA . 13.39 -0.57 -60.31
W W AB . 13.30 -1.74 -56.89
W W BB . 11.68 -3.02 -61.29
W W CB . 8.39 -3.66 -59.67
W W DB . 7.45 -0.70 -60.46
W W EB . 9.41 1.21 -56.40
W W FB . 9.52 2.18 -59.37
ZN ZN GB . -11.05 46.40 31.58
ZN ZN HB . 2.12 59.52 -13.73
#